data_8S1T
#
_entry.id   8S1T
#
_cell.length_a   208.210
_cell.length_b   102.750
_cell.length_c   86.820
_cell.angle_alpha   90.00
_cell.angle_beta   102.40
_cell.angle_gamma   90.00
#
_symmetry.space_group_name_H-M   'C 1 2 1'
#
loop_
_entity.id
_entity.type
_entity.pdbx_description
1 polymer BzdO
2 polymer BzdN
3 non-polymer '1,5 Dienoyl-CoA'
4 non-polymer 2-AMINO-2-HYDROXYMETHYL-PROPANE-1,3-DIOL
5 non-polymer GLYCEROL
6 non-polymer 'IRON/SULFUR CLUSTER'
7 non-polymer 'Double cubane cluster'
8 water water
#
loop_
_entity_poly.entity_id
_entity_poly.type
_entity_poly.pdbx_seq_one_letter_code
_entity_poly.pdbx_strand_id
1 'polypeptide(L)'
;MNAMANKYPTEQLKLWGKAKELREQYYMNYARAKEKGGIRWSGSAWALDAIPAGLGEDVYSLTGEPYAAAVAHDRKFAKE
CMDAAEAYGFARDLCSYMRIYWGGMHLNKYAFGGEFPKPDFVFQTQICCSHSKWYQHVAKEEKIPEFYLDVGVGPYRDMT
DARLDYVANQLHDGIAFVEKASGRKFDDELFIKAVKNEMRSTSRWADICALNKVKPAPLDEKTMYSLYVLCTLSKSSQWC
ADFMDELYEEVKDRVARGIAAVPNEAIRLMTDTQPPWSFLKIFRYLETYGAVSIGSLYTFALEGIWEDKPDGSWGGRTLP
WDKGIEINDRDTAVRLYADWNLSKPQWQHFYDPTIKSDMMLRIIKEWQVDGVMLHLNRGCEGLSVGIMENRLAIAKSGTP
VMTFEGNMGDEREFDEVRTQARVDAFMEQLGVRRQAASAWSHPQFEK
;
A,C
2 'polypeptide(L)'
;MSDGLFDQFKTWYEKRHDYARDWKVRTGGQVVATMCTYTPEELLIAAGMLPVRVLGAHEPQNVTEPHIFGMFCPFCRDSL
AQGLLGRFDYAEGVTLTQSCIQYRQTFGSWRLHVPTVKWDYYVPMPNEVQSPHARKAHYEEVQAFRVFLQTLTGKEITDA
MLSDALAVCDENRRLLRELYEYRKAADPKVTGVEALYASLTAQFIDKREHNEMLKKTLAALPNRKVERKTGARFMTIGSE
NDDIAFMGMVESVGATIVIDDQCSGSRYFWNASKPEGDVIKAIAERYCDRPACPTKDYPAHTRFDHVLGMAKEYNVEGAI
FLQQKFCDPHEGDYPDLKRHLEENGIPTLFLEFDITNPIGPFRIRIEAFLETLSEEELF
;
B,D
#
loop_
_chem_comp.id
_chem_comp.type
_chem_comp.name
_chem_comp.formula
4KX non-polymer '1,5 Dienoyl-CoA' 'C28 H42 N7 O17 P3 S'
BJ8 non-polymer 'Double cubane cluster' 'Fe8 S9'
GOL non-polymer GLYCEROL 'C3 H8 O3'
SF4 non-polymer 'IRON/SULFUR CLUSTER' 'Fe4 S4'
TRS non-polymer 2-AMINO-2-HYDROXYMETHYL-PROPANE-1,3-DIOL 'C4 H12 N O3 1'
#
# COMPACT_ATOMS: atom_id res chain seq x y z
N ALA A 5 -30.07 -2.80 39.47
CA ALA A 5 -30.89 -1.62 39.72
C ALA A 5 -29.98 -0.43 40.04
N ASN A 6 -30.52 0.77 39.88
CA ASN A 6 -29.74 2.01 39.99
C ASN A 6 -29.73 2.47 41.45
N LYS A 7 -28.65 2.14 42.15
CA LYS A 7 -28.47 2.59 43.53
C LYS A 7 -27.88 4.00 43.55
N TYR A 8 -27.00 4.31 42.61
CA TYR A 8 -26.24 5.55 42.71
C TYR A 8 -26.74 6.58 41.71
N PRO A 9 -26.62 7.87 42.02
CA PRO A 9 -26.85 8.90 41.00
C PRO A 9 -25.79 8.81 39.93
N THR A 10 -26.16 9.22 38.72
CA THR A 10 -25.23 9.19 37.60
C THR A 10 -25.43 10.45 36.77
N GLU A 11 -24.40 10.83 36.03
CA GLU A 11 -24.39 12.03 35.20
C GLU A 11 -23.33 11.90 34.13
N GLN A 12 -23.62 12.43 32.95
CA GLN A 12 -22.64 12.49 31.88
C GLN A 12 -21.60 13.57 32.21
N LEU A 13 -20.42 13.41 31.66
N LEU A 13 -20.39 13.40 31.71
CA LEU A 13 -19.35 14.38 31.93
CA LEU A 13 -19.33 14.34 31.96
C LEU A 13 -19.60 15.68 31.20
C LEU A 13 -19.60 15.63 31.20
N LYS A 14 -19.43 16.79 31.90
CA LYS A 14 -19.67 18.08 31.27
C LYS A 14 -18.55 18.47 30.30
N LEU A 15 -17.30 18.08 30.59
CA LEU A 15 -16.14 18.42 29.77
C LEU A 15 -15.89 17.44 28.62
N TRP A 16 -16.79 16.49 28.40
CA TRP A 16 -16.66 15.53 27.31
C TRP A 16 -16.43 16.20 25.96
N GLY A 17 -17.32 17.11 25.57
CA GLY A 17 -17.17 17.81 24.30
C GLY A 17 -15.82 18.48 24.14
N LYS A 18 -15.34 19.11 25.22
CA LYS A 18 -14.04 19.77 25.19
C LYS A 18 -12.93 18.76 25.01
N ALA A 19 -12.98 17.63 25.72
CA ALA A 19 -12.01 16.56 25.51
C ALA A 19 -11.99 16.12 24.05
N LYS A 20 -13.17 15.97 23.43
CA LYS A 20 -13.19 15.52 22.04
C LYS A 20 -12.64 16.60 21.12
N GLU A 21 -12.98 17.85 21.39
CA GLU A 21 -12.57 18.96 20.52
C GLU A 21 -11.06 19.18 20.60
N LEU A 22 -10.47 19.10 21.80
CA LEU A 22 -9.02 19.22 21.90
C LEU A 22 -8.31 18.15 21.09
N ARG A 23 -8.80 16.92 21.13
CA ARG A 23 -8.17 15.87 20.33
C ARG A 23 -8.33 16.13 18.83
N GLU A 24 -9.52 16.53 18.40
CA GLU A 24 -9.70 16.83 16.98
C GLU A 24 -8.80 17.98 16.55
N GLN A 25 -8.68 19.02 17.39
N GLN A 25 -8.69 19.03 17.39
CA GLN A 25 -7.85 20.17 17.03
CA GLN A 25 -7.88 20.17 17.06
C GLN A 25 -6.39 19.78 16.92
C GLN A 25 -6.42 19.77 16.92
N TYR A 26 -5.94 18.89 17.80
CA TYR A 26 -4.55 18.39 17.68
C TYR A 26 -4.29 17.78 16.32
N TYR A 27 -5.19 16.91 15.84
CA TYR A 27 -4.98 16.27 14.55
C TYR A 27 -5.11 17.25 13.40
N MET A 28 -6.02 18.21 13.51
N MET A 28 -6.03 18.21 13.51
CA MET A 28 -6.15 19.19 12.43
CA MET A 28 -6.15 19.22 12.45
C MET A 28 -4.93 20.12 12.42
C MET A 28 -4.90 20.09 12.42
N ASN A 29 -4.39 20.47 13.59
CA ASN A 29 -3.23 21.35 13.63
C ASN A 29 -2.02 20.70 12.97
N TYR A 30 -1.83 19.40 13.16
CA TYR A 30 -0.69 18.74 12.53
C TYR A 30 -0.80 18.86 11.02
N ALA A 31 -1.99 18.62 10.51
CA ALA A 31 -2.20 18.68 9.07
C ALA A 31 -2.03 20.10 8.52
N ARG A 32 -2.49 21.10 9.26
CA ARG A 32 -2.42 22.48 8.80
C ARG A 32 -1.16 23.21 9.25
N ALA A 33 -0.17 22.51 9.80
CA ALA A 33 0.96 23.17 10.44
C ALA A 33 1.70 24.12 9.53
N LYS A 34 1.74 23.83 8.24
CA LYS A 34 2.58 24.58 7.31
C LYS A 34 1.90 25.84 6.80
N GLU A 35 0.59 25.97 6.98
CA GLU A 35 -0.11 27.14 6.48
C GLU A 35 0.53 28.43 6.99
N LYS A 36 1.03 28.43 8.22
CA LYS A 36 1.66 29.60 8.81
C LYS A 36 3.12 29.34 9.17
N GLY A 37 3.75 28.38 8.48
CA GLY A 37 5.16 28.14 8.68
C GLY A 37 5.49 27.40 9.96
N GLY A 38 4.56 26.61 10.48
CA GLY A 38 4.81 25.81 11.66
C GLY A 38 5.77 24.66 11.40
N ILE A 39 6.15 23.99 12.49
CA ILE A 39 6.98 22.80 12.43
C ILE A 39 6.09 21.60 12.71
N ARG A 40 6.38 20.49 12.05
CA ARG A 40 5.72 19.21 12.29
C ARG A 40 6.78 18.18 12.64
N TRP A 41 6.50 17.31 13.62
CA TRP A 41 7.39 16.19 13.89
C TRP A 41 6.59 14.97 14.31
N SER A 42 7.23 13.82 14.23
CA SER A 42 6.55 12.59 14.60
C SER A 42 7.43 11.73 15.50
N GLY A 43 6.75 10.95 16.33
CA GLY A 43 7.43 10.07 17.27
C GLY A 43 6.39 9.49 18.19
N SER A 44 6.85 8.74 19.16
CA SER A 44 5.93 8.05 20.05
C SER A 44 5.22 9.04 20.99
N ALA A 45 4.06 8.60 21.50
CA ALA A 45 3.47 9.26 22.67
C ALA A 45 4.44 9.32 23.84
N TRP A 46 5.46 8.48 23.84
CA TRP A 46 6.49 8.48 24.87
C TRP A 46 7.71 9.33 24.53
N ALA A 47 7.73 9.95 23.37
CA ALA A 47 8.77 10.92 23.07
C ALA A 47 8.73 12.04 24.10
N LEU A 48 9.88 12.67 24.31
CA LEU A 48 10.03 13.74 25.32
C LEU A 48 9.71 15.05 24.61
N ASP A 49 8.41 15.29 24.46
CA ASP A 49 7.94 16.33 23.55
C ASP A 49 8.23 17.75 24.01
N ALA A 50 8.66 17.95 25.27
CA ALA A 50 9.11 19.30 25.65
C ALA A 50 10.34 19.73 24.89
N ILE A 51 11.15 18.81 24.35
CA ILE A 51 12.36 19.22 23.63
C ILE A 51 11.99 19.92 22.33
N PRO A 52 11.20 19.32 21.43
CA PRO A 52 10.74 20.08 20.25
C PRO A 52 9.93 21.33 20.61
N ALA A 53 9.26 21.35 21.78
CA ALA A 53 8.52 22.53 22.21
C ALA A 53 9.43 23.74 22.43
N GLY A 54 10.72 23.52 22.66
CA GLY A 54 11.63 24.65 22.77
C GLY A 54 11.82 25.42 21.50
N LEU A 55 11.28 24.92 20.39
CA LEU A 55 11.42 25.56 19.11
C LEU A 55 10.26 26.46 18.77
N GLY A 56 9.24 26.54 19.62
CA GLY A 56 8.20 27.51 19.40
C GLY A 56 6.85 27.00 19.85
N GLU A 57 5.87 27.89 19.81
CA GLU A 57 4.48 27.57 20.13
C GLU A 57 3.72 27.00 18.94
N ASP A 58 4.34 26.97 17.76
CA ASP A 58 3.75 26.45 16.53
C ASP A 58 4.51 25.19 16.12
N VAL A 59 4.76 24.30 17.09
CA VAL A 59 5.46 23.04 16.86
C VAL A 59 4.45 21.92 17.16
N TYR A 60 4.05 21.20 16.13
CA TYR A 60 2.94 20.26 16.22
C TYR A 60 3.42 18.85 15.99
N SER A 61 3.12 17.97 16.94
CA SER A 61 3.49 16.58 16.80
C SER A 61 2.35 15.76 16.19
N LEU A 62 2.72 14.60 15.67
CA LEU A 62 1.80 13.48 15.47
C LEU A 62 2.39 12.29 16.20
N THR A 63 1.77 11.91 17.31
CA THR A 63 2.28 10.77 18.05
C THR A 63 1.75 9.48 17.42
N GLY A 64 2.67 8.53 17.29
CA GLY A 64 2.43 7.42 16.40
C GLY A 64 1.35 6.46 16.87
N GLU A 65 1.38 6.11 18.15
CA GLU A 65 0.45 5.09 18.62
C GLU A 65 -0.97 5.64 18.71
N PRO A 66 -1.20 6.83 19.29
CA PRO A 66 -2.56 7.37 19.31
C PRO A 66 -3.12 7.58 17.92
N TYR A 67 -2.27 7.95 16.95
CA TYR A 67 -2.79 8.07 15.59
C TYR A 67 -3.22 6.70 15.07
N ALA A 68 -2.35 5.69 15.24
CA ALA A 68 -2.70 4.35 14.80
C ALA A 68 -3.94 3.82 15.50
N ALA A 69 -4.12 4.16 16.79
CA ALA A 69 -5.33 3.74 17.50
C ALA A 69 -6.57 4.40 16.88
N ALA A 70 -6.45 5.66 16.49
CA ALA A 70 -7.58 6.33 15.85
C ALA A 70 -7.93 5.62 14.54
N VAL A 71 -6.91 5.22 13.78
CA VAL A 71 -7.14 4.45 12.55
C VAL A 71 -7.77 3.11 12.90
N ALA A 72 -7.27 2.45 13.96
CA ALA A 72 -7.82 1.13 14.28
C ALA A 72 -9.30 1.20 14.63
N HIS A 73 -9.79 2.36 15.06
CA HIS A 73 -11.21 2.50 15.34
C HIS A 73 -12.05 2.47 14.06
N ASP A 74 -11.43 2.71 12.89
CA ASP A 74 -12.06 2.64 11.57
C ASP A 74 -11.56 1.34 10.95
N ARG A 75 -12.32 0.25 11.16
CA ARG A 75 -11.85 -1.09 10.80
C ARG A 75 -11.43 -1.15 9.34
N LYS A 76 -12.21 -0.54 8.45
CA LYS A 76 -11.89 -0.61 7.03
C LYS A 76 -10.58 0.10 6.71
N PHE A 77 -10.39 1.31 7.22
CA PHE A 77 -9.12 2.01 6.92
C PHE A 77 -7.94 1.29 7.55
N ALA A 78 -8.11 0.76 8.76
CA ALA A 78 -7.00 0.04 9.39
C ALA A 78 -6.60 -1.18 8.56
N LYS A 79 -7.58 -1.92 8.06
CA LYS A 79 -7.30 -3.06 7.18
C LYS A 79 -6.54 -2.61 5.94
N GLU A 80 -6.98 -1.52 5.30
CA GLU A 80 -6.27 -1.01 4.12
C GLU A 80 -4.82 -0.65 4.45
N CYS A 81 -4.60 0.07 5.57
CA CYS A 81 -3.24 0.41 5.97
C CYS A 81 -2.41 -0.85 6.21
N MET A 82 -2.97 -1.82 6.94
CA MET A 82 -2.20 -3.03 7.21
C MET A 82 -1.91 -3.78 5.92
N ASP A 83 -2.85 -3.78 4.99
CA ASP A 83 -2.61 -4.43 3.70
C ASP A 83 -1.49 -3.74 2.91
N ALA A 84 -1.38 -2.41 2.97
CA ALA A 84 -0.28 -1.73 2.29
C ALA A 84 1.07 -2.07 2.90
N ALA A 85 1.14 -2.10 4.25
CA ALA A 85 2.39 -2.47 4.91
C ALA A 85 2.79 -3.90 4.58
N GLU A 86 1.82 -4.81 4.52
CA GLU A 86 2.12 -6.18 4.16
C GLU A 86 2.62 -6.25 2.71
N ALA A 87 2.00 -5.49 1.81
CA ALA A 87 2.47 -5.44 0.42
C ALA A 87 3.93 -4.98 0.31
N TYR A 88 4.35 -4.06 1.18
CA TYR A 88 5.75 -3.63 1.15
C TYR A 88 6.67 -4.78 1.51
N GLY A 89 6.20 -5.65 2.42
CA GLY A 89 6.93 -6.85 2.78
C GLY A 89 7.08 -7.13 4.25
N PHE A 90 6.44 -6.33 5.11
CA PHE A 90 6.61 -6.50 6.54
C PHE A 90 5.74 -7.65 7.05
N ALA A 91 6.27 -8.37 8.03
CA ALA A 91 5.58 -9.47 8.68
C ALA A 91 4.32 -8.98 9.37
N ARG A 92 3.25 -9.78 9.25
CA ARG A 92 1.96 -9.37 9.77
C ARG A 92 1.91 -9.46 11.29
N ASP A 93 2.88 -10.10 11.92
CA ASP A 93 2.93 -10.19 13.37
C ASP A 93 3.76 -9.09 14.02
N LEU A 94 4.27 -8.15 13.25
CA LEU A 94 4.83 -6.95 13.84
C LEU A 94 3.70 -6.14 14.51
N CYS A 95 4.10 -5.21 15.38
CA CYS A 95 3.22 -4.28 16.08
C CYS A 95 2.12 -3.78 15.15
N SER A 96 0.88 -3.97 15.55
CA SER A 96 -0.21 -3.56 14.66
C SER A 96 -0.31 -2.04 14.52
N TYR A 97 0.02 -1.27 15.55
CA TYR A 97 0.07 0.18 15.37
C TYR A 97 1.13 0.58 14.36
N MET A 98 2.32 -0.01 14.44
CA MET A 98 3.41 0.34 13.53
C MET A 98 3.02 -0.02 12.10
N ARG A 99 2.41 -1.18 11.90
CA ARG A 99 2.00 -1.59 10.56
C ARG A 99 0.96 -0.63 10.02
N ILE A 100 -0.01 -0.27 10.86
CA ILE A 100 -1.03 0.69 10.45
C ILE A 100 -0.37 1.98 10.00
N TYR A 101 0.52 2.51 10.83
CA TYR A 101 1.16 3.79 10.55
C TYR A 101 1.93 3.74 9.24
N TRP A 102 2.72 2.68 9.08
CA TRP A 102 3.45 2.48 7.85
C TRP A 102 2.51 2.45 6.64
N GLY A 103 1.45 1.65 6.72
CA GLY A 103 0.55 1.51 5.60
C GLY A 103 -0.07 2.83 5.21
N GLY A 104 -0.49 3.61 6.20
CA GLY A 104 -1.15 4.87 5.90
C GLY A 104 -0.20 5.88 5.28
N MET A 105 1.09 5.77 5.61
CA MET A 105 2.12 6.60 5.00
C MET A 105 2.28 6.24 3.52
N HIS A 106 2.37 4.94 3.22
CA HIS A 106 2.50 4.50 1.84
C HIS A 106 1.25 4.85 1.03
N LEU A 107 0.06 4.66 1.62
CA LEU A 107 -1.16 5.07 0.95
C LEU A 107 -1.28 6.58 0.81
N ASN A 108 -0.55 7.32 1.64
CA ASN A 108 -0.54 8.77 1.61
C ASN A 108 -1.92 9.34 1.94
N LYS A 109 -2.51 8.78 3.00
CA LYS A 109 -3.84 9.19 3.43
C LYS A 109 -3.80 9.44 4.93
N TYR A 110 -4.34 10.58 5.33
CA TYR A 110 -4.50 10.93 6.74
C TYR A 110 -5.91 10.57 7.18
N ALA A 111 -6.01 10.05 8.42
CA ALA A 111 -7.29 9.60 8.92
C ALA A 111 -8.29 10.73 9.03
N PHE A 112 -7.81 11.96 9.24
CA PHE A 112 -8.66 13.13 9.46
C PHE A 112 -8.84 13.95 8.20
N GLY A 113 -8.40 13.43 7.04
CA GLY A 113 -8.60 14.06 5.75
C GLY A 113 -7.30 14.48 5.09
N GLY A 114 -7.23 14.34 3.76
CA GLY A 114 -6.08 14.85 3.04
C GLY A 114 -4.94 13.84 2.95
N GLU A 115 -3.82 14.34 2.44
CA GLU A 115 -2.61 13.53 2.29
C GLU A 115 -2.01 13.22 3.65
N PHE A 116 -1.15 12.23 3.68
CA PHE A 116 -0.46 11.98 4.97
C PHE A 116 0.56 13.09 5.18
N PRO A 117 0.43 13.94 6.21
CA PRO A 117 1.32 15.11 6.30
C PRO A 117 2.74 14.69 6.64
N LYS A 118 3.69 15.18 5.85
CA LYS A 118 5.09 14.81 6.06
C LYS A 118 5.66 15.52 7.28
N PRO A 119 6.24 14.79 8.22
CA PRO A 119 6.91 15.45 9.34
C PRO A 119 8.23 16.04 8.90
N ASP A 120 8.67 17.06 9.64
CA ASP A 120 9.97 17.68 9.35
C ASP A 120 11.11 16.83 9.91
N PHE A 121 10.83 16.10 10.97
CA PHE A 121 11.83 15.23 11.59
C PHE A 121 11.13 14.24 12.49
N VAL A 122 11.90 13.20 12.84
CA VAL A 122 11.49 12.17 13.80
C VAL A 122 12.20 12.50 15.11
N PHE A 123 11.45 12.52 16.22
CA PHE A 123 11.98 12.65 17.58
C PHE A 123 11.34 11.55 18.40
N GLN A 124 12.11 10.55 18.79
CA GLN A 124 11.59 9.28 19.26
C GLN A 124 12.23 8.88 20.58
N THR A 125 11.49 8.13 21.36
CA THR A 125 12.02 7.45 22.54
C THR A 125 12.13 5.98 22.20
N GLN A 126 13.24 5.34 22.59
CA GLN A 126 13.42 3.91 22.32
C GLN A 126 13.50 3.15 23.64
N ILE A 127 12.50 2.31 23.90
CA ILE A 127 12.52 1.35 24.99
C ILE A 127 12.02 -0.02 24.49
N CYS A 128 10.97 0.01 23.69
CA CYS A 128 10.54 -1.16 22.91
C CYS A 128 11.43 -1.28 21.68
N CYS A 129 11.81 -2.52 21.32
CA CYS A 129 12.65 -2.73 20.14
C CYS A 129 12.04 -2.12 18.90
N SER A 130 10.72 -2.17 18.77
CA SER A 130 10.04 -1.65 17.58
C SER A 130 10.05 -0.14 17.52
N HIS A 131 10.45 0.52 18.59
CA HIS A 131 10.50 1.97 18.58
C HIS A 131 11.45 2.51 17.56
N SER A 132 12.61 1.84 17.37
CA SER A 132 13.52 2.32 16.35
C SER A 132 13.03 1.92 14.97
N LYS A 133 12.64 0.65 14.81
CA LYS A 133 12.32 0.15 13.48
C LYS A 133 11.15 0.91 12.89
N TRP A 134 10.18 1.30 13.73
CA TRP A 134 9.05 2.08 13.25
C TRP A 134 9.51 3.32 12.49
N TYR A 135 10.35 4.13 13.13
CA TYR A 135 10.72 5.42 12.53
C TYR A 135 11.94 5.36 11.63
N GLN A 136 12.75 4.30 11.71
CA GLN A 136 13.76 4.11 10.69
C GLN A 136 13.11 3.98 9.31
N HIS A 137 12.01 3.21 9.23
CA HIS A 137 11.35 3.09 7.93
C HIS A 137 10.74 4.41 7.50
N VAL A 138 10.08 5.11 8.43
CA VAL A 138 9.45 6.37 8.13
C VAL A 138 10.47 7.40 7.68
N ALA A 139 11.57 7.50 8.39
CA ALA A 139 12.55 8.54 8.09
C ALA A 139 13.18 8.31 6.73
N LYS A 140 13.37 7.03 6.36
CA LYS A 140 13.88 6.69 5.04
C LYS A 140 12.87 7.02 3.94
N GLU A 141 11.59 6.71 4.16
CA GLU A 141 10.58 6.96 3.14
C GLU A 141 10.27 8.45 2.97
N GLU A 142 10.35 9.22 4.04
CA GLU A 142 10.11 10.65 4.00
C GLU A 142 11.38 11.46 3.76
N LYS A 143 12.57 10.85 3.89
CA LYS A 143 13.83 11.53 3.73
C LYS A 143 13.96 12.71 4.69
N ILE A 144 13.90 12.40 5.98
CA ILE A 144 13.96 13.40 7.05
C ILE A 144 14.93 12.97 8.13
N PRO A 145 15.45 13.94 8.88
CA PRO A 145 16.30 13.62 10.03
C PRO A 145 15.55 12.87 11.12
N GLU A 146 16.30 12.07 11.89
CA GLU A 146 15.71 11.24 12.93
C GLU A 146 16.63 11.19 14.14
N PHE A 147 16.03 11.32 15.32
CA PHE A 147 16.72 11.29 16.59
C PHE A 147 15.99 10.34 17.53
N TYR A 148 16.76 9.52 18.26
CA TYR A 148 16.24 8.52 19.18
C TYR A 148 16.88 8.73 20.54
N LEU A 149 16.03 8.78 21.57
CA LEU A 149 16.45 8.84 22.97
C LEU A 149 16.40 7.42 23.54
N ASP A 150 17.55 6.86 23.87
CA ASP A 150 17.63 5.53 24.48
C ASP A 150 17.42 5.68 25.99
N VAL A 151 16.28 5.23 26.47
CA VAL A 151 15.95 5.36 27.89
C VAL A 151 16.17 4.04 28.64
N GLY A 152 16.88 3.09 28.03
CA GLY A 152 17.04 1.77 28.60
C GLY A 152 18.10 1.67 29.67
N VAL A 153 17.83 2.27 30.82
CA VAL A 153 18.79 2.32 31.91
C VAL A 153 18.33 1.50 33.10
N GLY A 154 17.33 0.65 32.94
CA GLY A 154 16.90 -0.22 34.01
C GLY A 154 15.86 0.45 34.90
N PRO A 155 15.41 -0.28 35.92
CA PRO A 155 14.30 0.23 36.77
C PRO A 155 14.65 1.53 37.46
N TYR A 156 13.64 2.39 37.59
CA TYR A 156 13.79 3.64 38.28
C TYR A 156 14.31 3.45 39.70
N ARG A 157 13.84 2.41 40.39
N ARG A 157 13.85 2.42 40.39
CA ARG A 157 14.26 2.22 41.78
CA ARG A 157 14.25 2.20 41.78
C ARG A 157 15.75 1.88 41.89
C ARG A 157 15.71 1.81 41.90
N ASP A 158 16.39 1.47 40.80
CA ASP A 158 17.80 1.11 40.80
C ASP A 158 18.67 2.21 40.20
N MET A 159 18.09 3.37 39.91
CA MET A 159 18.79 4.38 39.13
C MET A 159 20.09 4.82 39.81
N THR A 160 21.12 5.04 38.99
CA THR A 160 22.39 5.60 39.43
C THR A 160 22.60 6.96 38.78
N ASP A 161 23.64 7.67 39.27
CA ASP A 161 24.03 8.93 38.70
C ASP A 161 24.40 8.78 37.24
N ALA A 162 25.19 7.74 36.93
CA ALA A 162 25.65 7.54 35.54
C ALA A 162 24.51 7.18 34.60
N ARG A 163 23.52 6.40 35.07
CA ARG A 163 22.36 6.10 34.24
C ARG A 163 21.59 7.35 33.89
N LEU A 164 21.35 8.21 34.88
CA LEU A 164 20.64 9.46 34.63
C LEU A 164 21.47 10.39 33.75
N ASP A 165 22.79 10.38 33.93
CA ASP A 165 23.67 11.15 33.06
C ASP A 165 23.49 10.73 31.60
N TYR A 166 23.37 9.42 31.36
CA TYR A 166 23.27 8.93 29.99
C TYR A 166 22.06 9.53 29.32
N VAL A 167 20.92 9.49 30.00
CA VAL A 167 19.68 10.03 29.44
C VAL A 167 19.74 11.54 29.32
N ALA A 168 20.23 12.24 30.35
CA ALA A 168 20.33 13.69 30.31
C ALA A 168 21.26 14.15 29.22
N ASN A 169 22.42 13.51 29.06
CA ASN A 169 23.35 13.95 28.04
C ASN A 169 22.77 13.72 26.66
N GLN A 170 22.03 12.63 26.46
CA GLN A 170 21.38 12.43 25.17
C GLN A 170 20.37 13.52 24.91
N LEU A 171 19.68 13.98 25.95
CA LEU A 171 18.70 15.03 25.74
C LEU A 171 19.38 16.31 25.24
N HIS A 172 20.55 16.60 25.75
CA HIS A 172 21.29 17.74 25.23
C HIS A 172 21.61 17.54 23.76
N ASP A 173 21.97 16.31 23.37
CA ASP A 173 22.15 16.04 21.94
C ASP A 173 20.84 16.27 21.19
N GLY A 174 19.71 15.89 21.80
CA GLY A 174 18.41 16.09 21.16
C GLY A 174 18.08 17.55 20.92
N ILE A 175 18.44 18.43 21.87
CA ILE A 175 18.30 19.87 21.67
C ILE A 175 19.06 20.32 20.42
N ALA A 176 20.34 19.95 20.33
CA ALA A 176 21.13 20.31 19.17
C ALA A 176 20.52 19.74 17.89
N PHE A 177 19.97 18.52 17.99
CA PHE A 177 19.37 17.89 16.81
C PHE A 177 18.17 18.68 16.33
N VAL A 178 17.29 19.09 17.24
CA VAL A 178 16.06 19.71 16.78
C VAL A 178 16.36 21.11 16.26
N GLU A 179 17.41 21.75 16.77
CA GLU A 179 17.81 23.04 16.23
C GLU A 179 18.27 22.88 14.80
N LYS A 180 19.10 21.88 14.55
CA LYS A 180 19.63 21.67 13.21
C LYS A 180 18.53 21.21 12.26
N ALA A 181 17.68 20.29 12.69
CA ALA A 181 16.65 19.77 11.81
C ALA A 181 15.63 20.83 11.46
N SER A 182 15.37 21.79 12.36
CA SER A 182 14.33 22.78 12.12
C SER A 182 14.86 24.09 11.57
N GLY A 183 16.14 24.38 11.77
CA GLY A 183 16.65 25.70 11.44
C GLY A 183 16.29 26.78 12.42
N ARG A 184 15.73 26.43 13.57
CA ARG A 184 15.34 27.43 14.56
C ARG A 184 16.25 27.34 15.77
N LYS A 185 16.29 28.44 16.52
CA LYS A 185 17.05 28.49 17.75
C LYS A 185 16.19 28.05 18.93
N PHE A 186 16.71 27.11 19.71
CA PHE A 186 16.00 26.63 20.88
C PHE A 186 15.93 27.69 21.98
N ASP A 187 14.74 27.83 22.56
CA ASP A 187 14.48 28.83 23.56
C ASP A 187 14.32 28.20 24.94
N ASP A 188 15.21 28.54 25.87
CA ASP A 188 15.16 27.91 27.17
C ASP A 188 13.84 28.17 27.88
N GLU A 189 13.29 29.38 27.75
CA GLU A 189 12.05 29.69 28.47
C GLU A 189 10.90 28.81 27.97
N LEU A 190 10.73 28.69 26.65
CA LEU A 190 9.70 27.79 26.13
C LEU A 190 9.95 26.36 26.54
N PHE A 191 11.21 25.92 26.55
CA PHE A 191 11.48 24.56 26.95
C PHE A 191 11.08 24.33 28.40
N ILE A 192 11.52 25.22 29.29
CA ILE A 192 11.22 25.04 30.70
C ILE A 192 9.71 25.06 30.96
N LYS A 193 8.99 25.99 30.32
N LYS A 193 8.99 25.98 30.30
CA LYS A 193 7.54 26.01 30.42
CA LYS A 193 7.55 26.01 30.43
C LYS A 193 6.96 24.66 30.02
C LYS A 193 6.93 24.69 29.99
N ALA A 194 7.47 24.08 28.93
CA ALA A 194 6.96 22.80 28.45
C ALA A 194 7.29 21.65 29.42
N VAL A 195 8.50 21.63 29.99
CA VAL A 195 8.79 20.64 31.03
C VAL A 195 7.80 20.79 32.17
N LYS A 196 7.56 22.00 32.61
CA LYS A 196 6.66 22.22 33.74
C LYS A 196 5.22 21.82 33.40
N ASN A 197 4.76 22.14 32.18
CA ASN A 197 3.43 21.70 31.79
C ASN A 197 3.33 20.19 31.67
N GLU A 198 4.41 19.51 31.24
CA GLU A 198 4.36 18.05 31.18
C GLU A 198 4.30 17.46 32.58
N MET A 199 5.07 18.02 33.51
CA MET A 199 4.98 17.59 34.90
C MET A 199 3.57 17.78 35.44
N ARG A 200 2.99 18.95 35.16
CA ARG A 200 1.61 19.24 35.59
C ARG A 200 0.63 18.21 35.02
N SER A 201 0.65 18.03 33.68
CA SER A 201 -0.39 17.22 33.04
C SER A 201 -0.28 15.76 33.46
N THR A 202 0.94 15.23 33.55
CA THR A 202 1.10 13.82 33.87
C THR A 202 0.80 13.54 35.34
N SER A 203 1.20 14.44 36.24
CA SER A 203 0.84 14.28 37.63
C SER A 203 -0.64 14.47 37.84
N ARG A 204 -1.25 15.39 37.10
CA ARG A 204 -2.66 15.67 37.34
C ARG A 204 -3.51 14.57 36.78
N TRP A 205 -3.11 13.96 35.64
CA TRP A 205 -3.81 12.77 35.19
C TRP A 205 -3.80 11.69 36.28
N ALA A 206 -2.64 11.44 36.90
CA ALA A 206 -2.60 10.51 38.02
C ALA A 206 -3.56 10.93 39.13
N ASP A 207 -3.58 12.23 39.48
CA ASP A 207 -4.51 12.66 40.54
C ASP A 207 -5.96 12.30 40.18
N ILE A 208 -6.34 12.49 38.91
CA ILE A 208 -7.70 12.19 38.48
C ILE A 208 -7.99 10.70 38.62
N CYS A 209 -7.05 9.87 38.13
CA CYS A 209 -7.22 8.43 38.27
C CYS A 209 -7.38 8.03 39.74
N ALA A 210 -6.67 8.71 40.64
CA ALA A 210 -6.71 8.34 42.05
C ALA A 210 -8.09 8.60 42.64
N LEU A 211 -8.85 9.55 42.07
CA LEU A 211 -10.20 9.79 42.55
C LEU A 211 -11.12 8.61 42.26
N ASN A 212 -10.70 7.71 41.36
CA ASN A 212 -11.52 6.55 41.04
C ASN A 212 -11.46 5.46 42.08
N LYS A 213 -10.72 5.67 43.18
CA LYS A 213 -10.63 4.68 44.23
C LYS A 213 -11.93 4.59 45.02
N VAL A 214 -12.78 5.62 44.97
CA VAL A 214 -13.98 5.63 45.79
C VAL A 214 -15.07 4.78 45.16
N LYS A 215 -16.01 4.35 46.01
CA LYS A 215 -17.25 3.71 45.63
C LYS A 215 -18.37 4.72 45.79
N PRO A 216 -19.15 5.01 44.73
CA PRO A 216 -19.06 4.45 43.37
C PRO A 216 -17.93 5.11 42.62
N ALA A 217 -17.38 4.44 41.62
CA ALA A 217 -16.36 5.06 40.80
C ALA A 217 -16.95 6.23 40.01
N PRO A 218 -16.34 7.41 40.08
CA PRO A 218 -16.89 8.54 39.31
C PRO A 218 -16.65 8.42 37.81
N LEU A 219 -15.67 7.64 37.39
CA LEU A 219 -15.37 7.45 35.97
C LEU A 219 -15.31 5.97 35.64
N ASP A 220 -15.74 5.62 34.43
CA ASP A 220 -15.57 4.26 33.93
C ASP A 220 -14.43 4.29 32.91
N GLU A 221 -13.78 3.14 32.73
CA GLU A 221 -12.57 3.14 31.90
C GLU A 221 -12.86 3.52 30.46
N LYS A 222 -14.01 3.12 29.92
CA LYS A 222 -14.27 3.48 28.52
C LYS A 222 -14.30 5.00 28.35
N THR A 223 -14.97 5.71 29.27
CA THR A 223 -14.94 7.16 29.29
C THR A 223 -13.52 7.68 29.43
N MET A 224 -12.73 7.02 30.27
CA MET A 224 -11.36 7.43 30.52
C MET A 224 -10.50 7.32 29.27
N TYR A 225 -10.84 6.41 28.35
CA TYR A 225 -10.04 6.32 27.14
C TYR A 225 -10.09 7.62 26.34
N SER A 226 -11.15 8.42 26.48
CA SER A 226 -11.21 9.70 25.78
C SER A 226 -10.55 10.83 26.56
N LEU A 227 -10.03 10.53 27.74
CA LEU A 227 -9.44 11.52 28.62
C LEU A 227 -7.95 11.30 28.81
N TYR A 228 -7.53 10.05 29.06
CA TYR A 228 -6.09 9.72 29.15
C TYR A 228 -5.39 10.00 27.83
N VAL A 229 -6.16 10.13 26.75
CA VAL A 229 -5.52 10.24 25.43
C VAL A 229 -4.84 11.59 25.28
N LEU A 230 -5.32 12.61 25.96
CA LEU A 230 -4.77 13.95 25.74
C LEU A 230 -3.28 14.03 26.05
N CYS A 231 -2.83 13.39 27.14
CA CYS A 231 -1.40 13.38 27.42
C CYS A 231 -0.60 12.56 26.42
N THR A 232 -1.25 11.63 25.69
CA THR A 232 -0.57 10.91 24.63
C THR A 232 -0.43 11.74 23.36
N LEU A 233 -1.14 12.88 23.28
CA LEU A 233 -1.04 13.77 22.13
C LEU A 233 -0.01 14.87 22.36
N SER A 234 -0.16 15.64 23.44
CA SER A 234 0.86 16.66 23.76
C SER A 234 0.88 16.93 25.27
N LYS A 235 1.53 16.04 26.02
CA LYS A 235 1.56 16.20 27.47
C LYS A 235 2.28 17.48 27.89
N SER A 236 3.23 17.98 27.07
CA SER A 236 3.98 19.18 27.42
C SER A 236 3.27 20.47 27.02
N SER A 237 2.05 20.41 26.48
CA SER A 237 1.37 21.62 26.10
C SER A 237 0.60 22.26 27.27
N GLN A 238 0.51 23.59 27.22
CA GLN A 238 -0.35 24.30 28.15
C GLN A 238 -1.80 23.83 28.05
N TRP A 239 -2.31 23.61 26.84
CA TRP A 239 -3.70 23.20 26.72
C TRP A 239 -3.98 21.88 27.44
N CYS A 240 -3.03 20.95 27.41
CA CYS A 240 -3.26 19.65 28.02
C CYS A 240 -3.19 19.78 29.53
N ALA A 241 -2.17 20.50 30.03
CA ALA A 241 -2.06 20.74 31.47
C ALA A 241 -3.30 21.45 32.00
N ASP A 242 -3.73 22.50 31.31
CA ASP A 242 -4.87 23.27 31.81
C ASP A 242 -6.14 22.44 31.76
N PHE A 243 -6.29 21.61 30.73
CA PHE A 243 -7.48 20.78 30.69
C PHE A 243 -7.49 19.73 31.77
N MET A 244 -6.32 19.15 32.08
CA MET A 244 -6.26 18.20 33.18
C MET A 244 -6.70 18.88 34.47
N ASP A 245 -6.27 20.12 34.71
CA ASP A 245 -6.73 20.81 35.92
C ASP A 245 -8.23 20.95 35.93
N GLU A 246 -8.82 21.36 34.79
CA GLU A 246 -10.26 21.55 34.70
C GLU A 246 -11.00 20.24 34.96
N LEU A 247 -10.53 19.17 34.33
CA LEU A 247 -11.13 17.85 34.49
C LEU A 247 -11.06 17.39 35.93
N TYR A 248 -9.90 17.61 36.58
CA TYR A 248 -9.78 17.26 37.98
C TYR A 248 -10.88 17.93 38.80
N GLU A 249 -11.19 19.20 38.51
CA GLU A 249 -12.25 19.89 39.26
C GLU A 249 -13.59 19.20 39.03
N GLU A 250 -13.85 18.76 37.81
CA GLU A 250 -15.14 18.11 37.56
C GLU A 250 -15.22 16.76 38.28
N VAL A 251 -14.13 15.97 38.24
CA VAL A 251 -14.19 14.65 38.84
C VAL A 251 -14.25 14.75 40.35
N LYS A 252 -13.58 15.76 40.91
CA LYS A 252 -13.70 16.01 42.35
C LYS A 252 -15.15 16.27 42.75
N ASP A 253 -15.87 17.07 41.94
CA ASP A 253 -17.27 17.40 42.20
C ASP A 253 -18.16 16.17 42.07
N ARG A 254 -17.86 15.30 41.11
CA ARG A 254 -18.60 14.04 41.04
C ARG A 254 -18.41 13.24 42.34
N VAL A 255 -17.17 13.12 42.82
CA VAL A 255 -16.95 12.41 44.08
C VAL A 255 -17.74 13.07 45.22
N ALA A 256 -17.65 14.40 45.30
CA ALA A 256 -18.33 15.15 46.37
C ALA A 256 -19.84 14.91 46.38
N ARG A 257 -20.43 14.64 45.21
CA ARG A 257 -21.86 14.46 45.10
C ARG A 257 -22.28 13.00 45.02
N GLY A 258 -21.34 12.07 45.11
CA GLY A 258 -21.68 10.67 45.11
C GLY A 258 -22.01 10.12 43.74
N ILE A 259 -21.54 10.79 42.69
CA ILE A 259 -21.91 10.48 41.32
C ILE A 259 -21.16 9.23 40.86
N ALA A 260 -21.91 8.30 40.28
CA ALA A 260 -21.35 7.08 39.71
C ALA A 260 -21.32 7.15 38.19
N ALA A 261 -20.23 6.71 37.59
CA ALA A 261 -20.25 6.49 36.15
C ALA A 261 -21.28 5.43 35.78
N VAL A 262 -21.43 4.41 36.62
CA VAL A 262 -22.29 3.26 36.37
C VAL A 262 -23.31 3.19 37.51
N PRO A 263 -24.57 3.55 37.27
CA PRO A 263 -25.50 3.74 38.39
C PRO A 263 -25.79 2.48 39.17
N ASN A 264 -25.71 1.31 38.53
CA ASN A 264 -25.93 0.02 39.17
C ASN A 264 -24.63 -0.65 39.58
N GLU A 265 -23.58 0.12 39.82
CA GLU A 265 -22.27 -0.44 40.15
C GLU A 265 -22.39 -1.46 41.28
N ALA A 266 -21.95 -2.67 41.02
CA ALA A 266 -21.87 -3.71 42.03
C ALA A 266 -20.55 -4.45 41.97
N ILE A 267 -19.84 -4.38 40.85
CA ILE A 267 -18.60 -5.09 40.58
C ILE A 267 -17.59 -4.09 40.03
N ARG A 268 -16.38 -4.11 40.57
CA ARG A 268 -15.32 -3.22 40.12
C ARG A 268 -14.24 -4.07 39.48
N LEU A 269 -13.91 -3.76 38.25
CA LEU A 269 -12.93 -4.52 37.49
C LEU A 269 -11.71 -3.67 37.18
N MET A 270 -10.59 -4.35 36.99
CA MET A 270 -9.36 -3.79 36.49
C MET A 270 -8.98 -4.51 35.20
N THR A 271 -8.56 -3.75 34.21
CA THR A 271 -8.03 -4.29 32.96
C THR A 271 -6.51 -4.11 32.93
N ASP A 272 -5.91 -4.38 31.77
CA ASP A 272 -4.48 -4.14 31.63
C ASP A 272 -4.27 -3.37 30.33
N THR A 273 -3.54 -3.92 29.37
CA THR A 273 -3.05 -3.10 28.27
C THR A 273 -4.06 -2.97 27.14
N GLN A 274 -3.86 -1.94 26.33
CA GLN A 274 -4.26 -1.88 24.92
C GLN A 274 -5.58 -2.59 24.60
N PRO A 275 -6.72 -1.97 24.85
CA PRO A 275 -7.98 -2.62 24.50
C PRO A 275 -8.15 -2.70 22.98
N PRO A 276 -8.91 -3.64 22.48
CA PRO A 276 -9.21 -3.68 21.04
C PRO A 276 -10.13 -2.51 20.68
N TRP A 277 -9.59 -1.52 19.94
CA TRP A 277 -10.22 -0.20 19.78
C TRP A 277 -11.50 -0.22 18.96
N SER A 278 -11.70 -1.19 18.11
CA SER A 278 -12.96 -1.32 17.41
C SER A 278 -13.95 -2.24 18.14
N PHE A 279 -13.68 -2.56 19.41
N PHE A 279 -13.70 -2.55 19.41
CA PHE A 279 -14.62 -3.39 20.17
CA PHE A 279 -14.60 -3.40 20.20
C PHE A 279 -14.80 -2.86 21.59
C PHE A 279 -14.78 -2.86 21.62
N LEU A 280 -14.82 -1.53 21.76
CA LEU A 280 -15.05 -0.98 23.10
C LEU A 280 -16.45 -1.27 23.65
N LYS A 281 -17.39 -1.74 22.82
CA LYS A 281 -18.74 -2.04 23.29
C LYS A 281 -18.76 -3.13 24.37
N ILE A 282 -17.67 -3.88 24.52
CA ILE A 282 -17.60 -4.88 25.59
C ILE A 282 -17.77 -4.21 26.95
N PHE A 283 -17.25 -3.00 27.11
CA PHE A 283 -17.43 -2.29 28.37
C PHE A 283 -18.90 -2.00 28.65
N ARG A 284 -19.65 -1.57 27.63
CA ARG A 284 -21.07 -1.28 27.85
C ARG A 284 -21.83 -2.56 28.20
N TYR A 285 -21.44 -3.66 27.58
CA TYR A 285 -22.05 -4.95 27.89
C TYR A 285 -21.86 -5.29 29.36
N LEU A 286 -20.66 -5.07 29.88
CA LEU A 286 -20.38 -5.37 31.27
C LEU A 286 -21.20 -4.48 32.19
N GLU A 287 -21.45 -3.24 31.78
CA GLU A 287 -22.29 -2.36 32.59
C GLU A 287 -23.65 -2.98 32.86
N THR A 288 -24.16 -3.83 31.97
CA THR A 288 -25.45 -4.46 32.20
C THR A 288 -25.42 -5.40 33.39
N TYR A 289 -24.24 -5.91 33.75
CA TYR A 289 -24.05 -6.67 34.94
C TYR A 289 -23.81 -5.83 36.17
N GLY A 290 -23.76 -4.51 36.04
CA GLY A 290 -23.33 -3.66 37.13
C GLY A 290 -21.83 -3.65 37.33
N ALA A 291 -21.07 -4.02 36.30
CA ALA A 291 -19.62 -4.06 36.39
C ALA A 291 -19.08 -2.79 35.76
N VAL A 292 -18.18 -2.14 36.47
CA VAL A 292 -17.47 -0.96 35.98
C VAL A 292 -15.98 -1.28 36.00
N SER A 293 -15.27 -0.93 34.94
CA SER A 293 -13.81 -0.98 34.98
C SER A 293 -13.31 0.36 35.54
N ILE A 294 -12.55 0.27 36.65
CA ILE A 294 -12.02 1.48 37.28
C ILE A 294 -10.73 1.94 36.65
N GLY A 295 -10.22 1.19 35.68
CA GLY A 295 -8.95 1.52 35.06
C GLY A 295 -8.01 0.34 34.99
N SER A 296 -6.73 0.68 34.87
CA SER A 296 -5.67 -0.25 34.55
C SER A 296 -4.36 0.50 34.73
N LEU A 297 -3.26 -0.27 34.89
CA LEU A 297 -1.96 0.37 34.93
C LEU A 297 -1.71 1.14 33.65
N TYR A 298 -2.22 0.62 32.52
CA TYR A 298 -2.14 1.26 31.22
C TYR A 298 -2.83 2.62 31.22
N THR A 299 -4.13 2.66 31.58
CA THR A 299 -4.81 3.94 31.56
C THR A 299 -4.19 4.91 32.56
N PHE A 300 -3.77 4.40 33.72
CA PHE A 300 -3.31 5.27 34.78
C PHE A 300 -1.91 5.81 34.53
N ALA A 301 -1.06 5.00 33.87
CA ALA A 301 0.37 5.25 33.85
C ALA A 301 1.05 5.10 32.50
N LEU A 302 0.30 4.99 31.41
CA LEU A 302 0.94 5.13 30.12
C LEU A 302 1.59 6.49 30.03
N GLU A 303 0.93 7.53 30.57
CA GLU A 303 1.51 8.86 30.69
C GLU A 303 1.47 9.39 32.13
N GLY A 304 0.51 8.95 32.92
CA GLY A 304 0.44 9.42 34.30
C GLY A 304 1.72 9.12 35.07
N ILE A 305 2.13 10.08 35.92
CA ILE A 305 3.37 9.94 36.69
C ILE A 305 3.02 10.05 38.18
N TRP A 306 3.50 9.08 38.95
CA TRP A 306 2.99 8.74 40.28
C TRP A 306 4.09 8.78 41.32
N GLU A 307 3.65 8.87 42.58
CA GLU A 307 4.55 8.72 43.73
C GLU A 307 3.79 8.10 44.90
N ASP A 308 4.53 7.65 45.89
CA ASP A 308 3.94 7.23 47.16
C ASP A 308 3.62 8.45 48.00
N LYS A 309 2.41 8.50 48.52
CA LYS A 309 1.90 9.63 49.29
C LYS A 309 2.12 9.39 50.77
N PRO A 310 1.88 10.41 51.60
CA PRO A 310 2.21 10.26 53.03
C PRO A 310 1.49 9.12 53.74
N ASP A 311 0.33 8.68 53.25
CA ASP A 311 -0.39 7.57 53.85
C ASP A 311 -0.08 6.23 53.18
N GLY A 312 0.94 6.18 52.33
CA GLY A 312 1.28 4.96 51.63
C GLY A 312 0.54 4.74 50.35
N SER A 313 -0.43 5.58 50.03
CA SER A 313 -1.24 5.39 48.83
C SER A 313 -0.53 5.94 47.60
N TRP A 314 -1.04 5.57 46.43
CA TRP A 314 -0.48 5.99 45.16
C TRP A 314 -1.23 7.23 44.68
N GLY A 315 -0.48 8.27 44.30
CA GLY A 315 -1.07 9.49 43.80
C GLY A 315 -0.13 10.19 42.83
N GLY A 316 -0.58 11.31 42.29
CA GLY A 316 0.27 12.06 41.35
C GLY A 316 1.58 12.52 41.98
N ARG A 317 2.63 12.49 41.17
CA ARG A 317 3.94 12.88 41.67
C ARG A 317 3.99 14.37 41.99
N THR A 318 4.68 14.71 43.09
CA THR A 318 4.78 16.11 43.51
C THR A 318 5.60 16.91 42.50
N LEU A 319 5.06 18.08 42.13
CA LEU A 319 5.77 18.95 41.20
C LEU A 319 7.01 19.50 41.89
N PRO A 320 8.13 19.58 41.20
CA PRO A 320 9.38 19.98 41.87
C PRO A 320 9.27 21.30 42.61
N TRP A 321 8.55 22.27 42.04
CA TRP A 321 8.45 23.59 42.66
C TRP A 321 7.59 23.58 43.92
N ASP A 322 6.75 22.57 44.11
CA ASP A 322 6.03 22.40 45.38
C ASP A 322 6.89 21.74 46.44
N LYS A 323 8.11 21.38 46.08
CA LYS A 323 9.08 20.69 46.93
C LYS A 323 10.30 21.55 47.14
N GLY A 324 10.25 22.82 46.79
CA GLY A 324 11.37 23.71 46.95
C GLY A 324 12.47 23.55 45.93
N ILE A 325 12.22 22.84 44.83
CA ILE A 325 13.23 22.60 43.80
C ILE A 325 13.03 23.63 42.69
N GLU A 326 14.07 24.40 42.41
CA GLU A 326 14.03 25.42 41.38
C GLU A 326 14.27 24.80 40.01
N ILE A 327 13.59 25.34 38.98
CA ILE A 327 13.88 24.96 37.59
C ILE A 327 14.09 26.22 36.77
N ASN A 328 15.30 26.76 36.80
CA ASN A 328 15.56 28.08 36.24
C ASN A 328 16.65 28.08 35.19
N ASP A 329 17.04 26.90 34.70
CA ASP A 329 18.11 26.85 33.72
C ASP A 329 17.96 25.55 32.93
N ARG A 330 18.53 25.57 31.72
CA ARG A 330 18.40 24.44 30.81
C ARG A 330 18.92 23.15 31.43
N ASP A 331 20.13 23.17 32.01
CA ASP A 331 20.73 21.92 32.47
C ASP A 331 19.95 21.31 33.61
N THR A 332 19.50 22.14 34.56
CA THR A 332 18.64 21.64 35.62
C THR A 332 17.35 21.06 35.05
N ALA A 333 16.72 21.77 34.11
CA ALA A 333 15.46 21.29 33.55
C ALA A 333 15.64 19.96 32.83
N VAL A 334 16.73 19.81 32.08
CA VAL A 334 16.97 18.56 31.36
C VAL A 334 17.07 17.39 32.31
N ARG A 335 17.86 17.54 33.39
CA ARG A 335 18.04 16.43 34.31
C ARG A 335 16.76 16.11 35.07
N LEU A 336 15.99 17.13 35.47
CA LEU A 336 14.71 16.86 36.14
C LEU A 336 13.71 16.23 35.19
N TYR A 337 13.71 16.66 33.93
CA TYR A 337 12.84 16.11 32.90
C TYR A 337 13.16 14.65 32.61
N ALA A 338 14.46 14.34 32.49
CA ALA A 338 14.86 12.94 32.34
C ALA A 338 14.41 12.11 33.53
N ASP A 339 14.64 12.60 34.76
CA ASP A 339 14.25 11.85 35.95
C ASP A 339 12.74 11.65 36.02
N TRP A 340 11.97 12.68 35.70
CA TRP A 340 10.50 12.56 35.71
C TRP A 340 10.06 11.43 34.81
N ASN A 341 10.54 11.42 33.57
CA ASN A 341 10.12 10.41 32.62
C ASN A 341 10.62 9.02 33.00
N LEU A 342 11.84 8.92 33.54
CA LEU A 342 12.35 7.61 33.91
C LEU A 342 11.52 6.96 35.03
N SER A 343 10.73 7.74 35.77
CA SER A 343 9.88 7.19 36.80
C SER A 343 8.55 6.66 36.25
N LYS A 344 8.36 6.71 34.95
N LYS A 344 8.35 6.72 34.94
CA LYS A 344 7.09 6.28 34.39
CA LYS A 344 7.10 6.24 34.32
C LYS A 344 6.76 4.83 34.77
C LYS A 344 6.79 4.81 34.78
N PRO A 345 5.62 4.57 35.40
CA PRO A 345 5.36 3.20 35.82
C PRO A 345 5.34 2.20 34.69
N GLN A 346 4.83 2.59 33.51
CA GLN A 346 4.70 1.71 32.38
C GLN A 346 6.01 1.49 31.63
N TRP A 347 7.16 2.00 32.13
CA TRP A 347 8.45 1.61 31.58
C TRP A 347 9.11 0.49 32.38
N GLN A 348 8.62 0.17 33.57
CA GLN A 348 9.42 -0.63 34.47
C GLN A 348 9.42 -2.11 34.12
N HIS A 349 8.31 -2.60 33.56
CA HIS A 349 8.19 -4.01 33.24
C HIS A 349 9.07 -4.40 32.05
N PHE A 350 9.63 -3.42 31.33
CA PHE A 350 10.59 -3.75 30.28
C PHE A 350 11.85 -4.40 30.85
N TYR A 351 12.08 -4.25 32.16
CA TYR A 351 13.27 -4.79 32.84
C TYR A 351 12.91 -5.87 33.84
N ASP A 352 11.81 -5.71 34.55
CA ASP A 352 11.50 -6.59 35.69
C ASP A 352 9.97 -6.66 35.78
N PRO A 353 9.38 -7.78 35.33
CA PRO A 353 7.92 -7.88 35.36
C PRO A 353 7.31 -7.85 36.75
N THR A 354 8.06 -8.23 37.78
CA THR A 354 7.54 -8.21 39.14
C THR A 354 7.26 -6.79 39.60
N ILE A 355 7.92 -5.79 39.00
CA ILE A 355 7.57 -4.42 39.36
C ILE A 355 6.15 -4.11 38.93
N LYS A 356 5.79 -4.54 37.74
CA LYS A 356 4.42 -4.37 37.26
C LYS A 356 3.45 -5.27 38.01
N SER A 357 3.87 -6.49 38.38
CA SER A 357 3.01 -7.33 39.22
C SER A 357 2.66 -6.60 40.50
N ASP A 358 3.66 -6.03 41.15
CA ASP A 358 3.38 -5.35 42.43
C ASP A 358 2.51 -4.13 42.20
N MET A 359 2.70 -3.43 41.07
CA MET A 359 1.90 -2.25 40.77
C MET A 359 0.46 -2.65 40.53
N MET A 360 0.23 -3.76 39.83
CA MET A 360 -1.12 -4.24 39.61
C MET A 360 -1.78 -4.66 40.92
N LEU A 361 -1.05 -5.37 41.79
CA LEU A 361 -1.61 -5.79 43.07
C LEU A 361 -1.98 -4.58 43.91
N ARG A 362 -1.18 -3.52 43.83
CA ARG A 362 -1.46 -2.31 44.57
C ARG A 362 -2.70 -1.61 44.03
N ILE A 363 -2.86 -1.55 42.72
CA ILE A 363 -4.08 -0.98 42.17
C ILE A 363 -5.29 -1.77 42.64
N ILE A 364 -5.21 -3.10 42.61
CA ILE A 364 -6.33 -3.93 43.02
C ILE A 364 -6.76 -3.57 44.44
N LYS A 365 -5.79 -3.38 45.33
CA LYS A 365 -6.07 -3.03 46.72
C LYS A 365 -6.64 -1.61 46.83
N GLU A 366 -5.91 -0.62 46.33
CA GLU A 366 -6.28 0.77 46.59
C GLU A 366 -7.54 1.17 45.83
N TRP A 367 -7.78 0.59 44.65
CA TRP A 367 -9.00 0.90 43.91
C TRP A 367 -10.15 -0.07 44.20
N GLN A 368 -10.00 -0.95 45.19
CA GLN A 368 -11.05 -1.85 45.65
C GLN A 368 -11.63 -2.70 44.51
N VAL A 369 -10.74 -3.43 43.81
CA VAL A 369 -11.08 -4.20 42.62
C VAL A 369 -11.54 -5.59 43.04
N ASP A 370 -12.62 -6.05 42.41
CA ASP A 370 -13.20 -7.36 42.62
C ASP A 370 -12.70 -8.42 41.66
N GLY A 371 -12.22 -8.02 40.48
CA GLY A 371 -11.81 -8.98 39.47
C GLY A 371 -11.00 -8.33 38.37
N VAL A 372 -10.14 -9.10 37.73
CA VAL A 372 -9.17 -8.59 36.77
C VAL A 372 -9.38 -9.29 35.44
N MET A 373 -9.41 -8.50 34.36
CA MET A 373 -9.58 -9.04 33.01
C MET A 373 -8.33 -8.64 32.24
N LEU A 374 -7.48 -9.61 31.88
CA LEU A 374 -6.20 -9.32 31.25
C LEU A 374 -6.23 -9.62 29.75
N HIS A 375 -5.95 -8.61 28.94
CA HIS A 375 -5.78 -8.76 27.51
C HIS A 375 -4.39 -9.32 27.20
N LEU A 376 -4.34 -10.49 26.59
CA LEU A 376 -3.11 -11.08 26.07
C LEU A 376 -3.01 -10.52 24.65
N ASN A 377 -2.32 -9.38 24.55
CA ASN A 377 -2.40 -8.54 23.36
C ASN A 377 -1.28 -8.90 22.39
N ARG A 378 -1.66 -9.67 21.36
CA ARG A 378 -0.71 -10.09 20.33
C ARG A 378 -0.22 -8.95 19.46
N GLY A 379 -0.82 -7.78 19.56
CA GLY A 379 -0.41 -6.67 18.73
C GLY A 379 0.67 -5.78 19.26
N CYS A 380 1.21 -6.04 20.48
CA CYS A 380 2.13 -5.09 21.12
C CYS A 380 3.11 -5.87 21.98
N GLU A 381 4.31 -6.13 21.44
CA GLU A 381 5.32 -6.80 22.27
C GLU A 381 5.68 -5.94 23.46
N GLY A 382 5.79 -4.63 23.28
CA GLY A 382 6.33 -3.79 24.36
C GLY A 382 5.51 -3.82 25.63
N LEU A 383 4.17 -3.74 25.51
CA LEU A 383 3.32 -3.73 26.71
C LEU A 383 2.90 -5.13 27.14
N SER A 384 3.16 -6.13 26.32
CA SER A 384 2.81 -7.50 26.64
C SER A 384 3.95 -8.28 27.27
N VAL A 385 5.19 -7.81 27.18
CA VAL A 385 6.27 -8.59 27.78
C VAL A 385 5.99 -8.72 29.27
N GLY A 386 6.16 -9.94 29.79
CA GLY A 386 5.93 -10.23 31.19
C GLY A 386 4.48 -10.53 31.57
N ILE A 387 3.53 -10.48 30.64
CA ILE A 387 2.12 -10.51 31.03
C ILE A 387 1.78 -11.81 31.76
N MET A 388 2.38 -12.93 31.35
CA MET A 388 2.00 -14.19 32.00
C MET A 388 2.51 -14.26 33.45
N GLU A 389 3.68 -13.65 33.71
CA GLU A 389 4.14 -13.58 35.09
C GLU A 389 3.22 -12.66 35.90
N ASN A 390 2.71 -11.60 35.29
CA ASN A 390 1.78 -10.75 36.03
C ASN A 390 0.51 -11.51 36.36
N ARG A 391 -0.01 -12.27 35.39
CA ARG A 391 -1.18 -13.10 35.63
C ARG A 391 -0.95 -14.06 36.79
N LEU A 392 0.20 -14.73 36.82
CA LEU A 392 0.50 -15.66 37.89
C LEU A 392 0.52 -14.97 39.24
N ALA A 393 1.15 -13.79 39.31
CA ALA A 393 1.22 -13.08 40.58
C ALA A 393 -0.17 -12.67 41.06
N ILE A 394 -1.03 -12.21 40.14
CA ILE A 394 -2.41 -11.89 40.54
C ILE A 394 -3.14 -13.17 40.97
N ALA A 395 -2.90 -14.26 40.25
CA ALA A 395 -3.59 -15.51 40.58
C ALA A 395 -3.24 -15.99 41.98
N LYS A 396 -1.96 -15.91 42.34
CA LYS A 396 -1.57 -16.32 43.68
C LYS A 396 -2.18 -15.44 44.76
N SER A 397 -2.55 -14.21 44.43
CA SER A 397 -2.99 -13.25 45.45
C SER A 397 -4.41 -13.52 45.94
N GLY A 398 -5.19 -14.27 45.20
CA GLY A 398 -6.55 -14.58 45.59
C GLY A 398 -7.60 -13.75 44.90
N THR A 399 -7.19 -12.70 44.22
CA THR A 399 -8.13 -11.93 43.40
C THR A 399 -8.49 -12.69 42.13
N PRO A 400 -9.78 -12.80 41.80
CA PRO A 400 -10.17 -13.46 40.53
C PRO A 400 -9.54 -12.75 39.33
N VAL A 401 -9.04 -13.56 38.39
CA VAL A 401 -8.36 -13.00 37.23
C VAL A 401 -8.64 -13.91 36.04
N MET A 402 -8.98 -13.31 34.91
N MET A 402 -8.98 -13.31 34.91
CA MET A 402 -9.18 -14.04 33.66
CA MET A 402 -9.14 -14.04 33.67
C MET A 402 -8.38 -13.35 32.56
C MET A 402 -8.32 -13.37 32.58
N THR A 403 -8.09 -14.11 31.51
CA THR A 403 -7.41 -13.60 30.32
C THR A 403 -8.32 -13.76 29.11
N PHE A 404 -8.09 -12.90 28.12
CA PHE A 404 -8.63 -13.11 26.79
C PHE A 404 -7.54 -12.71 25.79
N GLU A 405 -7.46 -13.43 24.67
CA GLU A 405 -6.48 -13.10 23.64
C GLU A 405 -7.06 -12.05 22.69
N GLY A 406 -6.20 -11.14 22.23
CA GLY A 406 -6.65 -10.20 21.24
C GLY A 406 -5.49 -9.50 20.57
N ASN A 407 -5.84 -8.42 19.87
CA ASN A 407 -4.86 -7.53 19.25
C ASN A 407 -5.47 -6.14 19.17
N MET A 408 -4.81 -5.15 19.79
CA MET A 408 -5.45 -3.83 19.93
C MET A 408 -5.73 -3.17 18.58
N GLY A 409 -4.90 -3.46 17.57
CA GLY A 409 -4.98 -2.75 16.30
C GLY A 409 -5.47 -3.60 15.14
N ASP A 410 -5.40 -4.92 15.26
CA ASP A 410 -5.72 -5.84 14.15
C ASP A 410 -6.83 -6.80 14.58
N GLU A 411 -8.06 -6.49 14.14
CA GLU A 411 -9.23 -7.29 14.49
C GLU A 411 -9.12 -8.73 14.04
N ARG A 412 -8.22 -9.05 13.08
CA ARG A 412 -8.13 -10.43 12.63
C ARG A 412 -7.66 -11.38 13.74
N GLU A 413 -7.01 -10.85 14.77
CA GLU A 413 -6.56 -11.64 15.92
C GLU A 413 -7.39 -11.38 17.16
N PHE A 414 -8.63 -10.93 16.99
CA PHE A 414 -9.55 -10.75 18.11
C PHE A 414 -10.87 -11.43 17.78
N ASP A 415 -11.29 -12.34 18.64
CA ASP A 415 -12.51 -13.12 18.46
C ASP A 415 -13.57 -12.54 19.39
N GLU A 416 -14.47 -11.75 18.82
CA GLU A 416 -15.49 -11.06 19.60
C GLU A 416 -16.36 -12.04 20.33
N VAL A 417 -16.77 -13.10 19.64
CA VAL A 417 -17.76 -14.03 20.20
C VAL A 417 -17.15 -14.82 21.36
N ARG A 418 -15.95 -15.37 21.14
CA ARG A 418 -15.30 -16.11 22.22
C ARG A 418 -14.98 -15.19 23.39
N THR A 419 -14.51 -13.97 23.12
CA THR A 419 -14.13 -13.10 24.23
C THR A 419 -15.35 -12.71 25.06
N GLN A 420 -16.45 -12.35 24.41
CA GLN A 420 -17.66 -12.02 25.16
C GLN A 420 -18.12 -13.19 26.02
N ALA A 421 -18.04 -14.42 25.48
CA ALA A 421 -18.43 -15.57 26.29
C ALA A 421 -17.49 -15.75 27.47
N ARG A 422 -16.20 -15.46 27.31
CA ARG A 422 -15.26 -15.59 28.42
C ARG A 422 -15.56 -14.57 29.50
N VAL A 423 -15.89 -13.34 29.10
CA VAL A 423 -16.23 -12.28 30.05
C VAL A 423 -17.56 -12.59 30.73
N ASP A 424 -18.53 -13.10 29.97
N ASP A 424 -18.50 -13.17 30.01
CA ASP A 424 -19.78 -13.58 30.55
CA ASP A 424 -19.75 -13.52 30.68
C ASP A 424 -19.48 -14.58 31.67
C ASP A 424 -19.51 -14.62 31.69
N ALA A 425 -18.67 -15.59 31.34
CA ALA A 425 -18.34 -16.62 32.30
C ALA A 425 -17.67 -16.02 33.52
N PHE A 426 -16.89 -14.96 33.33
CA PHE A 426 -16.20 -14.31 34.44
C PHE A 426 -17.18 -13.60 35.35
N MET A 427 -18.20 -12.95 34.78
CA MET A 427 -19.21 -12.32 35.62
C MET A 427 -19.93 -13.36 36.46
N GLU A 428 -20.21 -14.53 35.87
CA GLU A 428 -20.83 -15.61 36.63
C GLU A 428 -19.92 -16.05 37.77
N GLN A 429 -18.63 -16.21 37.47
CA GLN A 429 -17.65 -16.58 38.50
C GLN A 429 -17.66 -15.60 39.67
N LEU A 430 -17.67 -14.30 39.36
CA LEU A 430 -17.68 -13.30 40.42
C LEU A 430 -18.96 -13.38 41.25
N GLY A 431 -20.09 -13.69 40.62
CA GLY A 431 -21.31 -13.90 41.39
C GLY A 431 -21.24 -15.12 42.30
N VAL A 432 -20.65 -16.21 41.80
CA VAL A 432 -20.52 -17.43 42.60
C VAL A 432 -19.64 -17.17 43.80
N ARG A 433 -18.50 -16.50 43.57
CA ARG A 433 -17.59 -16.19 44.67
C ARG A 433 -18.28 -15.33 45.73
N ARG A 434 -19.09 -14.36 45.31
CA ARG A 434 -19.81 -13.54 46.28
C ARG A 434 -20.80 -14.36 47.09
N GLN A 435 -21.52 -15.28 46.43
CA GLN A 435 -22.43 -16.17 47.16
C GLN A 435 -21.68 -17.02 48.17
N ALA A 436 -20.53 -17.58 47.78
CA ALA A 436 -19.76 -18.42 48.69
C ALA A 436 -19.27 -17.60 49.87
N ALA A 437 -18.75 -16.39 49.61
CA ALA A 437 -18.24 -15.56 50.70
C ALA A 437 -19.36 -15.20 51.66
N SER A 438 -20.53 -14.81 51.11
CA SER A 438 -21.63 -14.49 51.99
C SER A 438 -22.02 -15.67 52.86
N ALA A 439 -22.15 -16.87 52.24
CA ALA A 439 -22.54 -18.06 52.96
C ALA A 439 -21.57 -18.44 54.04
N TRP A 440 -20.26 -18.20 53.84
CA TRP A 440 -19.20 -18.60 54.82
C TRP A 440 -19.13 -17.66 56.02
N SER A 441 -19.25 -16.36 55.78
CA SER A 441 -19.20 -15.34 56.85
C SER A 441 -20.62 -15.01 57.35
N HIS A 442 -21.61 -15.73 56.88
CA HIS A 442 -23.02 -15.53 57.22
C HIS A 442 -23.39 -14.06 57.07
N SER B 2 34.96 -36.93 7.56
CA SER B 2 35.73 -38.16 7.55
C SER B 2 36.89 -38.09 8.53
N ASP B 3 37.67 -37.00 8.46
CA ASP B 3 38.90 -36.95 9.24
C ASP B 3 38.64 -36.63 10.71
N GLY B 4 37.42 -36.25 11.07
CA GLY B 4 37.08 -36.05 12.46
C GLY B 4 37.76 -34.89 13.15
N LEU B 5 38.37 -33.98 12.38
CA LEU B 5 39.05 -32.84 13.01
C LEU B 5 38.15 -32.06 13.95
N PHE B 6 36.87 -31.86 13.61
CA PHE B 6 35.98 -31.06 14.45
C PHE B 6 35.23 -31.86 15.49
N ASP B 7 35.57 -33.14 15.67
CA ASP B 7 34.80 -34.01 16.57
C ASP B 7 34.79 -33.49 18.00
N GLN B 8 35.91 -32.92 18.49
CA GLN B 8 35.89 -32.37 19.84
C GLN B 8 34.82 -31.29 20.00
N PHE B 9 34.68 -30.40 19.03
CA PHE B 9 33.63 -29.39 19.13
C PHE B 9 32.24 -30.03 19.12
N LYS B 10 32.05 -31.04 18.29
CA LYS B 10 30.76 -31.73 18.23
C LYS B 10 30.45 -32.42 19.54
N THR B 11 31.44 -33.07 20.15
CA THR B 11 31.26 -33.67 21.48
C THR B 11 30.91 -32.61 22.53
N TRP B 12 31.67 -31.50 22.54
CA TRP B 12 31.37 -30.44 23.49
C TRP B 12 29.93 -29.96 23.36
N TYR B 13 29.44 -29.84 22.13
CA TYR B 13 28.07 -29.40 21.92
C TYR B 13 27.09 -30.43 22.44
N GLU B 14 27.26 -31.69 22.04
CA GLU B 14 26.34 -32.75 22.43
C GLU B 14 26.36 -32.96 23.93
N LYS B 15 27.52 -32.83 24.57
CA LYS B 15 27.69 -33.14 25.98
C LYS B 15 27.96 -31.88 26.80
N ARG B 16 27.35 -30.76 26.40
CA ARG B 16 27.67 -29.48 27.04
C ARG B 16 27.42 -29.54 28.54
N HIS B 17 26.37 -30.21 28.97
CA HIS B 17 26.01 -30.20 30.39
C HIS B 17 26.98 -31.07 31.19
N ASP B 18 27.30 -32.26 30.67
CA ASP B 18 28.35 -33.08 31.27
C ASP B 18 29.65 -32.30 31.38
N TYR B 19 29.99 -31.52 30.35
CA TYR B 19 31.22 -30.73 30.39
C TYR B 19 31.20 -29.75 31.55
N ALA B 20 30.08 -29.05 31.74
CA ALA B 20 30.01 -28.03 32.80
C ALA B 20 30.14 -28.67 34.17
N ARG B 21 29.46 -29.79 34.40
N ARG B 21 29.43 -29.77 34.41
CA ARG B 21 29.52 -30.43 35.71
CA ARG B 21 29.52 -30.44 35.70
C ARG B 21 30.93 -30.93 36.02
C ARG B 21 30.96 -30.84 35.99
N ASP B 22 31.62 -31.46 35.01
CA ASP B 22 33.01 -31.89 35.20
C ASP B 22 33.93 -30.70 35.36
N TRP B 23 33.66 -29.59 34.64
CA TRP B 23 34.44 -28.38 34.83
C TRP B 23 34.40 -27.94 36.28
N LYS B 24 33.23 -28.01 36.90
CA LYS B 24 33.13 -27.62 38.31
C LYS B 24 33.95 -28.54 39.20
N VAL B 25 33.96 -29.84 38.89
CA VAL B 25 34.75 -30.77 39.68
C VAL B 25 36.24 -30.44 39.55
N ARG B 26 36.69 -30.09 38.35
CA ARG B 26 38.12 -29.88 38.15
C ARG B 26 38.59 -28.55 38.73
N THR B 27 37.79 -27.49 38.62
CA THR B 27 38.25 -26.16 38.98
C THR B 27 37.72 -25.68 40.34
N GLY B 28 36.62 -26.25 40.82
CA GLY B 28 35.97 -25.69 41.99
C GLY B 28 35.22 -24.39 41.75
N GLY B 29 35.05 -23.97 40.50
CA GLY B 29 34.40 -22.71 40.21
C GLY B 29 32.89 -22.84 40.11
N GLN B 30 32.25 -21.69 40.06
CA GLN B 30 30.81 -21.58 39.83
C GLN B 30 30.55 -21.50 38.32
N VAL B 31 29.35 -21.93 37.91
CA VAL B 31 28.87 -21.83 36.53
C VAL B 31 27.75 -20.80 36.46
N VAL B 32 27.76 -19.99 35.40
CA VAL B 32 26.79 -18.92 35.23
C VAL B 32 26.08 -19.13 33.91
N ALA B 33 24.76 -19.26 33.95
CA ALA B 33 23.96 -19.31 32.72
C ALA B 33 23.87 -17.90 32.18
N THR B 34 24.30 -17.72 30.94
CA THR B 34 24.31 -16.41 30.30
C THR B 34 23.28 -16.36 29.17
N MET B 35 22.74 -15.17 28.97
CA MET B 35 21.71 -14.96 27.99
C MET B 35 22.13 -13.77 27.16
N CYS B 36 21.90 -13.89 25.85
CA CYS B 36 22.33 -12.90 24.86
C CYS B 36 23.85 -12.74 24.81
N THR B 37 24.35 -12.55 23.62
CA THR B 37 25.78 -12.57 23.37
C THR B 37 26.47 -11.30 23.86
N TYR B 38 25.73 -10.33 24.41
CA TYR B 38 26.35 -9.12 24.93
C TYR B 38 26.84 -9.27 26.38
N THR B 39 26.69 -10.43 26.99
CA THR B 39 27.18 -10.62 28.34
C THR B 39 28.68 -10.32 28.41
N PRO B 40 29.14 -9.50 29.36
CA PRO B 40 30.60 -9.22 29.44
C PRO B 40 31.31 -10.38 30.13
N GLU B 41 31.57 -11.41 29.32
CA GLU B 41 32.06 -12.66 29.88
C GLU B 41 33.43 -12.53 30.52
N GLU B 42 34.20 -11.53 30.11
CA GLU B 42 35.50 -11.29 30.72
C GLU B 42 35.35 -11.17 32.22
N LEU B 43 34.30 -10.50 32.66
CA LEU B 43 34.11 -10.29 34.09
C LEU B 43 33.85 -11.59 34.82
N LEU B 44 33.02 -12.45 34.24
CA LEU B 44 32.73 -13.74 34.86
C LEU B 44 33.97 -14.64 34.91
N ILE B 45 34.76 -14.66 33.83
CA ILE B 45 35.98 -15.44 33.81
C ILE B 45 36.93 -14.93 34.88
N ALA B 46 37.08 -13.60 34.97
CA ALA B 46 37.96 -13.01 35.97
C ALA B 46 37.51 -13.38 37.37
N ALA B 47 36.21 -13.55 37.57
CA ALA B 47 35.68 -13.93 38.87
C ALA B 47 35.79 -15.42 39.14
N GLY B 48 36.41 -16.18 38.24
CA GLY B 48 36.58 -17.62 38.42
C GLY B 48 35.42 -18.48 38.00
N MET B 49 34.55 -18.00 37.13
CA MET B 49 33.33 -18.71 36.80
C MET B 49 33.38 -19.16 35.35
N LEU B 50 32.54 -20.17 35.03
CA LEU B 50 32.38 -20.62 33.66
C LEU B 50 31.09 -20.02 33.09
N PRO B 51 31.16 -19.12 32.11
CA PRO B 51 29.93 -18.69 31.41
C PRO B 51 29.45 -19.76 30.45
N VAL B 52 28.16 -20.12 30.54
CA VAL B 52 27.57 -21.07 29.61
C VAL B 52 26.30 -20.45 29.05
N ARG B 53 26.28 -20.19 27.75
CA ARG B 53 25.14 -19.55 27.13
C ARG B 53 23.94 -20.50 27.07
N VAL B 54 22.79 -20.02 27.56
CA VAL B 54 21.57 -20.80 27.42
C VAL B 54 21.18 -20.84 25.94
N LEU B 55 20.88 -22.04 25.47
CA LEU B 55 20.32 -22.26 24.15
C LEU B 55 19.15 -23.23 24.29
N GLY B 56 18.35 -23.31 23.25
CA GLY B 56 17.24 -24.22 23.27
C GLY B 56 17.63 -25.63 22.91
N ALA B 57 16.67 -26.53 23.03
CA ALA B 57 16.87 -27.92 22.70
C ALA B 57 16.21 -28.31 21.39
N HIS B 58 15.37 -27.44 20.81
CA HIS B 58 14.70 -27.73 19.55
C HIS B 58 13.89 -29.02 19.63
N GLU B 59 13.26 -29.24 20.78
CA GLU B 59 12.35 -30.36 20.96
C GLU B 59 11.02 -29.85 21.47
N PRO B 60 9.97 -30.66 21.36
CA PRO B 60 8.66 -30.23 21.86
C PRO B 60 8.71 -29.99 23.37
N GLN B 61 8.05 -28.92 23.81
CA GLN B 61 8.03 -28.56 25.22
C GLN B 61 6.73 -27.84 25.52
N ASN B 62 6.18 -28.10 26.71
CA ASN B 62 4.96 -27.45 27.14
C ASN B 62 5.12 -26.68 28.44
N VAL B 63 6.33 -26.60 28.98
CA VAL B 63 6.50 -26.05 30.34
C VAL B 63 6.49 -24.54 30.40
N THR B 64 6.62 -23.85 29.27
CA THR B 64 6.71 -22.40 29.31
C THR B 64 5.37 -21.69 29.18
N GLU B 65 4.28 -22.39 28.86
CA GLU B 65 3.00 -21.72 28.65
C GLU B 65 2.52 -20.89 29.83
N PRO B 66 2.72 -21.29 31.09
CA PRO B 66 2.36 -20.41 32.21
C PRO B 66 3.27 -19.22 32.39
N HIS B 67 4.39 -19.12 31.67
CA HIS B 67 5.41 -18.11 31.94
C HIS B 67 5.60 -17.10 30.84
N ILE B 68 5.47 -17.53 29.59
CA ILE B 68 5.69 -16.67 28.43
C ILE B 68 4.56 -16.91 27.45
N PHE B 69 3.83 -15.85 27.12
CA PHE B 69 2.76 -15.92 26.14
C PHE B 69 3.29 -16.31 24.76
N GLY B 70 2.50 -17.12 24.06
CA GLY B 70 2.89 -17.71 22.79
C GLY B 70 2.98 -16.77 21.61
N MET B 71 2.74 -15.47 21.79
CA MET B 71 3.06 -14.49 20.75
C MET B 71 4.56 -14.21 20.68
N PHE B 72 5.34 -14.72 21.62
CA PHE B 72 6.77 -14.45 21.64
C PHE B 72 7.53 -15.60 20.99
N CYS B 73 8.79 -15.33 20.67
CA CYS B 73 9.51 -16.16 19.75
C CYS B 73 9.79 -17.55 20.32
N PRO B 74 9.99 -18.54 19.45
CA PRO B 74 10.34 -19.89 19.92
C PRO B 74 11.63 -19.94 20.71
N PHE B 75 12.62 -19.11 20.38
CA PHE B 75 13.92 -19.20 21.03
C PHE B 75 13.81 -18.80 22.50
N CYS B 76 13.08 -17.72 22.79
CA CYS B 76 12.98 -17.27 24.18
C CYS B 76 12.22 -18.28 25.03
N ARG B 77 11.28 -19.00 24.43
CA ARG B 77 10.52 -20.04 25.12
C ARG B 77 11.36 -21.32 25.28
N ASP B 78 11.96 -21.80 24.19
CA ASP B 78 12.83 -22.98 24.26
C ASP B 78 13.91 -22.77 25.29
N SER B 79 14.53 -21.59 25.29
CA SER B 79 15.59 -21.29 26.25
C SER B 79 15.07 -21.40 27.68
N LEU B 80 13.93 -20.77 27.97
CA LEU B 80 13.39 -20.82 29.34
C LEU B 80 13.07 -22.26 29.72
N ALA B 81 12.52 -23.04 28.78
CA ALA B 81 12.18 -24.42 29.09
C ALA B 81 13.41 -25.18 29.60
N GLN B 82 14.61 -24.85 29.11
CA GLN B 82 15.77 -25.62 29.53
C GLN B 82 16.05 -25.40 31.01
N GLY B 83 15.80 -24.19 31.49
CA GLY B 83 15.94 -23.92 32.91
C GLY B 83 14.86 -24.60 33.73
N LEU B 84 13.60 -24.48 33.25
CA LEU B 84 12.47 -25.03 34.00
C LEU B 84 12.55 -26.54 34.11
N LEU B 85 13.18 -27.20 33.13
CA LEU B 85 13.30 -28.65 33.10
C LEU B 85 14.47 -29.15 33.91
N GLY B 86 15.25 -28.24 34.50
CA GLY B 86 16.35 -28.61 35.37
C GLY B 86 17.65 -28.88 34.66
N ARG B 87 17.76 -28.53 33.39
CA ARG B 87 18.94 -28.91 32.61
C ARG B 87 20.14 -28.02 32.89
N PHE B 88 19.95 -26.89 33.54
CA PHE B 88 21.00 -26.01 33.99
C PHE B 88 21.09 -25.99 35.52
N ASP B 89 20.76 -27.12 36.16
CA ASP B 89 20.71 -27.14 37.62
C ASP B 89 22.07 -26.90 38.27
N TYR B 90 23.16 -27.08 37.52
CA TYR B 90 24.51 -26.86 38.04
C TYR B 90 24.93 -25.40 38.00
N ALA B 91 24.12 -24.51 37.44
CA ALA B 91 24.50 -23.11 37.30
C ALA B 91 24.02 -22.30 38.50
N GLU B 92 24.95 -21.79 39.30
CA GLU B 92 24.56 -20.97 40.44
C GLU B 92 24.04 -19.61 40.01
N GLY B 93 24.56 -19.07 38.91
CA GLY B 93 24.15 -17.72 38.50
C GLY B 93 23.37 -17.70 37.21
N VAL B 94 22.66 -16.60 36.99
CA VAL B 94 22.06 -16.31 35.68
C VAL B 94 22.22 -14.83 35.40
N THR B 95 22.61 -14.50 34.17
CA THR B 95 22.81 -13.10 33.82
C THR B 95 22.42 -12.85 32.37
N LEU B 96 21.84 -11.68 32.14
CA LEU B 96 21.44 -11.21 30.83
C LEU B 96 21.98 -9.78 30.68
N THR B 97 22.53 -9.47 29.52
CA THR B 97 22.84 -8.09 29.15
C THR B 97 21.80 -7.67 28.12
N GLN B 98 21.20 -6.52 28.38
CA GLN B 98 20.04 -6.03 27.69
C GLN B 98 20.20 -5.95 26.18
N SER B 99 19.14 -6.38 25.47
N SER B 99 19.25 -6.56 25.45
CA SER B 99 19.05 -6.35 24.03
CA SER B 99 19.00 -6.27 24.05
C SER B 99 17.56 -6.43 23.69
C SER B 99 17.52 -6.51 23.80
N CYS B 100 17.19 -7.46 22.93
CA CYS B 100 15.78 -7.70 22.61
C CYS B 100 14.90 -7.87 23.85
N ILE B 101 13.71 -7.20 23.82
CA ILE B 101 12.86 -7.21 25.02
C ILE B 101 12.25 -8.58 25.24
N GLN B 102 12.07 -9.37 24.17
CA GLN B 102 11.46 -10.67 24.36
C GLN B 102 12.35 -11.57 25.21
N TYR B 103 13.67 -11.53 24.93
CA TYR B 103 14.63 -12.34 25.67
C TYR B 103 14.64 -11.98 27.13
N ARG B 104 14.30 -10.73 27.44
CA ARG B 104 14.30 -10.32 28.84
C ARG B 104 13.30 -11.13 29.65
N GLN B 105 12.29 -11.68 28.98
CA GLN B 105 11.33 -12.53 29.67
C GLN B 105 11.94 -13.87 30.09
N THR B 106 12.79 -14.45 29.23
CA THR B 106 13.51 -15.66 29.60
C THR B 106 14.24 -15.45 30.92
N PHE B 107 14.98 -14.35 31.01
CA PHE B 107 15.73 -14.02 32.22
C PHE B 107 14.81 -13.83 33.40
N GLY B 108 13.76 -13.03 33.21
CA GLY B 108 12.86 -12.74 34.34
C GLY B 108 12.21 -13.99 34.90
N SER B 109 11.64 -14.82 34.01
CA SER B 109 10.99 -16.05 34.44
C SER B 109 12.00 -17.03 35.02
N TRP B 110 13.20 -17.09 34.46
CA TRP B 110 14.21 -18.01 34.96
C TRP B 110 14.65 -17.65 36.37
N ARG B 111 14.99 -16.38 36.60
CA ARG B 111 15.43 -16.02 37.95
C ARG B 111 14.31 -16.21 38.98
N LEU B 112 13.06 -16.09 38.57
CA LEU B 112 11.95 -16.25 39.51
C LEU B 112 11.62 -17.71 39.80
N HIS B 113 11.80 -18.61 38.84
CA HIS B 113 11.24 -19.95 38.95
C HIS B 113 12.24 -21.10 38.89
N VAL B 114 13.49 -20.88 38.53
CA VAL B 114 14.48 -21.95 38.47
C VAL B 114 15.09 -22.07 39.87
N PRO B 115 14.83 -23.14 40.61
CA PRO B 115 15.07 -23.10 42.06
C PRO B 115 16.52 -23.20 42.45
N THR B 116 17.39 -23.53 41.50
CA THR B 116 18.82 -23.64 41.73
C THR B 116 19.57 -22.33 41.51
N VAL B 117 18.87 -21.25 41.11
CA VAL B 117 19.52 -19.95 40.96
C VAL B 117 19.86 -19.40 42.33
N LYS B 118 21.15 -19.07 42.54
CA LYS B 118 21.61 -18.42 43.77
C LYS B 118 21.81 -16.92 43.61
N TRP B 119 22.01 -16.44 42.39
CA TRP B 119 22.13 -15.01 42.16
C TRP B 119 21.84 -14.73 40.71
N ASP B 120 21.49 -13.47 40.43
CA ASP B 120 21.17 -13.04 39.07
C ASP B 120 21.63 -11.59 38.90
N TYR B 121 21.85 -11.20 37.66
CA TYR B 121 22.23 -9.82 37.38
C TYR B 121 21.80 -9.45 35.97
N TYR B 122 21.11 -8.32 35.86
CA TYR B 122 20.70 -7.75 34.58
C TYR B 122 21.57 -6.55 34.30
N VAL B 123 22.29 -6.58 33.17
CA VAL B 123 23.17 -5.49 32.78
C VAL B 123 22.42 -4.61 31.77
N PRO B 124 22.07 -3.34 32.13
CA PRO B 124 21.37 -2.49 31.13
C PRO B 124 22.36 -1.79 30.21
N MET B 125 22.98 -2.60 29.36
CA MET B 125 23.84 -2.08 28.31
C MET B 125 23.03 -1.15 27.42
N PRO B 126 23.53 0.05 27.14
CA PRO B 126 22.86 0.92 26.19
C PRO B 126 22.49 0.20 24.92
N ASN B 127 21.29 0.51 24.42
CA ASN B 127 20.95 0.04 23.09
C ASN B 127 21.53 0.95 22.02
N GLU B 128 21.60 2.25 22.27
CA GLU B 128 22.06 3.20 21.23
C GLU B 128 23.58 3.32 21.26
N VAL B 129 24.24 2.24 20.82
CA VAL B 129 25.71 2.24 20.71
C VAL B 129 26.22 3.31 19.76
N GLN B 130 25.36 3.83 18.88
CA GLN B 130 25.75 4.94 18.02
C GLN B 130 25.78 6.28 18.73
N SER B 131 25.27 6.36 19.96
CA SER B 131 25.28 7.62 20.69
C SER B 131 26.70 7.89 21.19
N PRO B 132 27.14 9.14 21.14
CA PRO B 132 28.44 9.49 21.77
C PRO B 132 28.48 9.29 23.29
N HIS B 133 27.35 9.05 23.94
CA HIS B 133 27.30 8.88 25.41
C HIS B 133 27.22 7.43 25.84
N ALA B 134 27.09 6.49 24.90
CA ALA B 134 26.83 5.11 25.24
C ALA B 134 28.06 4.44 25.85
N ARG B 135 29.26 4.76 25.38
CA ARG B 135 30.47 4.07 25.87
C ARG B 135 30.77 4.44 27.33
N LYS B 136 30.52 5.70 27.71
CA LYS B 136 30.66 6.09 29.10
C LYS B 136 29.64 5.36 29.97
N ALA B 137 28.39 5.30 29.49
CA ALA B 137 27.33 4.64 30.24
C ALA B 137 27.68 3.18 30.44
N HIS B 138 28.14 2.52 29.37
CA HIS B 138 28.46 1.11 29.49
C HIS B 138 29.72 0.88 30.31
N TYR B 139 30.71 1.78 30.24
CA TYR B 139 31.85 1.70 31.16
C TYR B 139 31.37 1.55 32.58
N GLU B 140 30.43 2.41 32.98
CA GLU B 140 29.93 2.39 34.35
C GLU B 140 29.11 1.14 34.66
N GLU B 141 28.33 0.64 33.68
CA GLU B 141 27.64 -0.64 33.85
C GLU B 141 28.62 -1.80 34.07
N VAL B 142 29.68 -1.87 33.27
CA VAL B 142 30.64 -2.95 33.41
C VAL B 142 31.32 -2.86 34.77
N GLN B 143 31.76 -1.65 35.15
CA GLN B 143 32.35 -1.47 36.47
C GLN B 143 31.39 -1.90 37.58
N ALA B 144 30.11 -1.55 37.44
CA ALA B 144 29.15 -1.90 38.49
C ALA B 144 28.98 -3.41 38.58
N PHE B 145 29.00 -4.10 37.45
CA PHE B 145 28.90 -5.56 37.47
C PHE B 145 30.13 -6.16 38.12
N ARG B 146 31.30 -5.58 37.86
CA ARG B 146 32.54 -6.02 38.51
C ARG B 146 32.42 -5.91 40.02
N VAL B 147 31.89 -4.77 40.49
CA VAL B 147 31.74 -4.55 41.92
C VAL B 147 30.77 -5.56 42.50
N PHE B 148 29.66 -5.80 41.79
CA PHE B 148 28.71 -6.84 42.18
C PHE B 148 29.38 -8.19 42.34
N LEU B 149 30.18 -8.61 41.34
CA LEU B 149 30.81 -9.92 41.36
C LEU B 149 31.83 -10.03 42.48
N GLN B 150 32.57 -8.94 42.73
CA GLN B 150 33.55 -8.90 43.80
C GLN B 150 32.86 -9.06 45.14
N THR B 151 31.73 -8.39 45.28
CA THR B 151 30.95 -8.49 46.51
C THR B 151 30.42 -9.90 46.67
N LEU B 152 29.90 -10.47 45.58
CA LEU B 152 29.31 -11.81 45.61
C LEU B 152 30.33 -12.87 45.99
N THR B 153 31.52 -12.81 45.39
CA THR B 153 32.52 -13.82 45.65
C THR B 153 33.43 -13.50 46.83
N GLY B 154 33.42 -12.26 47.31
CA GLY B 154 34.31 -11.86 48.37
C GLY B 154 35.76 -11.79 47.97
N LYS B 155 36.05 -11.79 46.67
CA LYS B 155 37.43 -11.77 46.19
C LYS B 155 37.61 -10.59 45.24
N GLU B 156 38.66 -9.82 45.45
CA GLU B 156 38.91 -8.65 44.62
C GLU B 156 39.14 -9.10 43.20
N ILE B 157 38.48 -8.45 42.26
CA ILE B 157 38.70 -8.70 40.84
C ILE B 157 39.57 -7.55 40.37
N THR B 158 40.87 -7.80 40.24
CA THR B 158 41.82 -6.75 39.94
C THR B 158 41.88 -6.48 38.44
N ASP B 159 42.53 -5.37 38.08
CA ASP B 159 42.73 -5.04 36.67
C ASP B 159 43.51 -6.15 35.98
N ALA B 160 44.50 -6.71 36.67
CA ALA B 160 45.31 -7.76 36.08
C ALA B 160 44.46 -8.98 35.77
N MET B 161 43.53 -9.29 36.66
CA MET B 161 42.66 -10.43 36.45
C MET B 161 41.75 -10.18 35.26
N LEU B 162 41.19 -8.97 35.18
CA LEU B 162 40.35 -8.61 34.04
C LEU B 162 41.15 -8.62 32.75
N SER B 163 42.40 -8.14 32.79
N SER B 163 42.41 -8.16 32.80
CA SER B 163 43.20 -8.11 31.58
CA SER B 163 43.21 -8.12 31.59
C SER B 163 43.52 -9.53 31.11
C SER B 163 43.53 -9.52 31.11
N ASP B 164 43.77 -10.44 32.04
CA ASP B 164 44.02 -11.84 31.64
C ASP B 164 42.76 -12.46 31.05
N ALA B 165 41.59 -12.19 31.63
CA ALA B 165 40.36 -12.69 31.04
C ALA B 165 40.11 -12.08 29.66
N LEU B 166 40.39 -10.79 29.51
CA LEU B 166 40.18 -10.16 28.20
C LEU B 166 41.12 -10.76 27.18
N ALA B 167 42.36 -11.03 27.59
CA ALA B 167 43.29 -11.67 26.66
C ALA B 167 42.78 -13.03 26.20
N VAL B 168 42.19 -13.80 27.11
CA VAL B 168 41.65 -15.11 26.74
C VAL B 168 40.48 -14.96 25.75
N CYS B 169 39.58 -14.02 26.02
CA CYS B 169 38.44 -13.79 25.13
C CYS B 169 38.90 -13.26 23.78
N ASP B 170 39.80 -12.27 23.77
CA ASP B 170 40.31 -11.73 22.51
C ASP B 170 41.04 -12.80 21.71
N GLU B 171 41.78 -13.69 22.37
CA GLU B 171 42.44 -14.75 21.61
C GLU B 171 41.38 -15.66 20.98
N ASN B 172 40.31 -15.96 21.70
CA ASN B 172 39.24 -16.77 21.14
C ASN B 172 38.65 -16.07 19.92
N ARG B 173 38.38 -14.77 20.05
CA ARG B 173 37.80 -14.01 18.94
C ARG B 173 38.74 -13.99 17.73
N ARG B 174 40.06 -13.84 17.97
CA ARG B 174 41.02 -13.83 16.87
C ARG B 174 41.14 -15.19 16.23
N LEU B 175 41.15 -16.24 17.04
CA LEU B 175 41.24 -17.60 16.51
C LEU B 175 40.01 -17.94 15.67
N LEU B 176 38.81 -17.57 16.14
CA LEU B 176 37.60 -17.83 15.37
C LEU B 176 37.63 -17.07 14.05
N ARG B 177 38.20 -15.85 14.05
CA ARG B 177 38.29 -15.10 12.79
C ARG B 177 39.29 -15.77 11.84
N GLU B 178 40.40 -16.28 12.38
CA GLU B 178 41.35 -17.04 11.59
C GLU B 178 40.72 -18.28 10.99
N LEU B 179 39.91 -18.99 11.79
CA LEU B 179 39.17 -20.13 11.28
C LEU B 179 38.28 -19.71 10.13
N TYR B 180 37.57 -18.59 10.29
CA TYR B 180 36.67 -18.13 9.24
C TYR B 180 37.40 -17.77 7.95
N GLU B 181 38.66 -17.33 8.04
CA GLU B 181 39.40 -16.97 6.84
C GLU B 181 39.40 -18.12 5.84
N TYR B 182 39.46 -19.36 6.34
CA TYR B 182 39.52 -20.52 5.46
C TYR B 182 38.26 -20.66 4.61
N ARG B 183 37.14 -20.10 5.07
CA ARG B 183 35.89 -20.20 4.35
C ARG B 183 35.86 -19.32 3.10
N LYS B 184 36.79 -18.37 2.98
CA LYS B 184 36.88 -17.56 1.78
C LYS B 184 37.45 -18.31 0.59
N ALA B 185 38.10 -19.45 0.81
CA ALA B 185 38.68 -20.18 -0.31
C ALA B 185 37.60 -20.76 -1.22
N ALA B 186 37.99 -21.01 -2.48
CA ALA B 186 37.06 -21.60 -3.45
C ALA B 186 36.53 -22.95 -2.98
N ASP B 187 37.40 -23.80 -2.44
CA ASP B 187 37.05 -25.08 -1.84
C ASP B 187 37.32 -25.00 -0.35
N PRO B 188 36.39 -24.51 0.45
CA PRO B 188 36.72 -24.23 1.85
C PRO B 188 37.14 -25.47 2.62
N LYS B 189 38.21 -25.34 3.38
CA LYS B 189 38.68 -26.41 4.25
C LYS B 189 37.88 -26.51 5.53
N VAL B 190 36.92 -25.60 5.76
CA VAL B 190 36.04 -25.59 6.92
C VAL B 190 34.62 -25.43 6.39
N THR B 191 33.75 -26.39 6.70
CA THR B 191 32.35 -26.24 6.30
C THR B 191 31.61 -25.28 7.25
N GLY B 192 30.43 -24.85 6.81
CA GLY B 192 29.64 -23.99 7.66
C GLY B 192 29.20 -24.69 8.94
N VAL B 193 28.91 -25.99 8.84
CA VAL B 193 28.57 -26.78 10.03
C VAL B 193 29.75 -26.84 10.98
N GLU B 194 30.95 -27.12 10.46
CA GLU B 194 32.12 -27.17 11.31
C GLU B 194 32.39 -25.81 11.97
N ALA B 195 32.29 -24.74 11.19
CA ALA B 195 32.45 -23.41 11.77
C ALA B 195 31.44 -23.17 12.89
N LEU B 196 30.20 -23.64 12.70
CA LEU B 196 29.14 -23.43 13.71
C LEU B 196 29.41 -24.20 14.98
N TYR B 197 29.86 -25.46 14.88
CA TYR B 197 30.23 -26.18 16.09
C TYR B 197 31.29 -25.42 16.87
N ALA B 198 32.28 -24.86 16.16
CA ALA B 198 33.36 -24.13 16.80
C ALA B 198 32.87 -22.84 17.44
N SER B 199 32.06 -22.05 16.73
CA SER B 199 31.65 -20.74 17.25
C SER B 199 30.57 -20.86 18.33
N LEU B 200 29.73 -21.89 18.27
CA LEU B 200 28.71 -22.08 19.29
C LEU B 200 29.34 -22.58 20.59
N THR B 201 30.24 -23.57 20.49
CA THR B 201 30.86 -24.12 21.70
C THR B 201 31.73 -23.09 22.41
N ALA B 202 32.26 -22.12 21.66
CA ALA B 202 32.99 -21.00 22.27
C ALA B 202 32.17 -20.35 23.39
N GLN B 203 30.86 -20.46 23.31
CA GLN B 203 29.93 -19.76 24.20
C GLN B 203 29.59 -20.55 25.46
N PHE B 204 30.09 -21.77 25.60
CA PHE B 204 29.81 -22.53 26.82
C PHE B 204 30.93 -23.51 27.21
N ILE B 205 32.12 -23.38 26.63
CA ILE B 205 33.30 -24.16 27.01
C ILE B 205 34.32 -23.18 27.58
N ASP B 206 35.16 -23.68 28.50
CA ASP B 206 36.17 -22.81 29.07
C ASP B 206 37.03 -22.25 27.94
N LYS B 207 37.15 -20.92 27.88
CA LYS B 207 37.80 -20.29 26.74
C LYS B 207 39.26 -20.75 26.60
N ARG B 208 39.95 -20.98 27.72
CA ARG B 208 41.33 -21.50 27.63
C ARG B 208 41.34 -22.86 26.94
N GLU B 209 40.40 -23.73 27.29
CA GLU B 209 40.35 -25.04 26.65
C GLU B 209 39.91 -24.93 25.21
N HIS B 210 38.94 -24.05 24.93
CA HIS B 210 38.46 -23.87 23.57
C HIS B 210 39.55 -23.31 22.67
N ASN B 211 40.32 -22.33 23.17
CA ASN B 211 41.41 -21.77 22.38
C ASN B 211 42.44 -22.83 22.00
N GLU B 212 42.76 -23.73 22.93
CA GLU B 212 43.70 -24.80 22.63
C GLU B 212 43.17 -25.67 21.49
N MET B 213 41.87 -25.96 21.50
N MET B 213 41.87 -25.96 21.50
CA MET B 213 41.30 -26.78 20.45
CA MET B 213 41.30 -26.78 20.45
C MET B 213 41.26 -26.02 19.13
C MET B 213 41.26 -26.02 19.13
N LEU B 214 40.99 -24.70 19.16
CA LEU B 214 41.05 -23.93 17.93
C LEU B 214 42.47 -23.90 17.36
N LYS B 215 43.48 -23.82 18.25
CA LYS B 215 44.87 -23.79 17.78
C LYS B 215 45.26 -25.11 17.15
N LYS B 216 44.80 -26.22 17.72
CA LYS B 216 45.02 -27.52 17.08
C LYS B 216 44.33 -27.57 15.73
N THR B 217 43.08 -27.09 15.66
CA THR B 217 42.33 -27.12 14.40
C THR B 217 43.08 -26.36 13.31
N LEU B 218 43.53 -25.15 13.63
CA LEU B 218 44.24 -24.34 12.65
C LEU B 218 45.59 -24.93 12.28
N ALA B 219 46.23 -25.65 13.20
CA ALA B 219 47.48 -26.32 12.87
C ALA B 219 47.27 -27.44 11.86
N ALA B 220 46.06 -28.00 11.79
CA ALA B 220 45.76 -29.11 10.91
C ALA B 220 45.19 -28.68 9.56
N LEU B 221 44.69 -27.46 9.47
CA LEU B 221 43.96 -27.05 8.26
C LEU B 221 44.85 -26.89 7.02
N PRO B 222 46.07 -26.37 7.15
CA PRO B 222 46.90 -26.19 5.94
C PRO B 222 46.99 -27.43 5.08
N ASN B 223 47.05 -28.61 5.70
CA ASN B 223 47.20 -29.86 4.98
C ASN B 223 45.95 -30.72 4.97
N ARG B 224 44.82 -30.18 5.43
CA ARG B 224 43.59 -30.95 5.45
C ARG B 224 43.10 -31.15 4.03
N LYS B 225 42.71 -32.39 3.72
CA LYS B 225 42.24 -32.74 2.39
C LYS B 225 40.74 -32.46 2.27
N VAL B 226 40.35 -31.82 1.18
CA VAL B 226 38.95 -31.52 0.89
C VAL B 226 38.44 -32.54 -0.13
N GLU B 227 37.36 -33.22 0.22
CA GLU B 227 36.77 -34.22 -0.65
C GLU B 227 35.43 -33.78 -1.24
N ARG B 228 34.65 -33.01 -0.50
CA ARG B 228 33.33 -32.60 -0.96
C ARG B 228 33.44 -31.47 -1.98
N LYS B 229 32.43 -31.36 -2.82
CA LYS B 229 32.33 -30.26 -3.76
C LYS B 229 31.65 -29.08 -3.09
N THR B 230 32.05 -27.87 -3.48
CA THR B 230 31.57 -26.68 -2.79
C THR B 230 30.09 -26.41 -3.07
N GLY B 231 29.67 -26.58 -4.32
CA GLY B 231 28.30 -26.20 -4.66
C GLY B 231 28.12 -24.69 -4.49
N ALA B 232 26.87 -24.28 -4.30
CA ALA B 232 26.59 -22.84 -4.17
C ALA B 232 27.13 -22.29 -2.86
N ARG B 233 27.62 -21.05 -2.90
CA ARG B 233 28.17 -20.38 -1.73
C ARG B 233 27.04 -19.64 -1.01
N PHE B 234 26.62 -20.13 0.16
CA PHE B 234 25.48 -19.54 0.87
C PHE B 234 25.95 -18.73 2.08
N MET B 235 25.16 -17.72 2.43
CA MET B 235 25.24 -17.02 3.70
C MET B 235 23.95 -17.30 4.46
N THR B 236 24.05 -17.57 5.76
CA THR B 236 22.89 -17.62 6.63
C THR B 236 22.81 -16.36 7.48
N ILE B 237 21.59 -15.82 7.64
CA ILE B 237 21.35 -14.55 8.34
C ILE B 237 20.22 -14.79 9.34
N GLY B 238 20.39 -14.32 10.57
CA GLY B 238 19.31 -14.42 11.54
C GLY B 238 19.70 -13.95 12.91
N SER B 239 18.90 -14.35 13.89
CA SER B 239 19.16 -13.94 15.26
C SER B 239 20.20 -14.88 15.83
N GLU B 240 19.77 -16.06 16.30
CA GLU B 240 20.65 -17.07 16.90
C GLU B 240 21.17 -18.05 15.85
N ASN B 241 20.26 -18.75 15.16
CA ASN B 241 20.61 -19.75 14.13
C ASN B 241 21.51 -20.85 14.70
N ASP B 242 20.95 -21.65 15.60
CA ASP B 242 21.75 -22.65 16.29
C ASP B 242 21.25 -24.07 16.07
N ASP B 243 20.43 -24.27 15.06
CA ASP B 243 20.01 -25.63 14.72
C ASP B 243 21.01 -26.21 13.73
N ILE B 244 22.04 -26.86 14.27
CA ILE B 244 23.08 -27.41 13.42
C ILE B 244 22.53 -28.46 12.47
N ALA B 245 21.54 -29.24 12.91
CA ALA B 245 20.97 -30.25 12.03
C ALA B 245 20.37 -29.62 10.78
N PHE B 246 19.74 -28.47 10.93
CA PHE B 246 19.21 -27.79 9.76
C PHE B 246 20.33 -27.32 8.84
N MET B 247 21.38 -26.72 9.40
CA MET B 247 22.50 -26.29 8.57
C MET B 247 23.14 -27.49 7.85
N GLY B 248 23.16 -28.66 8.47
CA GLY B 248 23.71 -29.84 7.82
C GLY B 248 22.92 -30.27 6.60
N MET B 249 21.59 -30.12 6.66
CA MET B 249 20.78 -30.38 5.47
C MET B 249 21.15 -29.43 4.35
N VAL B 250 21.27 -28.15 4.65
CA VAL B 250 21.61 -27.16 3.62
C VAL B 250 22.90 -27.54 2.91
N GLU B 251 23.91 -27.94 3.66
CA GLU B 251 25.20 -28.29 3.07
C GLU B 251 25.21 -29.65 2.42
N SER B 252 24.11 -30.39 2.48
CA SER B 252 24.04 -31.72 1.88
C SER B 252 23.30 -31.71 0.55
N VAL B 253 22.72 -30.57 0.16
CA VAL B 253 21.92 -30.49 -1.05
C VAL B 253 22.66 -29.84 -2.20
N GLY B 254 23.92 -29.46 -2.01
CA GLY B 254 24.74 -28.93 -3.10
C GLY B 254 25.22 -27.53 -2.81
N ALA B 255 25.50 -27.25 -1.55
CA ALA B 255 25.92 -25.91 -1.16
C ALA B 255 26.92 -25.99 -0.02
N THR B 256 27.56 -24.86 0.23
CA THR B 256 28.36 -24.65 1.42
C THR B 256 27.98 -23.31 2.03
N ILE B 257 27.74 -23.29 3.33
CA ILE B 257 27.56 -22.03 4.04
C ILE B 257 28.94 -21.46 4.31
N VAL B 258 29.28 -20.37 3.61
CA VAL B 258 30.62 -19.82 3.70
C VAL B 258 30.75 -18.66 4.68
N ILE B 259 29.63 -18.09 5.14
CA ILE B 259 29.70 -17.00 6.12
C ILE B 259 28.31 -16.86 6.68
N ASP B 260 28.19 -16.11 7.77
CA ASP B 260 26.91 -15.99 8.44
C ASP B 260 26.85 -14.65 9.14
N ASP B 261 25.62 -14.23 9.43
CA ASP B 261 25.32 -13.07 10.26
C ASP B 261 24.34 -13.55 11.33
N GLN B 262 24.86 -14.03 12.44
CA GLN B 262 24.02 -14.67 13.47
C GLN B 262 24.83 -14.76 14.75
N CYS B 263 24.13 -14.87 15.87
CA CYS B 263 24.77 -14.90 17.20
C CYS B 263 25.31 -16.27 17.58
N SER B 264 24.94 -17.34 16.86
CA SER B 264 25.65 -18.59 17.00
C SER B 264 27.04 -18.50 16.39
N GLY B 265 27.28 -17.47 15.57
CA GLY B 265 28.47 -17.33 14.76
C GLY B 265 29.10 -15.95 14.83
N SER B 266 29.14 -15.26 13.69
CA SER B 266 29.97 -14.07 13.57
C SER B 266 29.57 -12.95 14.52
N ARG B 267 28.27 -12.77 14.76
CA ARG B 267 27.88 -11.63 15.56
C ARG B 267 28.35 -11.76 16.99
N TYR B 268 28.65 -13.00 17.43
CA TYR B 268 29.14 -13.19 18.79
C TYR B 268 30.57 -12.72 18.94
N PHE B 269 31.44 -13.12 18.01
CA PHE B 269 32.88 -13.02 18.23
C PHE B 269 33.59 -11.96 17.39
N TRP B 270 32.90 -11.32 16.45
CA TRP B 270 33.60 -10.77 15.28
C TRP B 270 34.81 -9.91 15.63
N ASN B 271 34.64 -8.94 16.52
CA ASN B 271 35.73 -8.01 16.85
C ASN B 271 36.39 -8.34 18.18
N ALA B 272 37.72 -8.26 18.19
CA ALA B 272 38.44 -8.23 19.46
C ALA B 272 38.47 -6.81 20.00
N SER B 273 38.76 -6.67 21.30
CA SER B 273 38.90 -5.36 21.88
C SER B 273 40.07 -4.59 21.29
N LYS B 274 40.03 -3.27 21.46
CA LYS B 274 41.13 -2.41 21.08
C LYS B 274 42.17 -2.34 22.18
N PRO B 275 43.45 -2.15 21.81
CA PRO B 275 44.49 -1.95 22.82
C PRO B 275 44.17 -0.68 23.61
N GLU B 276 44.30 -0.78 24.92
CA GLU B 276 43.70 0.24 25.78
C GLU B 276 44.17 -0.09 27.20
N GLY B 277 44.61 0.93 27.93
CA GLY B 277 45.15 0.70 29.27
C GLY B 277 44.13 0.57 30.37
N ASP B 278 42.95 1.16 30.22
CA ASP B 278 41.89 1.03 31.20
C ASP B 278 41.06 -0.18 30.77
N VAL B 279 41.22 -1.28 31.51
CA VAL B 279 40.62 -2.55 31.09
C VAL B 279 39.09 -2.50 31.08
N ILE B 280 38.47 -1.74 31.99
CA ILE B 280 37.01 -1.61 31.94
C ILE B 280 36.55 -0.94 30.64
N LYS B 281 37.25 0.13 30.23
CA LYS B 281 36.95 0.76 28.95
C LYS B 281 37.16 -0.22 27.79
N ALA B 282 38.27 -0.97 27.80
CA ALA B 282 38.50 -1.92 26.70
C ALA B 282 37.36 -2.93 26.60
N ILE B 283 36.91 -3.45 27.74
CA ILE B 283 35.83 -4.44 27.74
C ILE B 283 34.53 -3.79 27.30
N ALA B 284 34.12 -2.70 27.95
CA ALA B 284 32.85 -2.08 27.64
C ALA B 284 32.80 -1.68 26.17
N GLU B 285 33.88 -1.10 25.66
CA GLU B 285 33.83 -0.60 24.29
C GLU B 285 33.85 -1.72 23.28
N ARG B 286 34.48 -2.87 23.59
CA ARG B 286 34.43 -3.99 22.67
C ARG B 286 32.99 -4.37 22.36
N TYR B 287 32.12 -4.37 23.37
CA TYR B 287 30.75 -4.75 23.13
C TYR B 287 29.98 -3.65 22.42
N CYS B 288 30.27 -2.39 22.74
CA CYS B 288 29.61 -1.31 22.04
C CYS B 288 30.03 -1.25 20.58
N ASP B 289 31.28 -1.61 20.28
CA ASP B 289 31.82 -1.53 18.93
C ASP B 289 31.51 -2.78 18.11
N ARG B 290 30.97 -3.81 18.73
CA ARG B 290 30.65 -5.06 18.07
C ARG B 290 29.57 -4.85 17.00
N PRO B 291 29.56 -5.65 15.93
CA PRO B 291 28.41 -5.59 15.02
C PRO B 291 27.12 -5.69 15.81
N ALA B 292 26.19 -4.79 15.52
CA ALA B 292 25.05 -4.55 16.40
C ALA B 292 23.90 -5.53 16.17
N CYS B 293 23.31 -6.01 17.26
CA CYS B 293 21.96 -6.55 17.22
C CYS B 293 21.04 -5.55 16.52
N PRO B 294 20.06 -6.01 15.72
CA PRO B 294 19.08 -5.03 15.17
C PRO B 294 18.50 -4.10 16.20
N THR B 295 18.23 -4.60 17.41
CA THR B 295 17.68 -3.76 18.48
C THR B 295 18.59 -2.58 18.80
N LYS B 296 19.90 -2.75 18.61
CA LYS B 296 20.89 -1.73 18.94
C LYS B 296 21.38 -0.98 17.70
N ASP B 297 20.68 -1.11 16.58
CA ASP B 297 21.16 -0.57 15.31
C ASP B 297 20.21 0.53 14.85
N TYR B 298 20.42 1.73 15.40
CA TYR B 298 19.70 2.95 15.08
C TYR B 298 20.53 4.12 15.59
N PRO B 299 20.40 5.30 14.99
CA PRO B 299 19.54 5.60 13.83
C PRO B 299 19.97 4.95 12.51
N ALA B 300 21.24 4.68 12.32
CA ALA B 300 21.71 4.10 11.07
C ALA B 300 21.61 2.58 11.11
N HIS B 301 21.26 2.01 9.97
CA HIS B 301 21.29 0.55 9.82
C HIS B 301 22.72 0.13 9.44
N THR B 302 23.64 0.26 10.41
CA THR B 302 25.04 -0.14 10.14
C THR B 302 25.11 -1.63 9.81
N ARG B 303 24.11 -2.39 10.29
CA ARG B 303 24.06 -3.81 10.00
C ARG B 303 24.04 -4.07 8.50
N PHE B 304 23.35 -3.23 7.74
CA PHE B 304 23.24 -3.49 6.30
C PHE B 304 24.62 -3.53 5.66
N ASP B 305 25.51 -2.60 6.04
CA ASP B 305 26.87 -2.53 5.49
C ASP B 305 27.72 -3.69 5.99
N HIS B 306 27.55 -4.07 7.25
CA HIS B 306 28.27 -5.21 7.78
C HIS B 306 27.90 -6.50 7.04
N VAL B 307 26.61 -6.73 6.84
CA VAL B 307 26.16 -7.96 6.19
C VAL B 307 26.63 -7.99 4.74
N LEU B 308 26.46 -6.87 4.03
CA LEU B 308 26.85 -6.85 2.62
C LEU B 308 28.37 -7.00 2.49
N GLY B 309 29.12 -6.35 3.39
CA GLY B 309 30.56 -6.47 3.34
C GLY B 309 31.01 -7.90 3.58
N MET B 310 30.39 -8.57 4.54
CA MET B 310 30.73 -9.99 4.75
C MET B 310 30.38 -10.80 3.51
N ALA B 311 29.22 -10.51 2.89
CA ALA B 311 28.80 -11.28 1.72
C ALA B 311 29.80 -11.11 0.58
N LYS B 312 30.32 -9.90 0.39
CA LYS B 312 31.26 -9.67 -0.70
C LYS B 312 32.63 -10.27 -0.39
N GLU B 313 33.08 -10.18 0.87
CA GLU B 313 34.40 -10.65 1.23
C GLU B 313 34.47 -12.18 1.18
N TYR B 314 33.35 -12.86 1.43
CA TYR B 314 33.30 -14.32 1.35
C TYR B 314 32.65 -14.84 0.08
N ASN B 315 32.42 -13.97 -0.92
CA ASN B 315 31.99 -14.38 -2.26
C ASN B 315 30.69 -15.19 -2.24
N VAL B 316 29.70 -14.61 -1.56
CA VAL B 316 28.40 -15.25 -1.36
C VAL B 316 27.60 -15.15 -2.64
N GLU B 317 26.97 -16.26 -3.01
CA GLU B 317 26.10 -16.33 -4.18
C GLU B 317 24.63 -16.28 -3.82
N GLY B 318 24.27 -16.66 -2.60
CA GLY B 318 22.89 -16.59 -2.17
C GLY B 318 22.81 -16.43 -0.68
N ALA B 319 21.85 -15.64 -0.21
CA ALA B 319 21.69 -15.41 1.21
C ALA B 319 20.36 -15.98 1.67
N ILE B 320 20.41 -16.75 2.77
CA ILE B 320 19.24 -17.39 3.36
C ILE B 320 18.92 -16.71 4.69
N PHE B 321 17.77 -16.05 4.77
CA PHE B 321 17.27 -15.50 6.02
C PHE B 321 16.56 -16.61 6.75
N LEU B 322 17.07 -16.95 7.94
CA LEU B 322 16.42 -17.87 8.85
C LEU B 322 15.82 -16.99 9.92
N GLN B 323 14.51 -17.00 10.04
CA GLN B 323 13.85 -16.15 11.02
C GLN B 323 13.03 -16.95 12.00
N GLN B 324 13.20 -16.63 13.28
CA GLN B 324 12.33 -17.19 14.30
C GLN B 324 10.97 -16.56 14.14
N LYS B 325 9.94 -17.38 14.30
CA LYS B 325 8.59 -16.82 14.31
C LYS B 325 8.53 -15.70 15.34
N PHE B 326 7.85 -14.61 15.00
CA PHE B 326 7.56 -13.50 15.91
C PHE B 326 8.75 -12.61 16.22
N CYS B 327 9.88 -12.77 15.56
CA CYS B 327 11.11 -12.04 15.95
C CYS B 327 11.09 -10.59 15.49
N ASP B 328 10.67 -9.69 16.39
CA ASP B 328 10.48 -8.30 16.00
C ASP B 328 11.73 -7.58 15.56
N PRO B 329 12.89 -7.74 16.22
CA PRO B 329 14.04 -6.91 15.80
C PRO B 329 14.46 -7.27 14.37
N HIS B 330 14.46 -8.55 14.05
CA HIS B 330 14.92 -8.95 12.72
C HIS B 330 13.83 -8.76 11.69
N GLU B 331 12.56 -8.88 12.09
CA GLU B 331 11.45 -8.55 11.19
C GLU B 331 11.51 -7.09 10.80
N GLY B 332 11.84 -6.22 11.76
CA GLY B 332 11.91 -4.81 11.47
C GLY B 332 12.96 -4.44 10.43
N ASP B 333 14.08 -5.17 10.41
CA ASP B 333 15.16 -4.93 9.45
C ASP B 333 14.96 -5.68 8.14
N TYR B 334 14.15 -6.73 8.14
CA TYR B 334 14.19 -7.71 7.06
C TYR B 334 13.85 -7.13 5.69
N PRO B 335 12.76 -6.40 5.50
CA PRO B 335 12.42 -6.02 4.11
C PRO B 335 13.52 -5.21 3.45
N ASP B 336 14.11 -4.27 4.18
CA ASP B 336 15.13 -3.44 3.57
C ASP B 336 16.51 -4.12 3.54
N LEU B 337 16.85 -4.98 4.51
CA LEU B 337 18.10 -5.74 4.36
C LEU B 337 18.03 -6.66 3.14
N LYS B 338 16.90 -7.33 2.96
CA LYS B 338 16.68 -8.12 1.75
C LYS B 338 16.89 -7.28 0.51
N ARG B 339 16.26 -6.12 0.44
CA ARG B 339 16.41 -5.28 -0.75
C ARG B 339 17.86 -4.89 -0.96
N HIS B 340 18.58 -4.61 0.12
CA HIS B 340 19.96 -4.17 0.00
C HIS B 340 20.84 -5.24 -0.59
N LEU B 341 20.65 -6.48 -0.18
CA LEU B 341 21.43 -7.57 -0.75
C LEU B 341 21.04 -7.84 -2.20
N GLU B 342 19.75 -7.86 -2.49
CA GLU B 342 19.30 -8.13 -3.86
C GLU B 342 19.74 -7.03 -4.82
N GLU B 343 19.64 -5.77 -4.41
CA GLU B 343 20.12 -4.69 -5.24
C GLU B 343 21.62 -4.79 -5.52
N ASN B 344 22.38 -5.47 -4.66
CA ASN B 344 23.79 -5.66 -4.84
C ASN B 344 24.12 -7.04 -5.40
N GLY B 345 23.14 -7.69 -5.99
CA GLY B 345 23.39 -8.87 -6.78
C GLY B 345 23.35 -10.18 -6.04
N ILE B 346 22.74 -10.22 -4.87
CA ILE B 346 22.70 -11.44 -4.07
C ILE B 346 21.25 -11.86 -3.92
N PRO B 347 20.82 -12.90 -4.61
CA PRO B 347 19.44 -13.40 -4.42
C PRO B 347 19.24 -13.94 -3.00
N THR B 348 18.00 -13.83 -2.52
CA THR B 348 17.71 -14.20 -1.13
C THR B 348 16.56 -15.20 -1.03
N LEU B 349 16.58 -15.93 0.11
CA LEU B 349 15.54 -16.91 0.41
C LEU B 349 15.12 -16.67 1.86
N PHE B 350 13.81 -16.80 2.12
CA PHE B 350 13.26 -16.57 3.47
C PHE B 350 12.69 -17.86 4.05
N LEU B 351 13.12 -18.24 5.25
CA LEU B 351 12.59 -19.42 5.91
C LEU B 351 12.28 -19.07 7.37
N GLU B 352 11.13 -19.53 7.86
CA GLU B 352 10.68 -19.20 9.20
C GLU B 352 10.62 -20.46 10.05
N PHE B 353 11.01 -20.33 11.33
CA PHE B 353 11.21 -21.49 12.19
C PHE B 353 10.40 -21.40 13.47
N ASP B 354 9.91 -22.57 13.90
CA ASP B 354 9.31 -22.76 15.21
C ASP B 354 10.35 -23.46 16.11
N ILE B 355 9.92 -23.86 17.31
CA ILE B 355 10.84 -24.58 18.19
C ILE B 355 11.34 -25.84 17.50
N THR B 356 10.42 -26.62 16.92
CA THR B 356 10.73 -27.79 16.11
C THR B 356 10.14 -27.58 14.73
N ASN B 357 10.75 -28.20 13.72
CA ASN B 357 10.18 -28.09 12.36
C ASN B 357 10.54 -29.32 11.55
N PRO B 358 9.58 -29.98 10.90
CA PRO B 358 9.94 -31.01 9.91
C PRO B 358 10.91 -30.43 8.88
N ILE B 359 11.97 -31.19 8.57
CA ILE B 359 12.97 -30.65 7.67
C ILE B 359 12.56 -30.73 6.19
N GLY B 360 11.65 -31.64 5.85
CA GLY B 360 11.29 -31.89 4.46
C GLY B 360 10.91 -30.64 3.70
N PRO B 361 9.95 -29.87 4.24
CA PRO B 361 9.55 -28.62 3.55
C PRO B 361 10.68 -27.63 3.34
N PHE B 362 11.61 -27.49 4.29
CA PHE B 362 12.72 -26.57 4.10
C PHE B 362 13.68 -27.07 3.02
N ARG B 363 13.94 -28.38 2.97
CA ARG B 363 14.85 -28.88 1.94
C ARG B 363 14.28 -28.63 0.54
N ILE B 364 12.97 -28.80 0.37
CA ILE B 364 12.38 -28.52 -0.93
C ILE B 364 12.60 -27.06 -1.32
N ARG B 365 12.48 -26.14 -0.35
CA ARG B 365 12.69 -24.73 -0.65
C ARG B 365 14.15 -24.44 -0.99
N ILE B 366 15.09 -25.07 -0.26
CA ILE B 366 16.50 -24.86 -0.54
C ILE B 366 16.84 -25.36 -1.95
N GLU B 367 16.35 -26.56 -2.30
CA GLU B 367 16.63 -27.10 -3.63
C GLU B 367 16.07 -26.21 -4.71
N ALA B 368 14.91 -25.60 -4.47
CA ALA B 368 14.33 -24.70 -5.47
C ALA B 368 15.15 -23.41 -5.57
N PHE B 369 15.63 -22.91 -4.42
CA PHE B 369 16.53 -21.77 -4.42
C PHE B 369 17.80 -22.06 -5.20
N LEU B 370 18.35 -23.27 -5.08
CA LEU B 370 19.57 -23.60 -5.81
C LEU B 370 19.34 -23.59 -7.30
N GLU B 371 18.14 -23.99 -7.73
CA GLU B 371 17.83 -23.94 -9.16
C GLU B 371 17.78 -22.50 -9.66
N THR B 372 17.34 -21.56 -8.83
CA THR B 372 17.31 -20.16 -9.23
C THR B 372 18.71 -19.60 -9.39
N LEU B 373 19.60 -19.90 -8.44
CA LEU B 373 20.98 -19.43 -8.56
C LEU B 373 21.61 -19.91 -9.86
N SER B 374 21.24 -21.11 -10.31
CA SER B 374 21.86 -21.74 -11.46
C SER B 374 21.51 -21.05 -12.77
N GLU B 375 20.75 -19.95 -12.74
CA GLU B 375 20.26 -19.32 -13.96
C GLU B 375 20.81 -17.92 -14.19
N GLU B 376 21.13 -17.18 -13.13
CA GLU B 376 21.64 -15.83 -13.30
C GLU B 376 22.72 -15.47 -12.28
N ASN C 6 12.49 -31.57 -37.05
CA ASN C 6 13.62 -30.70 -37.36
C ASN C 6 13.80 -30.60 -38.88
N LYS C 7 12.87 -29.86 -39.47
CA LYS C 7 12.68 -29.68 -40.90
C LYS C 7 13.54 -28.54 -41.42
N TYR C 8 13.68 -27.46 -40.66
CA TYR C 8 14.41 -26.30 -41.10
C TYR C 8 15.63 -26.09 -40.23
N PRO C 9 16.68 -25.45 -40.77
CA PRO C 9 17.77 -24.96 -39.91
C PRO C 9 17.24 -23.90 -38.96
N THR C 10 17.84 -23.84 -37.76
CA THR C 10 17.46 -22.88 -36.74
C THR C 10 18.72 -22.33 -36.08
N GLU C 11 18.64 -21.09 -35.61
N GLU C 11 18.58 -21.15 -35.49
CA GLU C 11 19.74 -20.44 -34.90
CA GLU C 11 19.70 -20.44 -34.88
C GLU C 11 19.19 -19.44 -33.90
C GLU C 11 19.18 -19.41 -33.90
N GLN C 12 19.93 -19.21 -32.82
CA GLN C 12 19.62 -18.16 -31.86
C GLN C 12 19.97 -16.80 -32.45
N LEU C 13 19.37 -15.76 -31.90
CA LEU C 13 19.63 -14.41 -32.40
C LEU C 13 20.94 -13.89 -31.86
N LYS C 14 21.76 -13.34 -32.76
CA LYS C 14 23.03 -12.78 -32.33
C LYS C 14 22.84 -11.48 -31.57
N LEU C 15 21.82 -10.68 -31.91
CA LEU C 15 21.61 -9.40 -31.26
C LEU C 15 20.77 -9.49 -29.99
N TRP C 16 20.46 -10.70 -29.52
CA TRP C 16 19.63 -10.87 -28.33
C TRP C 16 20.19 -10.12 -27.13
N GLY C 17 21.46 -10.37 -26.79
CA GLY C 17 22.07 -9.72 -25.63
C GLY C 17 22.01 -8.21 -25.70
N LYS C 18 22.20 -7.65 -26.90
CA LYS C 18 22.12 -6.20 -27.05
C LYS C 18 20.70 -5.73 -26.82
N ALA C 19 19.70 -6.49 -27.29
CA ALA C 19 18.32 -6.09 -27.06
C ALA C 19 18.03 -6.07 -25.57
N LYS C 20 18.53 -7.07 -24.85
CA LYS C 20 18.33 -7.13 -23.42
C LYS C 20 19.05 -5.99 -22.72
N GLU C 21 20.28 -5.72 -23.13
CA GLU C 21 21.09 -4.68 -22.50
C GLU C 21 20.49 -3.29 -22.74
N LEU C 22 19.98 -3.04 -23.94
CA LEU C 22 19.40 -1.73 -24.20
C LEU C 22 18.19 -1.49 -23.31
N ARG C 23 17.38 -2.52 -23.09
CA ARG C 23 16.22 -2.37 -22.22
C ARG C 23 16.65 -2.16 -20.77
N GLU C 24 17.63 -2.93 -20.31
CA GLU C 24 18.13 -2.75 -18.95
C GLU C 24 18.66 -1.35 -18.75
N GLN C 25 19.46 -0.85 -19.71
CA GLN C 25 20.04 0.48 -19.58
C GLN C 25 18.94 1.56 -19.53
N TYR C 26 17.89 1.40 -20.33
CA TYR C 26 16.79 2.34 -20.29
C TYR C 26 16.25 2.49 -18.87
N TYR C 27 15.96 1.36 -18.21
CA TYR C 27 15.43 1.41 -16.85
C TYR C 27 16.46 1.95 -15.87
N MET C 28 17.73 1.63 -16.06
N MET C 28 17.74 1.61 -16.04
CA MET C 28 18.73 2.16 -15.14
CA MET C 28 18.76 2.16 -15.15
C MET C 28 18.93 3.66 -15.35
C MET C 28 18.90 3.66 -15.36
N ASN C 29 18.86 4.13 -16.60
CA ASN C 29 19.03 5.56 -16.87
C ASN C 29 17.92 6.38 -16.24
N TYR C 30 16.69 5.87 -16.24
CA TYR C 30 15.59 6.59 -15.59
C TYR C 30 15.89 6.76 -14.10
N ALA C 31 16.34 5.70 -13.45
CA ALA C 31 16.63 5.78 -12.02
C ALA C 31 17.78 6.74 -11.73
N ARG C 32 18.81 6.73 -12.58
CA ARG C 32 20.01 7.54 -12.39
C ARG C 32 19.96 8.91 -13.04
N ALA C 33 18.81 9.31 -13.57
CA ALA C 33 18.72 10.52 -14.37
C ALA C 33 19.22 11.75 -13.63
N LYS C 34 19.07 11.82 -12.31
CA LYS C 34 19.38 13.05 -11.62
C LYS C 34 20.84 13.17 -11.22
N GLU C 35 21.62 12.10 -11.35
CA GLU C 35 23.01 12.16 -10.92
C GLU C 35 23.77 13.27 -11.65
N LYS C 36 23.47 13.49 -12.93
CA LYS C 36 24.12 14.56 -13.70
C LYS C 36 23.11 15.63 -14.13
N GLY C 37 22.03 15.77 -13.38
CA GLY C 37 21.09 16.83 -13.66
C GLY C 37 20.20 16.61 -14.86
N GLY C 38 19.91 15.35 -15.20
CA GLY C 38 19.00 15.06 -16.28
C GLY C 38 17.55 15.28 -15.88
N ILE C 39 16.67 15.10 -16.86
CA ILE C 39 15.23 15.21 -16.71
C ILE C 39 14.65 13.81 -16.74
N ARG C 40 13.59 13.59 -15.96
CA ARG C 40 12.80 12.36 -15.94
C ARG C 40 11.36 12.72 -16.25
N TRP C 41 10.67 11.91 -17.06
CA TRP C 41 9.24 12.14 -17.28
C TRP C 41 8.55 10.78 -17.41
N SER C 42 7.24 10.75 -17.16
CA SER C 42 6.49 9.52 -17.32
C SER C 42 5.25 9.75 -18.17
N GLY C 43 4.85 8.67 -18.82
CA GLY C 43 3.66 8.66 -19.66
C GLY C 43 3.59 7.33 -20.37
N SER C 44 2.62 7.22 -21.26
CA SER C 44 2.43 5.99 -21.99
C SER C 44 3.57 5.72 -22.99
N ALA C 45 3.72 4.45 -23.33
CA ALA C 45 4.48 4.07 -24.52
C ALA C 45 3.95 4.76 -25.79
N TRP C 46 2.72 5.25 -25.72
CA TRP C 46 2.10 5.96 -26.82
C TRP C 46 2.25 7.49 -26.71
N ALA C 47 2.90 7.97 -25.67
CA ALA C 47 3.26 9.38 -25.62
C ALA C 47 4.15 9.73 -26.81
N LEU C 48 4.04 10.99 -27.23
CA LEU C 48 4.82 11.50 -28.35
C LEU C 48 6.14 12.01 -27.78
N ASP C 49 7.04 11.05 -27.56
CA ASP C 49 8.27 11.25 -26.82
C ASP C 49 9.30 12.12 -27.52
N ALA C 50 9.14 12.41 -28.81
CA ALA C 50 10.04 13.38 -29.43
C ALA C 50 9.88 14.78 -28.85
N ILE C 51 8.72 15.11 -28.29
CA ILE C 51 8.52 16.45 -27.73
C ILE C 51 9.44 16.63 -26.53
N PRO C 52 9.39 15.80 -25.48
CA PRO C 52 10.38 15.96 -24.39
C PRO C 52 11.83 15.84 -24.86
N ALA C 53 12.10 15.11 -25.94
CA ALA C 53 13.47 15.00 -26.44
C ALA C 53 14.03 16.32 -26.91
N GLY C 54 13.17 17.29 -27.23
CA GLY C 54 13.64 18.61 -27.59
C GLY C 54 14.33 19.35 -26.47
N LEU C 55 14.28 18.80 -25.26
CA LEU C 55 14.87 19.44 -24.10
C LEU C 55 16.25 18.91 -23.78
N GLY C 56 16.77 17.99 -24.58
CA GLY C 56 18.15 17.55 -24.42
C GLY C 56 18.36 16.06 -24.65
N GLU C 57 19.64 15.66 -24.67
CA GLU C 57 19.99 14.26 -24.81
C GLU C 57 19.96 13.50 -23.49
N ASP C 58 19.68 14.21 -22.39
CA ASP C 58 19.65 13.66 -21.03
C ASP C 58 18.24 13.79 -20.47
N VAL C 59 17.26 13.39 -21.28
CA VAL C 59 15.84 13.43 -20.94
C VAL C 59 15.37 11.98 -21.02
N TYR C 60 15.01 11.42 -19.87
CA TYR C 60 14.78 10.00 -19.74
C TYR C 60 13.34 9.73 -19.35
N SER C 61 12.68 8.89 -20.13
CA SER C 61 11.30 8.54 -19.84
C SER C 61 11.20 7.25 -19.03
N LEU C 62 10.05 7.07 -18.41
CA LEU C 62 9.62 5.76 -17.91
C LEU C 62 8.24 5.54 -18.51
N THR C 63 8.12 4.66 -19.51
CA THR C 63 6.82 4.45 -20.12
C THR C 63 6.01 3.50 -19.23
N GLY C 64 4.75 3.86 -19.01
CA GLY C 64 3.99 3.21 -17.96
C GLY C 64 3.64 1.77 -18.22
N GLU C 65 3.19 1.44 -19.45
CA GLU C 65 2.76 0.08 -19.68
C GLU C 65 3.91 -0.90 -19.76
N PRO C 66 5.01 -0.58 -20.44
CA PRO C 66 6.14 -1.52 -20.43
C PRO C 66 6.69 -1.72 -19.03
N TYR C 67 6.73 -0.67 -18.21
CA TYR C 67 7.20 -0.85 -16.84
C TYR C 67 6.27 -1.79 -16.09
N ALA C 68 4.96 -1.57 -16.20
CA ALA C 68 4.02 -2.45 -15.54
C ALA C 68 4.10 -3.87 -16.07
N ALA C 69 4.38 -4.05 -17.36
CA ALA C 69 4.52 -5.41 -17.88
C ALA C 69 5.77 -6.09 -17.31
N ALA C 70 6.84 -5.34 -17.12
CA ALA C 70 8.01 -5.90 -16.47
C ALA C 70 7.68 -6.37 -15.05
N VAL C 71 6.87 -5.59 -14.33
CA VAL C 71 6.45 -6.02 -13.00
C VAL C 71 5.58 -7.25 -13.09
N ALA C 72 4.62 -7.27 -14.04
CA ALA C 72 3.72 -8.41 -14.14
C ALA C 72 4.47 -9.70 -14.38
N HIS C 73 5.63 -9.63 -15.01
CA HIS C 73 6.45 -10.80 -15.18
C HIS C 73 6.93 -11.40 -13.84
N ASP C 74 6.96 -10.61 -12.76
CA ASP C 74 7.35 -11.04 -11.42
C ASP C 74 6.06 -11.13 -10.62
N ARG C 75 5.49 -12.35 -10.56
CA ARG C 75 4.16 -12.53 -9.97
C ARG C 75 4.06 -11.95 -8.56
N LYS C 76 5.09 -12.15 -7.76
CA LYS C 76 5.03 -11.71 -6.37
C LYS C 76 4.98 -10.18 -6.29
N PHE C 77 5.89 -9.49 -6.97
CA PHE C 77 5.87 -8.03 -6.89
C PHE C 77 4.60 -7.46 -7.51
N ALA C 78 4.14 -8.04 -8.63
CA ALA C 78 2.89 -7.57 -9.24
C ALA C 78 1.74 -7.69 -8.25
N LYS C 79 1.66 -8.81 -7.53
CA LYS C 79 0.59 -8.99 -6.54
C LYS C 79 0.67 -7.91 -5.47
N GLU C 80 1.87 -7.67 -4.93
CA GLU C 80 2.06 -6.64 -3.91
C GLU C 80 1.63 -5.28 -4.44
N CYS C 81 2.04 -4.92 -5.66
CA CYS C 81 1.63 -3.63 -6.23
C CYS C 81 0.12 -3.55 -6.36
N MET C 82 -0.51 -4.59 -6.89
CA MET C 82 -1.97 -4.53 -7.00
C MET C 82 -2.65 -4.45 -5.66
N ASP C 83 -2.11 -5.16 -4.65
CA ASP C 83 -2.70 -5.08 -3.31
C ASP C 83 -2.60 -3.68 -2.72
N ALA C 84 -1.52 -2.95 -3.03
CA ALA C 84 -1.42 -1.58 -2.53
C ALA C 84 -2.42 -0.66 -3.21
N ALA C 85 -2.59 -0.82 -4.53
CA ALA C 85 -3.58 -0.01 -5.24
C ALA C 85 -4.98 -0.30 -4.73
N GLU C 86 -5.27 -1.56 -4.43
CA GLU C 86 -6.59 -1.90 -3.91
C GLU C 86 -6.80 -1.31 -2.52
N ALA C 87 -5.76 -1.34 -1.68
CA ALA C 87 -5.85 -0.73 -0.36
C ALA C 87 -6.15 0.77 -0.43
N TYR C 88 -5.63 1.46 -1.44
CA TYR C 88 -5.95 2.88 -1.63
C TYR C 88 -7.43 3.06 -1.89
N GLY C 89 -8.04 2.12 -2.61
CA GLY C 89 -9.47 2.08 -2.82
C GLY C 89 -9.89 1.86 -4.26
N PHE C 90 -8.95 1.63 -5.16
CA PHE C 90 -9.30 1.47 -6.56
C PHE C 90 -9.92 0.09 -6.83
N ALA C 91 -10.89 0.07 -7.73
CA ALA C 91 -11.54 -1.18 -8.14
C ALA C 91 -10.54 -2.13 -8.79
N ARG C 92 -10.69 -3.43 -8.47
CA ARG C 92 -9.75 -4.43 -8.95
C ARG C 92 -9.92 -4.70 -10.44
N ASP C 93 -11.03 -4.31 -11.04
CA ASP C 93 -11.24 -4.55 -12.48
C ASP C 93 -10.76 -3.39 -13.35
N LEU C 94 -10.16 -2.36 -12.77
CA LEU C 94 -9.42 -1.39 -13.57
C LEU C 94 -8.21 -2.06 -14.25
N CYS C 95 -7.69 -1.37 -15.28
CA CYS C 95 -6.51 -1.80 -16.04
C CYS C 95 -5.46 -2.34 -15.10
N SER C 96 -4.98 -3.55 -15.38
CA SER C 96 -4.02 -4.14 -14.46
C SER C 96 -2.66 -3.46 -14.53
N TYR C 97 -2.28 -2.90 -15.70
CA TYR C 97 -1.01 -2.16 -15.73
C TYR C 97 -1.11 -0.93 -14.85
N MET C 98 -2.22 -0.19 -15.00
CA MET C 98 -2.46 1.00 -14.19
C MET C 98 -2.44 0.69 -12.70
N ARG C 99 -3.13 -0.39 -12.29
CA ARG C 99 -3.13 -0.76 -10.88
C ARG C 99 -1.73 -1.11 -10.39
N ILE C 100 -1.00 -1.88 -11.19
CA ILE C 100 0.38 -2.23 -10.84
C ILE C 100 1.22 -0.96 -10.65
N TYR C 101 1.15 -0.05 -11.61
CA TYR C 101 1.95 1.15 -11.56
C TYR C 101 1.63 1.98 -10.32
N TRP C 102 0.36 2.19 -10.08
CA TRP C 102 -0.06 2.93 -8.90
C TRP C 102 0.47 2.27 -7.62
N GLY C 103 0.29 0.96 -7.51
CA GLY C 103 0.72 0.28 -6.28
C GLY C 103 2.21 0.41 -6.07
N GLY C 104 3.00 0.25 -7.14
CA GLY C 104 4.45 0.37 -7.01
C GLY C 104 4.88 1.77 -6.61
N MET C 105 4.12 2.78 -7.05
CA MET C 105 4.40 4.15 -6.65
C MET C 105 4.13 4.34 -5.15
N HIS C 106 2.99 3.84 -4.68
CA HIS C 106 2.66 3.97 -3.27
C HIS C 106 3.63 3.17 -2.41
N LEU C 107 3.97 1.94 -2.82
CA LEU C 107 5.01 1.18 -2.14
C LEU C 107 6.39 1.84 -2.21
N ASN C 108 6.60 2.72 -3.18
CA ASN C 108 7.87 3.43 -3.36
C ASN C 108 9.02 2.47 -3.65
N LYS C 109 8.76 1.52 -4.54
CA LYS C 109 9.76 0.54 -4.95
C LYS C 109 9.84 0.49 -6.47
N TYR C 110 11.06 0.54 -6.99
CA TYR C 110 11.30 0.38 -8.42
C TYR C 110 11.62 -1.08 -8.69
N ALA C 111 11.07 -1.62 -9.80
CA ALA C 111 11.30 -3.02 -10.10
C ALA C 111 12.79 -3.31 -10.30
N PHE C 112 13.56 -2.33 -10.76
CA PHE C 112 14.98 -2.50 -11.04
C PHE C 112 15.87 -2.03 -9.89
N GLY C 113 15.29 -1.83 -8.72
CA GLY C 113 16.05 -1.54 -7.52
C GLY C 113 15.86 -0.09 -7.08
N GLY C 114 15.79 0.12 -5.77
CA GLY C 114 15.76 1.48 -5.26
C GLY C 114 14.34 1.99 -5.10
N GLU C 115 14.25 3.27 -4.73
CA GLU C 115 12.95 3.92 -4.56
C GLU C 115 12.25 4.05 -5.90
N PHE C 116 10.96 4.28 -5.87
CA PHE C 116 10.29 4.59 -7.15
C PHE C 116 10.71 5.98 -7.61
N PRO C 117 11.39 6.15 -8.74
CA PRO C 117 11.95 7.48 -9.05
C PRO C 117 10.86 8.47 -9.44
N LYS C 118 10.88 9.63 -8.81
CA LYS C 118 9.84 10.61 -9.09
C LYS C 118 10.07 11.24 -10.46
N PRO C 119 9.05 11.29 -11.33
CA PRO C 119 9.17 12.04 -12.59
C PRO C 119 9.12 13.54 -12.33
N ASP C 120 9.71 14.29 -13.26
CA ASP C 120 9.62 15.74 -13.18
C ASP C 120 8.27 16.22 -13.71
N PHE C 121 7.68 15.45 -14.61
CA PHE C 121 6.37 15.79 -15.17
C PHE C 121 5.77 14.57 -15.85
N VAL C 122 4.47 14.67 -16.12
CA VAL C 122 3.72 13.70 -16.91
C VAL C 122 3.53 14.26 -18.29
N PHE C 123 3.81 13.46 -19.31
CA PHE C 123 3.55 13.80 -20.71
C PHE C 123 2.85 12.58 -21.31
N GLN C 124 1.57 12.71 -21.63
CA GLN C 124 0.71 11.55 -21.87
C GLN C 124 -0.07 11.73 -23.15
N THR C 125 -0.41 10.60 -23.76
CA THR C 125 -1.39 10.55 -24.85
C THR C 125 -2.68 9.99 -24.29
N GLN C 126 -3.83 10.57 -24.69
CA GLN C 126 -5.12 10.09 -24.23
C GLN C 126 -5.94 9.60 -25.42
N ILE C 127 -6.22 8.30 -25.45
CA ILE C 127 -7.13 7.67 -26.40
C ILE C 127 -8.00 6.63 -25.71
N CYS C 128 -7.41 5.84 -24.82
CA CYS C 128 -8.17 5.03 -23.89
C CYS C 128 -8.62 5.91 -22.71
N CYS C 129 -9.81 5.64 -22.18
CA CYS C 129 -10.29 6.46 -21.07
C CYS C 129 -9.35 6.44 -19.87
N SER C 130 -8.71 5.31 -19.63
CA SER C 130 -7.83 5.20 -18.47
C SER C 130 -6.49 5.93 -18.65
N HIS C 131 -6.17 6.43 -19.84
CA HIS C 131 -4.93 7.17 -20.02
C HIS C 131 -4.89 8.42 -19.17
N SER C 132 -6.04 9.08 -18.98
CA SER C 132 -6.04 10.28 -18.14
C SER C 132 -5.99 9.89 -16.67
N LYS C 133 -6.86 8.96 -16.27
CA LYS C 133 -7.01 8.60 -14.86
C LYS C 133 -5.72 8.03 -14.29
N TRP C 134 -4.99 7.26 -15.08
CA TRP C 134 -3.70 6.74 -14.64
C TRP C 134 -2.83 7.86 -14.13
N TYR C 135 -2.57 8.86 -14.95
CA TYR C 135 -1.63 9.89 -14.58
C TYR C 135 -2.23 11.03 -13.77
N GLN C 136 -3.56 11.19 -13.73
CA GLN C 136 -4.11 12.16 -12.81
C GLN C 136 -3.77 11.75 -11.38
N HIS C 137 -3.89 10.47 -11.08
CA HIS C 137 -3.54 10.00 -9.74
C HIS C 137 -2.03 10.16 -9.48
N VAL C 138 -1.20 9.77 -10.45
CA VAL C 138 0.25 9.92 -10.31
C VAL C 138 0.63 11.37 -10.06
N ALA C 139 0.09 12.27 -10.88
CA ALA C 139 0.52 13.67 -10.78
C ALA C 139 0.14 14.27 -9.44
N LYS C 140 -1.02 13.87 -8.90
CA LYS C 140 -1.46 14.35 -7.61
C LYS C 140 -0.59 13.79 -6.48
N GLU C 141 -0.25 12.49 -6.55
CA GLU C 141 0.60 11.89 -5.53
C GLU C 141 2.04 12.39 -5.58
N GLU C 142 2.55 12.70 -6.76
CA GLU C 142 3.91 13.20 -6.89
C GLU C 142 4.00 14.73 -6.89
N LYS C 143 2.87 15.43 -7.03
CA LYS C 143 2.81 16.88 -7.07
C LYS C 143 3.68 17.44 -8.20
N ILE C 144 3.33 17.04 -9.42
CA ILE C 144 4.09 17.41 -10.62
C ILE C 144 3.14 17.88 -11.70
N PRO C 145 3.64 18.70 -12.63
CA PRO C 145 2.81 19.11 -13.76
C PRO C 145 2.49 17.96 -14.70
N GLU C 146 1.38 18.10 -15.41
CA GLU C 146 0.89 17.03 -16.27
C GLU C 146 0.26 17.59 -17.53
N PHE C 147 0.54 16.94 -18.65
CA PHE C 147 0.06 17.32 -19.97
C PHE C 147 -0.47 16.09 -20.68
N TYR C 148 -1.63 16.24 -21.34
CA TYR C 148 -2.30 15.17 -22.07
C TYR C 148 -2.55 15.62 -23.51
N LEU C 149 -2.17 14.79 -24.45
CA LEU C 149 -2.45 14.97 -25.89
C LEU C 149 -3.68 14.14 -26.25
N ASP C 150 -4.78 14.81 -26.57
CA ASP C 150 -6.03 14.17 -26.98
C ASP C 150 -5.89 13.83 -28.46
N VAL C 151 -5.73 12.56 -28.77
CA VAL C 151 -5.59 12.13 -30.17
C VAL C 151 -6.90 11.56 -30.74
N GLY C 152 -8.02 11.80 -30.07
CA GLY C 152 -9.27 11.20 -30.44
C GLY C 152 -10.00 11.92 -31.55
N VAL C 153 -9.44 11.81 -32.74
CA VAL C 153 -10.00 12.49 -33.90
C VAL C 153 -10.57 11.51 -34.91
N GLY C 154 -10.74 10.26 -34.53
CA GLY C 154 -11.36 9.29 -35.40
C GLY C 154 -10.35 8.61 -36.31
N PRO C 155 -10.85 7.72 -37.17
CA PRO C 155 -9.96 6.89 -38.00
C PRO C 155 -9.07 7.72 -38.91
N TYR C 156 -7.82 7.25 -39.05
CA TYR C 156 -6.87 7.90 -39.95
C TYR C 156 -7.43 8.07 -41.37
N ARG C 157 -8.12 7.06 -41.88
CA ARG C 157 -8.61 7.14 -43.25
C ARG C 157 -9.72 8.17 -43.43
N ASP C 158 -10.24 8.70 -42.33
CA ASP C 158 -11.26 9.74 -42.40
C ASP C 158 -10.71 11.11 -42.05
N MET C 159 -9.40 11.24 -41.94
CA MET C 159 -8.81 12.45 -41.38
C MET C 159 -9.17 13.69 -42.20
N THR C 160 -9.37 14.79 -41.49
CA THR C 160 -9.61 16.09 -42.11
C THR C 160 -8.50 17.04 -41.69
N ASP C 161 -8.43 18.17 -42.40
CA ASP C 161 -7.48 19.21 -42.05
C ASP C 161 -7.71 19.68 -40.60
N ALA C 162 -8.98 19.85 -40.20
CA ALA C 162 -9.25 20.37 -38.86
C ALA C 162 -8.91 19.35 -37.77
N ARG C 163 -9.14 18.06 -38.03
CA ARG C 163 -8.75 17.04 -37.05
C ARG C 163 -7.24 17.03 -36.84
N LEU C 164 -6.49 17.11 -37.93
CA LEU C 164 -5.03 17.17 -37.82
C LEU C 164 -4.59 18.46 -37.14
N ASP C 165 -5.28 19.56 -37.43
CA ASP C 165 -4.98 20.83 -36.76
C ASP C 165 -5.10 20.67 -35.25
N TYR C 166 -6.14 19.97 -34.80
CA TYR C 166 -6.38 19.85 -33.37
C TYR C 166 -5.20 19.18 -32.69
N VAL C 167 -4.70 18.10 -33.29
CA VAL C 167 -3.58 17.38 -32.71
C VAL C 167 -2.28 18.20 -32.81
N ALA C 168 -2.02 18.77 -33.97
CA ALA C 168 -0.83 19.59 -34.15
C ALA C 168 -0.82 20.79 -33.22
N ASN C 169 -1.95 21.49 -33.07
CA ASN C 169 -1.96 22.65 -32.19
C ASN C 169 -1.75 22.24 -30.74
N GLN C 170 -2.32 21.11 -30.31
CA GLN C 170 -2.03 20.62 -28.97
C GLN C 170 -0.55 20.34 -28.80
N LEU C 171 0.09 19.79 -29.83
CA LEU C 171 1.53 19.50 -29.71
C LEU C 171 2.33 20.77 -29.46
N HIS C 172 1.94 21.87 -30.10
CA HIS C 172 2.61 23.13 -29.81
C HIS C 172 2.39 23.53 -28.36
N ASP C 173 1.18 23.31 -27.82
CA ASP C 173 0.97 23.51 -26.38
C ASP C 173 1.87 22.61 -25.56
N GLY C 174 2.06 21.37 -26.00
CA GLY C 174 2.97 20.45 -25.32
C GLY C 174 4.41 20.94 -25.30
N ILE C 175 4.87 21.58 -26.38
CA ILE C 175 6.22 22.16 -26.39
C ILE C 175 6.35 23.21 -25.29
N ALA C 176 5.35 24.10 -25.21
CA ALA C 176 5.38 25.15 -24.19
C ALA C 176 5.29 24.55 -22.80
N PHE C 177 4.51 23.47 -22.65
CA PHE C 177 4.39 22.79 -21.36
C PHE C 177 5.74 22.20 -20.92
N VAL C 178 6.43 21.48 -21.82
CA VAL C 178 7.66 20.83 -21.36
C VAL C 178 8.76 21.86 -21.06
N GLU C 179 8.76 22.99 -21.77
CA GLU C 179 9.70 24.06 -21.46
C GLU C 179 9.41 24.59 -20.05
N LYS C 180 8.13 24.90 -19.78
CA LYS C 180 7.77 25.41 -18.46
C LYS C 180 8.05 24.39 -17.35
N ALA C 181 7.69 23.13 -17.57
CA ALA C 181 7.84 22.15 -16.51
C ALA C 181 9.29 21.80 -16.23
N SER C 182 10.17 21.97 -17.21
CA SER C 182 11.58 21.60 -17.05
C SER C 182 12.46 22.79 -16.77
N GLY C 183 12.05 23.99 -17.12
CA GLY C 183 12.92 25.15 -17.02
C GLY C 183 13.98 25.23 -18.10
N ARG C 184 13.89 24.37 -19.12
CA ARG C 184 14.85 24.41 -20.21
C ARG C 184 14.21 24.95 -21.48
N LYS C 185 15.06 25.46 -22.37
CA LYS C 185 14.61 25.91 -23.67
C LYS C 185 14.57 24.74 -24.65
N PHE C 186 13.48 24.63 -25.39
CA PHE C 186 13.29 23.57 -26.38
C PHE C 186 14.14 23.84 -27.60
N ASP C 187 14.72 22.78 -28.14
CA ASP C 187 15.67 22.92 -29.23
C ASP C 187 15.13 22.26 -30.50
N ASP C 188 14.91 23.07 -31.53
CA ASP C 188 14.25 22.53 -32.72
C ASP C 188 15.10 21.44 -33.40
N GLU C 189 16.42 21.56 -33.35
CA GLU C 189 17.24 20.54 -34.02
C GLU C 189 17.10 19.18 -33.32
N LEU C 190 17.19 19.17 -31.97
CA LEU C 190 17.02 17.92 -31.26
C LEU C 190 15.62 17.36 -31.45
N PHE C 191 14.62 18.22 -31.48
CA PHE C 191 13.26 17.75 -31.72
C PHE C 191 13.14 17.11 -33.09
N ILE C 192 13.60 17.79 -34.12
CA ILE C 192 13.49 17.25 -35.48
C ILE C 192 14.26 15.93 -35.58
N LYS C 193 15.44 15.87 -34.97
N LYS C 193 15.45 15.87 -34.99
CA LYS C 193 16.19 14.61 -34.97
CA LYS C 193 16.18 14.62 -34.97
C LYS C 193 15.39 13.50 -34.30
C LYS C 193 15.36 13.51 -34.33
N ALA C 194 14.68 13.83 -33.22
CA ALA C 194 13.88 12.81 -32.53
C ALA C 194 12.68 12.37 -33.34
N VAL C 195 11.97 13.32 -33.97
CA VAL C 195 10.90 12.97 -34.90
C VAL C 195 11.40 12.02 -35.96
N LYS C 196 12.54 12.35 -36.58
CA LYS C 196 13.09 11.51 -37.65
C LYS C 196 13.46 10.13 -37.12
N ASN C 197 14.06 10.07 -35.94
CA ASN C 197 14.42 8.78 -35.36
C ASN C 197 13.18 7.97 -35.00
N GLU C 198 12.10 8.64 -34.54
CA GLU C 198 10.87 7.89 -34.27
C GLU C 198 10.29 7.33 -35.57
N MET C 199 10.30 8.12 -36.65
CA MET C 199 9.83 7.64 -37.95
C MET C 199 10.65 6.44 -38.39
N ARG C 200 11.98 6.54 -38.22
CA ARG C 200 12.87 5.45 -38.58
C ARG C 200 12.56 4.18 -37.78
N SER C 201 12.49 4.29 -36.44
CA SER C 201 12.37 3.09 -35.63
C SER C 201 11.03 2.41 -35.83
N THR C 202 9.94 3.18 -35.93
CA THR C 202 8.62 2.57 -36.02
C THR C 202 8.39 1.98 -37.41
N SER C 203 8.88 2.63 -38.47
CA SER C 203 8.82 2.04 -39.80
C SER C 203 9.71 0.81 -39.88
N ARG C 204 10.90 0.86 -39.30
CA ARG C 204 11.82 -0.26 -39.40
C ARG C 204 11.32 -1.46 -38.60
N TRP C 205 10.72 -1.23 -37.43
CA TRP C 205 10.07 -2.34 -36.74
C TRP C 205 9.04 -3.03 -37.64
N ALA C 206 8.21 -2.24 -38.32
CA ALA C 206 7.27 -2.81 -39.30
C ALA C 206 8.02 -3.61 -40.39
N ASP C 207 9.08 -3.05 -40.97
CA ASP C 207 9.89 -3.81 -41.94
C ASP C 207 10.32 -5.17 -41.40
N ILE C 208 10.81 -5.22 -40.15
CA ILE C 208 11.25 -6.48 -39.57
C ILE C 208 10.07 -7.45 -39.47
N CYS C 209 8.93 -6.96 -38.97
CA CYS C 209 7.75 -7.82 -38.88
C CYS C 209 7.36 -8.36 -40.26
N ALA C 210 7.49 -7.55 -41.30
CA ALA C 210 7.11 -8.00 -42.64
C ALA C 210 8.00 -9.15 -43.15
N LEU C 211 9.24 -9.25 -42.65
CA LEU C 211 10.08 -10.37 -43.02
C LEU C 211 9.55 -11.68 -42.49
N ASN C 212 8.64 -11.64 -41.49
CA ASN C 212 8.08 -12.85 -40.90
C ASN C 212 7.02 -13.49 -41.76
N LYS C 213 6.72 -12.93 -42.94
CA LYS C 213 5.73 -13.52 -43.84
C LYS C 213 6.22 -14.80 -44.49
N VAL C 214 7.53 -15.04 -44.55
CA VAL C 214 8.05 -16.19 -45.26
C VAL C 214 7.94 -17.43 -44.38
N LYS C 215 7.91 -18.59 -45.06
CA LYS C 215 8.08 -19.90 -44.44
C LYS C 215 9.50 -20.38 -44.68
N PRO C 216 10.22 -20.78 -43.63
CA PRO C 216 9.82 -20.76 -42.20
C PRO C 216 9.90 -19.35 -41.66
N ALA C 217 9.11 -19.07 -40.64
CA ALA C 217 9.19 -17.76 -40.00
C ALA C 217 10.56 -17.59 -39.35
N PRO C 218 11.26 -16.48 -39.61
CA PRO C 218 12.59 -16.29 -38.99
C PRO C 218 12.51 -15.88 -37.54
N LEU C 219 11.35 -15.45 -37.07
CA LEU C 219 11.17 -15.05 -35.68
C LEU C 219 9.88 -15.67 -35.16
N ASP C 220 9.89 -16.06 -33.90
CA ASP C 220 8.69 -16.48 -33.18
C ASP C 220 8.25 -15.31 -32.29
N GLU C 221 6.95 -15.28 -31.98
CA GLU C 221 6.43 -14.12 -31.27
C GLU C 221 7.07 -13.95 -29.89
N LYS C 222 7.33 -15.04 -29.17
CA LYS C 222 7.90 -14.85 -27.84
C LYS C 222 9.24 -14.10 -27.91
N THR C 223 10.10 -14.50 -28.85
CA THR C 223 11.34 -13.75 -29.12
C THR C 223 11.03 -12.31 -29.48
N MET C 224 10.00 -12.09 -30.30
CA MET C 224 9.66 -10.73 -30.69
C MET C 224 9.23 -9.86 -29.52
N TYR C 225 8.68 -10.45 -28.47
CA TYR C 225 8.32 -9.60 -27.33
C TYR C 225 9.53 -8.91 -26.71
N SER C 226 10.75 -9.45 -26.85
CA SER C 226 11.94 -8.77 -26.35
C SER C 226 12.52 -7.77 -27.35
N LEU C 227 11.93 -7.67 -28.54
CA LEU C 227 12.40 -6.82 -29.63
C LEU C 227 11.44 -5.66 -29.89
N TYR C 228 10.14 -5.94 -30.01
CA TYR C 228 9.14 -4.88 -30.16
C TYR C 228 9.11 -3.95 -28.96
N VAL C 229 9.65 -4.42 -27.83
CA VAL C 229 9.59 -3.61 -26.60
C VAL C 229 10.43 -2.33 -26.73
N LEU C 230 11.52 -2.34 -27.51
CA LEU C 230 12.40 -1.19 -27.52
C LEU C 230 11.68 0.09 -27.97
N CYS C 231 10.85 0.01 -29.02
CA CYS C 231 10.09 1.18 -29.44
C CYS C 231 9.05 1.61 -28.41
N THR C 232 8.66 0.72 -27.50
CA THR C 232 7.76 1.12 -26.40
C THR C 232 8.51 1.83 -25.29
N LEU C 233 9.84 1.76 -25.28
CA LEU C 233 10.66 2.44 -24.28
C LEU C 233 11.06 3.83 -24.77
N SER C 234 11.69 3.93 -25.91
CA SER C 234 12.05 5.24 -26.44
C SER C 234 12.14 5.20 -27.98
N LYS C 235 10.98 5.22 -28.63
CA LYS C 235 10.99 5.11 -30.09
C LYS C 235 11.68 6.30 -30.76
N SER C 236 11.70 7.48 -30.11
CA SER C 236 12.33 8.65 -30.71
C SER C 236 13.83 8.72 -30.49
N SER C 237 14.45 7.75 -29.80
CA SER C 237 15.89 7.83 -29.55
C SER C 237 16.71 7.30 -30.72
N GLN C 238 17.93 7.82 -30.84
CA GLN C 238 18.88 7.31 -31.83
C GLN C 238 19.20 5.84 -31.56
N TRP C 239 19.36 5.47 -30.28
CA TRP C 239 19.73 4.08 -29.99
C TRP C 239 18.64 3.10 -30.44
N CYS C 240 17.37 3.48 -30.36
CA CYS C 240 16.33 2.57 -30.79
C CYS C 240 16.29 2.47 -32.31
N ALA C 241 16.36 3.61 -33.00
CA ALA C 241 16.37 3.60 -34.46
C ALA C 241 17.57 2.82 -35.00
N ASP C 242 18.75 3.08 -34.46
CA ASP C 242 19.93 2.39 -34.92
C ASP C 242 19.84 0.90 -34.66
N PHE C 243 19.31 0.51 -33.51
CA PHE C 243 19.21 -0.91 -33.23
C PHE C 243 18.19 -1.58 -34.15
N MET C 244 17.08 -0.91 -34.45
CA MET C 244 16.14 -1.52 -35.37
C MET C 244 16.79 -1.76 -36.72
N ASP C 245 17.65 -0.83 -37.19
CA ASP C 245 18.38 -1.09 -38.44
C ASP C 245 19.29 -2.31 -38.34
N GLU C 246 20.00 -2.45 -37.20
CA GLU C 246 20.89 -3.58 -36.98
C GLU C 246 20.11 -4.88 -36.98
N LEU C 247 18.99 -4.90 -36.27
CA LEU C 247 18.16 -6.09 -36.19
C LEU C 247 17.56 -6.43 -37.55
N TYR C 248 17.12 -5.43 -38.32
CA TYR C 248 16.64 -5.70 -39.67
C TYR C 248 17.68 -6.45 -40.46
N GLU C 249 18.96 -6.08 -40.33
CA GLU C 249 20.00 -6.76 -41.09
C GLU C 249 20.14 -8.22 -40.68
N GLU C 250 20.06 -8.50 -39.36
CA GLU C 250 20.14 -9.89 -38.91
C GLU C 250 18.96 -10.71 -39.41
N VAL C 251 17.75 -10.13 -39.36
CA VAL C 251 16.58 -10.91 -39.73
C VAL C 251 16.54 -11.15 -41.23
N LYS C 252 17.02 -10.18 -42.02
CA LYS C 252 17.14 -10.37 -43.46
C LYS C 252 18.09 -11.53 -43.77
N ASP C 253 19.18 -11.64 -43.01
CA ASP C 253 20.15 -12.72 -43.21
C ASP C 253 19.54 -14.07 -42.84
N ARG C 254 18.75 -14.11 -41.75
CA ARG C 254 18.00 -15.32 -41.44
C ARG C 254 17.12 -15.74 -42.61
N VAL C 255 16.41 -14.77 -43.21
CA VAL C 255 15.54 -15.08 -44.34
C VAL C 255 16.36 -15.60 -45.50
N ALA C 256 17.48 -14.94 -45.79
CA ALA C 256 18.31 -15.36 -46.91
C ALA C 256 18.78 -16.80 -46.75
N ARG C 257 19.02 -17.22 -45.50
CA ARG C 257 19.60 -18.53 -45.23
C ARG C 257 18.56 -19.58 -44.87
N GLY C 258 17.27 -19.23 -44.89
CA GLY C 258 16.24 -20.22 -44.65
C GLY C 258 16.09 -20.56 -43.20
N ILE C 259 16.52 -19.66 -42.32
CA ILE C 259 16.61 -19.95 -40.89
C ILE C 259 15.22 -19.83 -40.28
N ALA C 260 14.81 -20.86 -39.54
CA ALA C 260 13.54 -20.85 -38.84
C ALA C 260 13.76 -20.57 -37.36
N ALA C 261 12.87 -19.76 -36.78
CA ALA C 261 12.86 -19.64 -35.31
C ALA C 261 12.49 -20.95 -34.67
N VAL C 262 11.60 -21.70 -35.30
CA VAL C 262 11.09 -22.98 -34.80
C VAL C 262 11.43 -24.03 -35.84
N PRO C 263 12.41 -24.90 -35.57
CA PRO C 263 12.88 -25.82 -36.63
C PRO C 263 11.86 -26.83 -37.08
N ASN C 264 10.85 -27.14 -36.25
CA ASN C 264 9.80 -28.08 -36.61
C ASN C 264 8.52 -27.37 -37.04
N GLU C 265 8.65 -26.16 -37.59
CA GLU C 265 7.47 -25.37 -37.95
C GLU C 265 6.56 -26.15 -38.88
N ALA C 266 5.31 -26.36 -38.46
CA ALA C 266 4.29 -27.00 -39.25
C ALA C 266 2.98 -26.22 -39.25
N ILE C 267 2.75 -25.39 -38.24
CA ILE C 267 1.56 -24.55 -38.19
C ILE C 267 2.00 -23.14 -37.80
N ARG C 268 1.35 -22.15 -38.41
CA ARG C 268 1.62 -20.74 -38.17
C ARG C 268 0.39 -20.13 -37.51
N LEU C 269 0.57 -19.55 -36.32
CA LEU C 269 -0.51 -18.93 -35.58
C LEU C 269 -0.35 -17.42 -35.56
N MET C 270 -1.47 -16.73 -35.37
CA MET C 270 -1.50 -15.31 -35.06
C MET C 270 -2.20 -15.15 -33.73
N THR C 271 -1.67 -14.30 -32.88
CA THR C 271 -2.31 -13.95 -31.63
C THR C 271 -2.92 -12.56 -31.78
N ASP C 272 -3.36 -12.00 -30.67
CA ASP C 272 -3.90 -10.65 -30.71
C ASP C 272 -3.22 -9.86 -29.60
N THR C 273 -3.95 -9.36 -28.62
CA THR C 273 -3.37 -8.35 -27.75
C THR C 273 -2.76 -8.96 -26.49
N GLN C 274 -1.94 -8.17 -25.84
CA GLN C 274 -1.38 -8.35 -24.53
C GLN C 274 -1.36 -9.79 -24.01
N PRO C 275 -0.26 -10.50 -24.16
CA PRO C 275 -0.16 -11.83 -23.57
C PRO C 275 -0.05 -11.79 -22.05
N PRO C 276 -0.43 -12.87 -21.36
CA PRO C 276 -0.14 -12.98 -19.92
C PRO C 276 1.36 -13.04 -19.65
N TRP C 277 1.95 -11.96 -19.12
CA TRP C 277 3.41 -11.82 -19.08
C TRP C 277 4.10 -12.83 -18.17
N SER C 278 3.40 -13.37 -17.18
CA SER C 278 3.97 -14.42 -16.33
C SER C 278 3.66 -15.82 -16.83
N PHE C 279 3.11 -15.95 -18.05
CA PHE C 279 2.89 -17.27 -18.61
C PHE C 279 3.30 -17.32 -20.08
N LEU C 280 4.44 -16.70 -20.42
CA LEU C 280 4.94 -16.81 -21.79
C LEU C 280 5.37 -18.23 -22.16
N LYS C 281 5.56 -19.12 -21.19
CA LYS C 281 5.89 -20.50 -21.53
C LYS C 281 4.83 -21.16 -22.40
N ILE C 282 3.64 -20.58 -22.53
CA ILE C 282 2.65 -21.12 -23.45
C ILE C 282 3.18 -21.14 -24.87
N PHE C 283 3.99 -20.16 -25.24
CA PHE C 283 4.55 -20.16 -26.59
C PHE C 283 5.51 -21.32 -26.79
N ARG C 284 6.29 -21.67 -25.76
CA ARG C 284 7.19 -22.80 -25.89
C ARG C 284 6.42 -24.11 -25.94
N TYR C 285 5.29 -24.18 -25.24
CA TYR C 285 4.43 -25.35 -25.31
C TYR C 285 3.92 -25.54 -26.73
N LEU C 286 3.41 -24.47 -27.33
CA LEU C 286 2.96 -24.54 -28.71
C LEU C 286 4.06 -25.08 -29.62
N GLU C 287 5.30 -24.66 -29.40
CA GLU C 287 6.39 -25.11 -30.27
C GLU C 287 6.55 -26.63 -30.23
N THR C 288 6.15 -27.29 -29.14
CA THR C 288 6.25 -28.74 -29.13
C THR C 288 5.31 -29.38 -30.13
N TYR C 289 4.29 -28.65 -30.57
CA TYR C 289 3.44 -29.09 -31.65
C TYR C 289 3.94 -28.65 -33.01
N GLY C 290 5.08 -27.96 -33.08
CA GLY C 290 5.48 -27.35 -34.33
C GLY C 290 4.68 -26.12 -34.69
N ALA C 291 4.02 -25.51 -33.72
CA ALA C 291 3.25 -24.29 -33.94
C ALA C 291 4.11 -23.09 -33.56
N VAL C 292 4.26 -22.14 -34.49
CA VAL C 292 4.97 -20.89 -34.25
C VAL C 292 3.97 -19.77 -34.38
N SER C 293 3.99 -18.85 -33.41
CA SER C 293 3.26 -17.61 -33.59
C SER C 293 4.12 -16.63 -34.38
N ILE C 294 3.56 -16.12 -35.48
CA ILE C 294 4.32 -15.21 -36.33
C ILE C 294 4.14 -13.76 -35.93
N GLY C 295 3.31 -13.47 -34.92
CA GLY C 295 3.03 -12.11 -34.58
C GLY C 295 1.55 -11.90 -34.32
N SER C 296 1.19 -10.63 -34.32
CA SER C 296 -0.16 -10.16 -34.00
C SER C 296 -0.21 -8.70 -34.42
N LEU C 297 -1.42 -8.16 -34.58
CA LEU C 297 -1.49 -6.73 -34.81
C LEU C 297 -0.84 -5.97 -33.66
N TYR C 298 -0.95 -6.50 -32.46
CA TYR C 298 -0.32 -5.89 -31.29
C TYR C 298 1.20 -5.85 -31.40
N THR C 299 1.83 -6.99 -31.62
CA THR C 299 3.28 -6.97 -31.78
C THR C 299 3.72 -6.12 -32.97
N PHE C 300 2.99 -6.19 -34.09
CA PHE C 300 3.40 -5.51 -35.32
C PHE C 300 3.19 -4.01 -35.23
N ALA C 301 2.13 -3.57 -34.50
CA ALA C 301 1.65 -2.20 -34.67
C ALA C 301 1.27 -1.48 -33.38
N LEU C 302 1.62 -2.02 -32.24
CA LEU C 302 1.54 -1.20 -31.03
C LEU C 302 2.38 0.04 -31.21
N GLU C 303 3.54 -0.11 -31.87
CA GLU C 303 4.39 1.02 -32.24
C GLU C 303 4.77 1.02 -33.72
N GLY C 304 4.78 -0.15 -34.35
CA GLY C 304 5.13 -0.19 -35.78
C GLY C 304 4.15 0.63 -36.60
N ILE C 305 4.69 1.34 -37.60
CA ILE C 305 3.89 2.23 -38.45
C ILE C 305 4.03 1.75 -39.89
N TRP C 306 2.90 1.59 -40.54
CA TRP C 306 2.77 0.78 -41.75
C TRP C 306 2.13 1.58 -42.88
N GLU C 307 2.27 1.05 -44.09
CA GLU C 307 1.61 1.58 -45.27
C GLU C 307 1.39 0.45 -46.26
N ASP C 308 0.55 0.72 -47.26
CA ASP C 308 0.38 -0.17 -48.39
C ASP C 308 1.51 0.05 -49.38
N LYS C 309 2.12 -1.05 -49.79
CA LYS C 309 3.26 -1.04 -50.68
C LYS C 309 2.79 -1.21 -52.12
N PRO C 310 3.70 -1.02 -53.09
CA PRO C 310 3.28 -1.02 -54.51
C PRO C 310 2.61 -2.30 -54.99
N ASP C 311 2.83 -3.44 -54.30
CA ASP C 311 2.22 -4.71 -54.67
C ASP C 311 0.99 -5.00 -53.82
N GLY C 312 0.51 -4.01 -53.07
CA GLY C 312 -0.64 -4.16 -52.21
C GLY C 312 -0.35 -4.75 -50.85
N SER C 313 0.89 -5.12 -50.57
CA SER C 313 1.21 -5.74 -49.30
C SER C 313 1.44 -4.68 -48.23
N TRP C 314 1.49 -5.15 -46.98
CA TRP C 314 1.69 -4.28 -45.82
C TRP C 314 3.19 -4.24 -45.50
N GLY C 315 3.73 -3.04 -45.38
CA GLY C 315 5.11 -2.87 -44.97
C GLY C 315 5.30 -1.58 -44.21
N GLY C 316 6.53 -1.29 -43.81
CA GLY C 316 6.80 -0.09 -43.03
C GLY C 316 6.52 1.18 -43.83
N ARG C 317 6.03 2.19 -43.13
CA ARG C 317 5.67 3.43 -43.81
C ARG C 317 6.90 4.12 -44.35
N THR C 318 6.78 4.72 -45.53
CA THR C 318 7.92 5.41 -46.16
C THR C 318 8.29 6.68 -45.38
N LEU C 319 9.59 6.84 -45.15
CA LEU C 319 10.06 8.02 -44.43
C LEU C 319 9.84 9.25 -45.31
N PRO C 320 9.41 10.38 -44.73
CA PRO C 320 9.08 11.54 -45.57
C PRO C 320 10.22 11.97 -46.48
N TRP C 321 11.45 11.94 -45.99
CA TRP C 321 12.59 12.36 -46.78
C TRP C 321 12.92 11.39 -47.91
N ASP C 322 12.36 10.19 -47.89
CA ASP C 322 12.52 9.27 -49.01
C ASP C 322 11.49 9.50 -50.09
N LYS C 323 10.56 10.41 -49.91
CA LYS C 323 9.63 10.78 -50.97
C LYS C 323 9.55 12.29 -51.11
N GLY C 324 10.67 12.96 -50.90
CA GLY C 324 10.82 14.36 -51.25
C GLY C 324 10.21 15.35 -50.30
N ILE C 325 9.81 14.93 -49.10
CA ILE C 325 9.18 15.83 -48.14
C ILE C 325 10.25 16.41 -47.23
N GLU C 326 10.29 17.72 -47.12
CA GLU C 326 11.27 18.40 -46.27
C GLU C 326 10.79 18.40 -44.83
N ILE C 327 11.73 18.23 -43.89
N ILE C 327 11.74 18.31 -43.90
CA ILE C 327 11.47 18.47 -42.47
CA ILE C 327 11.43 18.50 -42.48
C ILE C 327 12.56 19.40 -41.94
C ILE C 327 12.51 19.40 -41.89
N ASN C 328 12.40 20.69 -42.14
CA ASN C 328 13.45 21.64 -41.79
C ASN C 328 13.03 22.65 -40.74
N ASP C 329 11.83 22.51 -40.16
CA ASP C 329 11.36 23.53 -39.23
C ASP C 329 10.35 22.91 -38.27
N ARG C 330 10.16 23.60 -37.14
CA ARG C 330 9.31 23.05 -36.09
C ARG C 330 7.89 22.78 -36.57
N ASP C 331 7.24 23.77 -37.17
CA ASP C 331 5.83 23.61 -37.52
C ASP C 331 5.63 22.45 -38.49
N THR C 332 6.49 22.34 -39.52
CA THR C 332 6.39 21.21 -40.43
C THR C 332 6.60 19.88 -39.70
N ALA C 333 7.64 19.82 -38.86
CA ALA C 333 7.88 18.60 -38.09
C ALA C 333 6.70 18.24 -37.19
N VAL C 334 6.08 19.23 -36.53
CA VAL C 334 4.97 18.92 -35.62
C VAL C 334 3.83 18.29 -36.39
N ARG C 335 3.49 18.87 -37.55
CA ARG C 335 2.33 18.37 -38.29
C ARG C 335 2.62 16.99 -38.86
N LEU C 336 3.84 16.78 -39.38
CA LEU C 336 4.19 15.45 -39.87
C LEU C 336 4.25 14.42 -38.75
N TYR C 337 4.72 14.82 -37.56
CA TYR C 337 4.78 13.92 -36.42
C TYR C 337 3.37 13.54 -35.96
N ALA C 338 2.46 14.52 -35.93
CA ALA C 338 1.06 14.23 -35.60
C ALA C 338 0.47 13.26 -36.59
N ASP C 339 0.64 13.53 -37.89
CA ASP C 339 0.11 12.64 -38.92
C ASP C 339 0.71 11.23 -38.81
N TRP C 340 2.02 11.13 -38.56
CA TRP C 340 2.63 9.81 -38.43
C TRP C 340 1.97 9.01 -37.33
N ASN C 341 1.84 9.59 -36.14
CA ASN C 341 1.27 8.84 -35.03
C ASN C 341 -0.20 8.55 -35.26
N LEU C 342 -0.93 9.47 -35.89
CA LEU C 342 -2.35 9.24 -36.12
C LEU C 342 -2.61 8.07 -37.07
N SER C 343 -1.59 7.65 -37.83
CA SER C 343 -1.72 6.47 -38.68
C SER C 343 -1.48 5.16 -37.96
N LYS C 344 -1.23 5.18 -36.67
N LYS C 344 -1.22 5.18 -36.65
CA LYS C 344 -0.92 3.98 -35.94
CA LYS C 344 -0.91 3.97 -35.90
C LYS C 344 -2.04 2.94 -36.08
C LYS C 344 -2.03 2.93 -36.05
N PRO C 345 -1.75 1.74 -36.56
CA PRO C 345 -2.84 0.77 -36.74
C PRO C 345 -3.59 0.46 -35.46
N GLN C 346 -2.88 0.37 -34.34
CA GLN C 346 -3.49 0.02 -33.05
C GLN C 346 -4.25 1.15 -32.40
N TRP C 347 -4.46 2.28 -33.08
CA TRP C 347 -5.42 3.28 -32.61
C TRP C 347 -6.77 3.18 -33.29
N GLN C 348 -6.87 2.46 -34.41
CA GLN C 348 -8.06 2.60 -35.25
C GLN C 348 -9.29 1.93 -34.62
N HIS C 349 -9.10 0.82 -33.92
CA HIS C 349 -10.25 0.07 -33.40
C HIS C 349 -10.94 0.83 -32.27
N PHE C 350 -10.31 1.88 -31.72
CA PHE C 350 -11.00 2.68 -30.70
C PHE C 350 -12.23 3.37 -31.29
N TYR C 351 -12.31 3.44 -32.61
CA TYR C 351 -13.44 4.07 -33.28
C TYR C 351 -14.27 3.08 -34.07
N ASP C 352 -13.62 2.16 -34.78
CA ASP C 352 -14.30 1.27 -35.72
C ASP C 352 -13.63 -0.09 -35.62
N PRO C 353 -14.27 -1.06 -34.96
CA PRO C 353 -13.64 -2.38 -34.83
C PRO C 353 -13.41 -3.08 -36.15
N THR C 354 -14.21 -2.78 -37.17
CA THR C 354 -14.02 -3.44 -38.47
C THR C 354 -12.70 -3.03 -39.10
N ILE C 355 -12.15 -1.86 -38.77
CA ILE C 355 -10.81 -1.54 -39.26
C ILE C 355 -9.82 -2.57 -38.76
N LYS C 356 -9.93 -2.92 -37.47
CA LYS C 356 -9.06 -3.94 -36.92
C LYS C 356 -9.41 -5.33 -37.46
N SER C 357 -10.68 -5.62 -37.69
CA SER C 357 -11.03 -6.92 -38.28
C SER C 357 -10.35 -7.08 -39.62
N ASP C 358 -10.42 -6.05 -40.46
CA ASP C 358 -9.80 -6.14 -41.78
C ASP C 358 -8.27 -6.26 -41.67
N MET C 359 -7.67 -5.55 -40.71
CA MET C 359 -6.23 -5.64 -40.49
C MET C 359 -5.84 -7.04 -40.06
N MET C 360 -6.63 -7.65 -39.18
CA MET C 360 -6.37 -9.02 -38.77
C MET C 360 -6.49 -10.00 -39.92
N LEU C 361 -7.54 -9.87 -40.75
CA LEU C 361 -7.71 -10.73 -41.90
C LEU C 361 -6.56 -10.56 -42.88
N ARG C 362 -6.04 -9.33 -43.00
CA ARG C 362 -4.93 -9.09 -43.91
C ARG C 362 -3.67 -9.75 -43.40
N ILE C 363 -3.42 -9.68 -42.08
CA ILE C 363 -2.26 -10.37 -41.53
C ILE C 363 -2.37 -11.86 -41.77
N ILE C 364 -3.56 -12.42 -41.56
CA ILE C 364 -3.74 -13.86 -41.73
C ILE C 364 -3.35 -14.27 -43.14
N LYS C 365 -3.70 -13.44 -44.12
CA LYS C 365 -3.39 -13.73 -45.52
C LYS C 365 -1.90 -13.55 -45.80
N GLU C 366 -1.36 -12.35 -45.55
CA GLU C 366 0.01 -12.06 -45.97
C GLU C 366 1.04 -12.85 -45.18
N TRP C 367 0.79 -13.13 -43.90
CA TRP C 367 1.71 -13.91 -43.10
C TRP C 367 1.39 -15.40 -43.12
N GLN C 368 0.42 -15.82 -43.92
CA GLN C 368 0.17 -17.24 -44.19
C GLN C 368 -0.16 -18.01 -42.91
N VAL C 369 -1.16 -17.51 -42.21
CA VAL C 369 -1.54 -17.99 -40.89
C VAL C 369 -2.53 -19.13 -41.04
N ASP C 370 -2.34 -20.19 -40.25
CA ASP C 370 -3.22 -21.35 -40.24
C ASP C 370 -4.31 -21.27 -39.17
N GLY C 371 -4.09 -20.50 -38.11
CA GLY C 371 -5.07 -20.38 -37.04
C GLY C 371 -4.77 -19.20 -36.15
N VAL C 372 -5.80 -18.79 -35.40
CA VAL C 372 -5.76 -17.60 -34.59
C VAL C 372 -6.11 -17.95 -33.15
N MET C 373 -5.32 -17.43 -32.20
CA MET C 373 -5.60 -17.58 -30.78
C MET C 373 -5.83 -16.19 -30.24
N LEU C 374 -7.05 -15.91 -29.81
CA LEU C 374 -7.43 -14.57 -29.36
C LEU C 374 -7.54 -14.52 -27.84
N HIS C 375 -6.74 -13.65 -27.23
CA HIS C 375 -6.81 -13.39 -25.80
C HIS C 375 -7.94 -12.41 -25.54
N LEU C 376 -8.97 -12.88 -24.84
CA LEU C 376 -10.03 -12.03 -24.34
C LEU C 376 -9.48 -11.49 -23.02
N ASN C 377 -8.82 -10.33 -23.11
CA ASN C 377 -7.97 -9.81 -22.04
C ASN C 377 -8.76 -8.88 -21.14
N ARG C 378 -9.15 -9.41 -19.98
CA ARG C 378 -9.91 -8.66 -19.01
C ARG C 378 -9.11 -7.55 -18.37
N GLY C 379 -7.80 -7.49 -18.59
CA GLY C 379 -6.99 -6.49 -17.95
C GLY C 379 -6.79 -5.19 -18.69
N CYS C 380 -7.39 -5.02 -19.88
CA CYS C 380 -7.10 -3.86 -20.73
C CYS C 380 -8.33 -3.51 -21.56
N GLU C 381 -9.12 -2.54 -21.08
CA GLU C 381 -10.26 -2.11 -21.90
C GLU C 381 -9.79 -1.59 -23.26
N GLY C 382 -8.67 -0.87 -23.29
CA GLY C 382 -8.33 -0.13 -24.50
C GLY C 382 -8.09 -1.02 -25.68
N LEU C 383 -7.33 -2.09 -25.49
CA LEU C 383 -7.03 -2.97 -26.62
C LEU C 383 -8.02 -4.10 -26.76
N SER C 384 -8.94 -4.28 -25.81
CA SER C 384 -9.95 -5.32 -25.92
C SER C 384 -11.28 -4.83 -26.51
N VAL C 385 -11.51 -3.52 -26.59
CA VAL C 385 -12.77 -3.06 -27.16
C VAL C 385 -12.89 -3.58 -28.59
N GLY C 386 -14.07 -4.10 -28.92
CA GLY C 386 -14.33 -4.62 -30.25
C GLY C 386 -13.88 -6.05 -30.47
N ILE C 387 -13.28 -6.71 -29.47
CA ILE C 387 -12.63 -7.99 -29.70
C ILE C 387 -13.61 -9.05 -30.18
N MET C 388 -14.85 -9.05 -29.66
CA MET C 388 -15.80 -10.07 -30.10
C MET C 388 -16.23 -9.85 -31.54
N GLU C 389 -16.32 -8.59 -31.97
CA GLU C 389 -16.62 -8.36 -33.39
C GLU C 389 -15.43 -8.78 -34.24
N ASN C 390 -14.21 -8.62 -33.74
CA ASN C 390 -13.06 -9.14 -34.49
C ASN C 390 -13.14 -10.66 -34.60
N ARG C 391 -13.48 -11.35 -33.50
CA ARG C 391 -13.62 -12.81 -33.54
C ARG C 391 -14.65 -13.25 -34.55
N LEU C 392 -15.82 -12.60 -34.54
CA LEU C 392 -16.87 -12.93 -35.50
C LEU C 392 -16.37 -12.80 -36.93
N ALA C 393 -15.63 -11.72 -37.22
CA ALA C 393 -15.15 -11.50 -38.58
C ALA C 393 -14.17 -12.60 -38.99
N ILE C 394 -13.31 -13.03 -38.07
CA ILE C 394 -12.36 -14.08 -38.42
C ILE C 394 -13.07 -15.43 -38.57
N ALA C 395 -14.00 -15.73 -37.67
CA ALA C 395 -14.77 -16.96 -37.80
C ALA C 395 -15.49 -17.02 -39.14
N LYS C 396 -16.11 -15.91 -39.53
CA LYS C 396 -16.86 -15.89 -40.78
C LYS C 396 -15.95 -16.11 -41.99
N SER C 397 -14.67 -15.73 -41.87
CA SER C 397 -13.75 -15.86 -43.01
C SER C 397 -13.31 -17.29 -43.24
N GLY C 398 -13.54 -18.20 -42.29
CA GLY C 398 -13.16 -19.60 -42.41
C GLY C 398 -11.83 -19.97 -41.78
N THR C 399 -11.07 -19.00 -41.30
CA THR C 399 -9.84 -19.28 -40.60
C THR C 399 -10.15 -19.83 -39.21
N PRO C 400 -9.56 -20.97 -38.81
CA PRO C 400 -9.78 -21.46 -37.44
C PRO C 400 -9.35 -20.41 -36.43
N VAL C 401 -10.18 -20.23 -35.40
CA VAL C 401 -9.93 -19.24 -34.35
C VAL C 401 -10.44 -19.79 -33.03
N MET C 402 -9.62 -19.66 -31.99
CA MET C 402 -10.00 -19.97 -30.62
C MET C 402 -9.82 -18.73 -29.76
N THR C 403 -10.54 -18.72 -28.64
CA THR C 403 -10.42 -17.68 -27.64
C THR C 403 -10.01 -18.31 -26.32
N PHE C 404 -9.37 -17.52 -25.47
CA PHE C 404 -9.18 -17.87 -24.07
C PHE C 404 -9.27 -16.57 -23.27
N GLU C 405 -9.87 -16.64 -22.10
CA GLU C 405 -9.93 -15.48 -21.23
C GLU C 405 -8.66 -15.37 -20.41
N GLY C 406 -8.22 -14.14 -20.17
CA GLY C 406 -7.10 -13.95 -19.29
C GLY C 406 -6.99 -12.51 -18.82
N ASN C 407 -5.83 -12.14 -18.32
CA ASN C 407 -5.53 -10.76 -17.94
C ASN C 407 -4.02 -10.62 -18.03
N MET C 408 -3.54 -9.68 -18.85
CA MET C 408 -2.10 -9.65 -19.12
C MET C 408 -1.29 -9.36 -17.86
N GLY C 409 -1.88 -8.68 -16.88
CA GLY C 409 -1.13 -8.23 -15.73
C GLY C 409 -1.50 -8.90 -14.42
N ASP C 410 -2.69 -9.51 -14.37
CA ASP C 410 -3.25 -10.04 -13.12
C ASP C 410 -3.58 -11.52 -13.28
N GLU C 411 -2.68 -12.35 -12.75
CA GLU C 411 -2.79 -13.80 -12.88
C GLU C 411 -4.07 -14.36 -12.27
N ARG C 412 -4.72 -13.61 -11.37
CA ARG C 412 -5.94 -14.12 -10.73
C ARG C 412 -7.07 -14.30 -11.74
N GLU C 413 -6.99 -13.67 -12.90
CA GLU C 413 -8.01 -13.80 -13.93
C GLU C 413 -7.54 -14.63 -15.12
N PHE C 414 -6.50 -15.46 -14.94
CA PHE C 414 -6.00 -16.32 -15.99
C PHE C 414 -5.89 -17.73 -15.44
N ASP C 415 -6.59 -18.67 -16.07
CA ASP C 415 -6.54 -20.09 -15.69
C ASP C 415 -5.60 -20.79 -16.66
N GLU C 416 -4.35 -20.97 -16.25
CA GLU C 416 -3.36 -21.53 -17.19
C GLU C 416 -3.65 -22.99 -17.51
N VAL C 417 -4.22 -23.74 -16.56
CA VAL C 417 -4.55 -25.14 -16.82
C VAL C 417 -5.64 -25.24 -17.88
N ARG C 418 -6.72 -24.49 -17.70
CA ARG C 418 -7.80 -24.53 -18.67
C ARG C 418 -7.34 -24.01 -20.02
N THR C 419 -6.55 -22.94 -20.03
CA THR C 419 -6.07 -22.41 -21.31
C THR C 419 -5.19 -23.41 -22.04
N GLN C 420 -4.29 -24.08 -21.31
CA GLN C 420 -3.46 -25.10 -21.93
C GLN C 420 -4.31 -26.20 -22.54
N ALA C 421 -5.40 -26.56 -21.86
CA ALA C 421 -6.30 -27.57 -22.41
C ALA C 421 -7.00 -27.05 -23.66
N ARG C 422 -7.42 -25.79 -23.64
CA ARG C 422 -8.02 -25.19 -24.83
C ARG C 422 -7.03 -25.18 -25.99
N VAL C 423 -5.76 -24.87 -25.69
CA VAL C 423 -4.72 -24.91 -26.71
C VAL C 423 -4.57 -26.31 -27.27
N ASP C 424 -4.60 -27.32 -26.39
CA ASP C 424 -4.48 -28.71 -26.83
C ASP C 424 -5.57 -29.05 -27.82
N ALA C 425 -6.81 -28.69 -27.50
CA ALA C 425 -7.93 -28.97 -28.40
C ALA C 425 -7.72 -28.25 -29.72
N PHE C 426 -7.26 -27.01 -29.69
CA PHE C 426 -7.08 -26.24 -30.91
C PHE C 426 -6.05 -26.90 -31.82
N MET C 427 -4.89 -27.27 -31.27
CA MET C 427 -3.88 -27.93 -32.09
C MET C 427 -4.44 -29.20 -32.73
N GLU C 428 -5.14 -30.01 -31.93
CA GLU C 428 -5.81 -31.20 -32.45
C GLU C 428 -6.66 -30.84 -33.67
N GLN C 429 -7.46 -29.79 -33.54
CA GLN C 429 -8.31 -29.33 -34.65
C GLN C 429 -7.47 -28.91 -35.86
N LEU C 430 -6.34 -28.24 -35.62
CA LEU C 430 -5.47 -27.87 -36.73
C LEU C 430 -4.77 -29.07 -37.37
N GLY C 431 -4.82 -30.23 -36.73
CA GLY C 431 -4.31 -31.46 -37.30
C GLY C 431 -3.01 -32.00 -36.74
N VAL C 432 -2.63 -31.61 -35.52
CA VAL C 432 -1.27 -31.84 -35.03
C VAL C 432 -1.28 -32.36 -33.59
N ARG C 433 -0.28 -33.18 -33.28
CA ARG C 433 -0.01 -33.69 -31.94
C ARG C 433 1.41 -33.33 -31.53
N ARG C 434 1.60 -33.16 -30.21
CA ARG C 434 2.91 -32.94 -29.60
C ARG C 434 3.78 -34.19 -29.77
N GLN C 435 5.02 -34.02 -30.18
CA GLN C 435 5.98 -35.14 -30.31
C GLN C 435 6.55 -35.53 -28.94
N ALA C 436 7.07 -36.73 -28.85
CA ALA C 436 7.63 -37.36 -27.62
C ALA C 436 6.55 -37.56 -26.55
N SER D 2 -52.20 9.39 -5.09
CA SER D 2 -51.38 10.58 -5.26
C SER D 2 -52.02 11.54 -6.27
N ASP D 3 -51.33 12.64 -6.61
CA ASP D 3 -51.94 13.66 -7.45
C ASP D 3 -51.68 13.44 -8.93
N GLY D 4 -50.73 12.59 -9.28
CA GLY D 4 -50.53 12.21 -10.67
C GLY D 4 -49.92 13.27 -11.55
N LEU D 5 -49.33 14.31 -10.97
CA LEU D 5 -48.83 15.42 -11.77
C LEU D 5 -47.78 14.95 -12.78
N PHE D 6 -46.94 13.99 -12.41
CA PHE D 6 -45.89 13.54 -13.29
C PHE D 6 -46.30 12.33 -14.13
N ASP D 7 -47.57 11.96 -14.11
CA ASP D 7 -48.00 10.75 -14.80
C ASP D 7 -47.65 10.77 -16.28
N GLN D 8 -47.72 11.93 -16.92
CA GLN D 8 -47.42 11.97 -18.36
C GLN D 8 -45.96 11.58 -18.62
N PHE D 9 -45.05 12.03 -17.76
CA PHE D 9 -43.66 11.61 -17.91
C PHE D 9 -43.52 10.11 -17.65
N LYS D 10 -44.26 9.57 -16.70
CA LYS D 10 -44.18 8.12 -16.47
C LYS D 10 -44.70 7.35 -17.68
N THR D 11 -45.80 7.81 -18.25
CA THR D 11 -46.33 7.17 -19.45
C THR D 11 -45.33 7.23 -20.59
N TRP D 12 -44.72 8.40 -20.82
CA TRP D 12 -43.76 8.53 -21.90
C TRP D 12 -42.59 7.57 -21.70
N TYR D 13 -42.14 7.39 -20.46
CA TYR D 13 -41.05 6.46 -20.21
C TYR D 13 -41.49 5.03 -20.52
N GLU D 14 -42.63 4.62 -19.96
CA GLU D 14 -43.07 3.24 -20.11
C GLU D 14 -43.43 2.92 -21.55
N LYS D 15 -44.02 3.88 -22.28
CA LYS D 15 -44.43 3.66 -23.66
C LYS D 15 -43.54 4.42 -24.65
N ARG D 16 -42.25 4.58 -24.34
CA ARG D 16 -41.37 5.35 -25.22
C ARG D 16 -41.44 4.88 -26.67
N HIS D 17 -41.57 3.57 -26.88
CA HIS D 17 -41.46 3.06 -28.24
C HIS D 17 -42.73 3.35 -29.04
N ASP D 18 -43.90 3.16 -28.42
CA ASP D 18 -45.15 3.55 -29.04
C ASP D 18 -45.19 5.06 -29.30
N TYR D 19 -44.64 5.85 -28.38
CA TYR D 19 -44.57 7.29 -28.62
C TYR D 19 -43.80 7.60 -29.90
N ALA D 20 -42.67 6.92 -30.13
CA ALA D 20 -41.86 7.25 -31.29
C ALA D 20 -42.53 6.81 -32.58
N ARG D 21 -43.15 5.63 -32.57
CA ARG D 21 -43.88 5.17 -33.74
C ARG D 21 -45.02 6.13 -34.09
N ASP D 22 -45.71 6.65 -33.08
CA ASP D 22 -46.82 7.57 -33.34
C ASP D 22 -46.30 8.94 -33.75
N TRP D 23 -45.14 9.35 -33.21
CA TRP D 23 -44.52 10.58 -33.65
C TRP D 23 -44.23 10.54 -35.14
N LYS D 24 -43.80 9.37 -35.65
CA LYS D 24 -43.47 9.26 -37.08
C LYS D 24 -44.71 9.41 -37.95
N VAL D 25 -45.83 8.82 -37.53
CA VAL D 25 -47.05 8.96 -38.30
C VAL D 25 -47.55 10.40 -38.26
N ARG D 26 -47.37 11.08 -37.13
CA ARG D 26 -47.92 12.43 -37.00
C ARG D 26 -47.09 13.46 -37.76
N THR D 27 -45.77 13.29 -37.80
CA THR D 27 -44.89 14.28 -38.38
C THR D 27 -44.30 13.86 -39.72
N GLY D 28 -44.30 12.57 -40.02
CA GLY D 28 -43.65 12.11 -41.23
C GLY D 28 -42.14 12.08 -41.15
N GLY D 29 -41.55 12.29 -39.96
CA GLY D 29 -40.12 12.41 -39.84
C GLY D 29 -39.42 11.09 -39.56
N GLN D 30 -38.10 11.15 -39.62
CA GLN D 30 -37.23 10.03 -39.24
C GLN D 30 -36.92 10.06 -37.74
N VAL D 31 -36.68 8.86 -37.20
CA VAL D 31 -36.23 8.67 -35.82
C VAL D 31 -34.76 8.24 -35.82
N VAL D 32 -33.99 8.76 -34.88
CA VAL D 32 -32.55 8.49 -34.81
C VAL D 32 -32.25 8.00 -33.40
N ALA D 33 -31.69 6.79 -33.30
CA ALA D 33 -31.25 6.27 -32.01
C ALA D 33 -29.94 6.95 -31.67
N THR D 34 -29.90 7.61 -30.52
CA THR D 34 -28.72 8.35 -30.07
C THR D 34 -28.06 7.63 -28.92
N MET D 35 -26.75 7.79 -28.86
CA MET D 35 -25.94 7.21 -27.82
C MET D 35 -25.07 8.30 -27.21
N CYS D 36 -24.93 8.24 -25.90
CA CYS D 36 -24.23 9.25 -25.11
C CYS D 36 -24.90 10.62 -25.18
N THR D 37 -24.92 11.27 -24.04
CA THR D 37 -25.61 12.54 -23.89
C THR D 37 -24.89 13.67 -24.61
N TYR D 38 -23.72 13.42 -25.21
CA TYR D 38 -23.02 14.43 -25.97
C TYR D 38 -23.54 14.56 -27.40
N THR D 39 -24.49 13.74 -27.82
CA THR D 39 -25.07 13.87 -29.14
C THR D 39 -25.54 15.30 -29.40
N PRO D 40 -25.16 15.94 -30.54
CA PRO D 40 -25.63 17.33 -30.76
C PRO D 40 -27.05 17.31 -31.30
N GLU D 41 -28.03 17.16 -30.41
CA GLU D 41 -29.35 16.82 -30.89
C GLU D 41 -30.00 17.99 -31.61
N GLU D 42 -29.52 19.21 -31.37
CA GLU D 42 -30.00 20.35 -32.15
C GLU D 42 -29.96 20.06 -33.65
N LEU D 43 -28.87 19.44 -34.12
CA LEU D 43 -28.73 19.19 -35.55
C LEU D 43 -29.78 18.21 -36.03
N LEU D 44 -30.06 17.18 -35.25
CA LEU D 44 -31.06 16.18 -35.64
C LEU D 44 -32.46 16.78 -35.66
N ILE D 45 -32.78 17.59 -34.65
CA ILE D 45 -34.06 18.27 -34.61
C ILE D 45 -34.21 19.18 -35.82
N ALA D 46 -33.18 19.97 -36.11
CA ALA D 46 -33.22 20.87 -37.26
C ALA D 46 -33.40 20.11 -38.56
N ALA D 47 -32.84 18.91 -38.64
CA ALA D 47 -32.99 18.05 -39.82
C ALA D 47 -34.35 17.37 -39.87
N GLY D 48 -35.25 17.70 -38.96
CA GLY D 48 -36.59 17.12 -38.96
C GLY D 48 -36.72 15.76 -38.32
N MET D 49 -35.80 15.38 -37.44
CA MET D 49 -35.80 14.05 -36.86
C MET D 49 -36.10 14.08 -35.37
N LEU D 50 -36.52 12.92 -34.86
CA LEU D 50 -36.69 12.72 -33.43
C LEU D 50 -35.49 12.00 -32.88
N PRO D 51 -34.65 12.64 -32.06
CA PRO D 51 -33.58 11.90 -31.36
C PRO D 51 -34.19 11.12 -30.20
N VAL D 52 -33.86 9.82 -30.10
CA VAL D 52 -34.30 8.99 -28.98
C VAL D 52 -33.08 8.28 -28.41
N ARG D 53 -32.76 8.60 -27.16
CA ARG D 53 -31.57 8.03 -26.55
C ARG D 53 -31.78 6.55 -26.25
N VAL D 54 -30.83 5.73 -26.68
CA VAL D 54 -30.88 4.32 -26.35
C VAL D 54 -30.61 4.13 -24.86
N LEU D 55 -31.42 3.30 -24.21
CA LEU D 55 -31.23 2.94 -22.82
C LEU D 55 -31.47 1.44 -22.70
N GLY D 56 -31.05 0.88 -21.57
CA GLY D 56 -31.27 -0.53 -21.35
C GLY D 56 -32.66 -0.80 -20.82
N ALA D 57 -33.00 -2.08 -20.76
CA ALA D 57 -34.29 -2.51 -20.22
C ALA D 57 -34.19 -3.10 -18.81
N HIS D 58 -32.97 -3.28 -18.28
CA HIS D 58 -32.77 -3.83 -16.95
C HIS D 58 -33.49 -5.16 -16.78
N GLU D 59 -33.39 -6.02 -17.77
CA GLU D 59 -33.93 -7.37 -17.72
C GLU D 59 -32.90 -8.34 -18.29
N PRO D 60 -33.04 -9.62 -18.02
CA PRO D 60 -32.02 -10.62 -18.48
C PRO D 60 -31.96 -10.64 -19.98
N GLN D 61 -30.74 -10.79 -20.50
CA GLN D 61 -30.53 -10.82 -21.92
C GLN D 61 -29.28 -11.62 -22.20
N ASN D 62 -29.27 -12.31 -23.37
N ASN D 62 -29.26 -12.31 -23.37
CA ASN D 62 -28.17 -13.13 -23.82
CA ASN D 62 -28.11 -13.08 -23.80
C ASN D 62 -27.70 -12.77 -25.21
C ASN D 62 -27.69 -12.76 -25.22
N VAL D 63 -28.42 -11.90 -25.93
CA VAL D 63 -28.12 -11.66 -27.33
C VAL D 63 -26.81 -10.94 -27.55
N THR D 64 -26.22 -10.31 -26.52
CA THR D 64 -25.01 -9.55 -26.77
C THR D 64 -23.73 -10.37 -26.66
N GLU D 65 -23.80 -11.60 -26.15
CA GLU D 65 -22.59 -12.37 -25.88
C GLU D 65 -21.70 -12.56 -27.10
N PRO D 66 -22.22 -12.78 -28.31
CA PRO D 66 -21.33 -12.86 -29.49
C PRO D 66 -20.77 -11.52 -29.92
N HIS D 67 -21.20 -10.41 -29.33
CA HIS D 67 -20.89 -9.07 -29.82
C HIS D 67 -20.02 -8.24 -28.90
N ILE D 68 -20.26 -8.30 -27.58
CA ILE D 68 -19.49 -7.52 -26.60
C ILE D 68 -19.03 -8.47 -25.48
N PHE D 69 -17.72 -8.48 -25.23
CA PHE D 69 -17.14 -9.32 -24.19
C PHE D 69 -17.63 -8.88 -22.81
N GLY D 70 -17.85 -9.86 -21.94
CA GLY D 70 -18.43 -9.66 -20.61
C GLY D 70 -17.59 -8.90 -19.62
N MET D 71 -16.37 -8.46 -19.98
CA MET D 71 -15.61 -7.58 -19.10
C MET D 71 -16.11 -6.14 -19.18
N PHE D 72 -17.03 -5.85 -20.09
CA PHE D 72 -17.52 -4.49 -20.29
C PHE D 72 -18.83 -4.29 -19.56
N CYS D 73 -19.21 -3.03 -19.39
CA CYS D 73 -20.23 -2.71 -18.41
C CYS D 73 -21.60 -3.24 -18.80
N PRO D 74 -22.49 -3.41 -17.83
CA PRO D 74 -23.86 -3.87 -18.13
C PRO D 74 -24.62 -2.90 -19.03
N PHE D 75 -24.37 -1.60 -18.89
CA PHE D 75 -25.14 -0.62 -19.64
C PHE D 75 -24.84 -0.72 -21.13
N CYS D 76 -23.57 -0.85 -21.51
CA CYS D 76 -23.26 -0.91 -22.93
C CYS D 76 -23.84 -2.18 -23.56
N ARG D 77 -23.89 -3.26 -22.80
CA ARG D 77 -24.48 -4.51 -23.27
C ARG D 77 -26.01 -4.46 -23.32
N ASP D 78 -26.63 -3.99 -22.23
CA ASP D 78 -28.09 -3.85 -22.19
C ASP D 78 -28.57 -2.95 -23.32
N SER D 79 -27.87 -1.84 -23.54
CA SER D 79 -28.23 -0.95 -24.63
C SER D 79 -28.18 -1.67 -25.98
N LEU D 80 -27.08 -2.38 -26.25
CA LEU D 80 -26.99 -3.06 -27.53
C LEU D 80 -28.10 -4.09 -27.67
N ALA D 81 -28.43 -4.79 -26.59
CA ALA D 81 -29.50 -5.79 -26.67
C ALA D 81 -30.79 -5.18 -27.19
N GLN D 82 -31.13 -3.96 -26.77
CA GLN D 82 -32.40 -3.38 -27.23
C GLN D 82 -32.41 -3.25 -28.75
N GLY D 83 -31.26 -2.91 -29.35
CA GLY D 83 -31.19 -2.84 -30.80
C GLY D 83 -31.30 -4.22 -31.43
N LEU D 84 -30.54 -5.20 -30.90
CA LEU D 84 -30.53 -6.54 -31.46
C LEU D 84 -31.88 -7.24 -31.33
N LEU D 85 -32.66 -6.88 -30.32
CA LEU D 85 -33.96 -7.48 -30.10
C LEU D 85 -35.04 -6.84 -30.95
N GLY D 86 -34.71 -5.81 -31.72
CA GLY D 86 -35.68 -5.20 -32.61
C GLY D 86 -36.50 -4.10 -31.98
N ARG D 87 -36.16 -3.66 -30.77
CA ARG D 87 -37.01 -2.72 -30.07
C ARG D 87 -36.88 -1.31 -30.61
N PHE D 88 -35.84 -1.02 -31.39
CA PHE D 88 -35.67 0.27 -32.03
C PHE D 88 -35.81 0.17 -33.55
N ASP D 89 -36.62 -0.78 -34.02
CA ASP D 89 -36.72 -1.04 -35.46
C ASP D 89 -37.28 0.14 -36.25
N TYR D 90 -37.98 1.06 -35.58
CA TYR D 90 -38.52 2.27 -36.21
C TYR D 90 -37.48 3.36 -36.40
N ALA D 91 -36.26 3.19 -35.89
CA ALA D 91 -35.24 4.22 -36.01
C ALA D 91 -34.39 3.97 -37.25
N GLU D 92 -34.42 4.93 -38.17
CA GLU D 92 -33.64 4.83 -39.40
C GLU D 92 -32.17 5.10 -39.15
N GLY D 93 -31.85 5.95 -38.18
CA GLY D 93 -30.49 6.35 -37.94
C GLY D 93 -29.96 5.88 -36.61
N VAL D 94 -28.63 5.84 -36.49
CA VAL D 94 -27.98 5.64 -35.20
C VAL D 94 -26.75 6.55 -35.15
N THR D 95 -26.54 7.19 -33.99
CA THR D 95 -25.42 8.13 -33.89
C THR D 95 -24.88 8.13 -32.47
N LEU D 96 -23.58 8.21 -32.38
CA LEU D 96 -22.89 8.34 -31.11
C LEU D 96 -21.93 9.52 -31.22
N THR D 97 -21.83 10.29 -30.14
CA THR D 97 -20.77 11.28 -29.98
C THR D 97 -19.78 10.74 -28.96
N GLN D 98 -18.52 10.75 -29.34
CA GLN D 98 -17.45 10.07 -28.62
C GLN D 98 -17.32 10.50 -27.18
N SER D 99 -17.28 9.51 -26.29
N SER D 99 -17.10 9.50 -26.32
CA SER D 99 -16.81 9.65 -24.92
CA SER D 99 -16.93 9.65 -24.89
C SER D 99 -16.27 8.29 -24.54
C SER D 99 -16.20 8.40 -24.40
N CYS D 100 -16.83 7.65 -23.51
CA CYS D 100 -16.31 6.37 -23.05
C CYS D 100 -16.10 5.37 -24.17
N ILE D 101 -14.93 4.68 -24.13
CA ILE D 101 -14.62 3.76 -25.21
C ILE D 101 -15.53 2.53 -25.17
N GLN D 102 -16.02 2.13 -24.00
CA GLN D 102 -16.88 0.94 -23.94
C GLN D 102 -18.15 1.16 -24.73
N TYR D 103 -18.74 2.35 -24.58
N TYR D 103 -18.77 2.33 -24.60
CA TYR D 103 -19.97 2.74 -25.26
CA TYR D 103 -20.03 2.51 -25.31
C TYR D 103 -19.82 2.69 -26.77
C TYR D 103 -19.83 2.67 -26.81
N ARG D 104 -18.62 2.97 -27.26
CA ARG D 104 -18.38 2.93 -28.70
C ARG D 104 -18.63 1.55 -29.28
N GLN D 105 -18.48 0.50 -28.47
CA GLN D 105 -18.79 -0.85 -28.93
C GLN D 105 -20.28 -1.01 -29.18
N THR D 106 -21.12 -0.42 -28.32
CA THR D 106 -22.55 -0.46 -28.56
C THR D 106 -22.85 0.10 -29.93
N PHE D 107 -22.28 1.27 -30.24
CA PHE D 107 -22.50 1.89 -31.54
C PHE D 107 -22.01 0.98 -32.66
N GLY D 108 -20.80 0.45 -32.50
CA GLY D 108 -20.20 -0.34 -33.57
C GLY D 108 -20.98 -1.61 -33.86
N SER D 109 -21.34 -2.35 -32.82
CA SER D 109 -22.12 -3.57 -33.02
C SER D 109 -23.51 -3.24 -33.56
N TRP D 110 -24.09 -2.11 -33.11
CA TRP D 110 -25.43 -1.75 -33.53
C TRP D 110 -25.47 -1.45 -35.02
N ARG D 111 -24.59 -0.56 -35.51
N ARG D 111 -24.58 -0.57 -35.50
CA ARG D 111 -24.60 -0.27 -36.93
CA ARG D 111 -24.57 -0.24 -36.93
C ARG D 111 -24.30 -1.50 -37.78
C ARG D 111 -24.20 -1.43 -37.81
N LEU D 112 -23.48 -2.43 -37.27
CA LEU D 112 -23.14 -3.59 -38.10
C LEU D 112 -24.27 -4.61 -38.16
N HIS D 113 -25.09 -4.74 -37.11
CA HIS D 113 -25.97 -5.91 -36.99
C HIS D 113 -27.45 -5.60 -36.85
N VAL D 114 -27.83 -4.35 -36.60
CA VAL D 114 -29.24 -3.99 -36.51
C VAL D 114 -29.71 -3.74 -37.94
N PRO D 115 -30.56 -4.62 -38.50
CA PRO D 115 -30.79 -4.57 -39.97
C PRO D 115 -31.65 -3.41 -40.42
N THR D 116 -32.33 -2.71 -39.52
CA THR D 116 -33.14 -1.54 -39.84
C THR D 116 -32.34 -0.24 -39.87
N VAL D 117 -31.05 -0.29 -39.57
CA VAL D 117 -30.23 0.92 -39.66
C VAL D 117 -30.07 1.28 -41.12
N LYS D 118 -30.45 2.51 -41.47
CA LYS D 118 -30.23 3.04 -42.80
C LYS D 118 -29.03 3.97 -42.88
N TRP D 119 -28.66 4.59 -41.76
CA TRP D 119 -27.46 5.44 -41.74
C TRP D 119 -26.92 5.50 -40.32
N ASP D 120 -25.64 5.83 -40.22
CA ASP D 120 -24.98 5.96 -38.93
C ASP D 120 -23.98 7.11 -39.00
N TYR D 121 -23.67 7.69 -37.85
CA TYR D 121 -22.65 8.73 -37.80
C TYR D 121 -22.00 8.75 -36.44
N TYR D 122 -20.67 8.72 -36.44
CA TYR D 122 -19.86 8.85 -35.24
C TYR D 122 -19.24 10.25 -35.21
N VAL D 123 -19.53 11.01 -34.15
CA VAL D 123 -18.97 12.35 -33.98
C VAL D 123 -17.75 12.25 -33.06
N PRO D 124 -16.50 12.48 -33.56
CA PRO D 124 -15.34 12.47 -32.62
C PRO D 124 -15.17 13.81 -31.90
N MET D 125 -16.13 14.11 -31.03
CA MET D 125 -15.98 15.24 -30.13
C MET D 125 -14.72 15.14 -29.30
N PRO D 126 -13.91 16.20 -29.25
CA PRO D 126 -12.75 16.19 -28.38
C PRO D 126 -13.11 15.70 -26.99
N ASN D 127 -12.20 14.88 -26.45
CA ASN D 127 -12.29 14.55 -25.05
C ASN D 127 -11.70 15.65 -24.18
N GLU D 128 -10.64 16.31 -24.64
CA GLU D 128 -9.96 17.31 -23.79
C GLU D 128 -10.62 18.68 -23.94
N VAL D 129 -11.85 18.78 -23.42
CA VAL D 129 -12.59 20.04 -23.43
C VAL D 129 -11.84 21.15 -22.69
N GLN D 130 -10.88 20.77 -21.84
CA GLN D 130 -10.04 21.77 -21.20
C GLN D 130 -8.98 22.36 -22.11
N SER D 131 -8.79 21.81 -23.30
CA SER D 131 -7.76 22.33 -24.19
C SER D 131 -8.26 23.60 -24.84
N PRO D 132 -7.40 24.61 -25.00
CA PRO D 132 -7.78 25.79 -25.80
C PRO D 132 -8.11 25.49 -27.27
N HIS D 133 -7.80 24.29 -27.78
CA HIS D 133 -8.08 23.96 -29.19
C HIS D 133 -9.32 23.11 -29.40
N ALA D 134 -9.98 22.68 -28.32
CA ALA D 134 -11.08 21.73 -28.47
C ALA D 134 -12.32 22.39 -29.05
N ARG D 135 -12.58 23.66 -28.73
CA ARG D 135 -13.81 24.29 -29.20
C ARG D 135 -13.77 24.52 -30.71
N LYS D 136 -12.60 24.87 -31.25
CA LYS D 136 -12.47 24.97 -32.69
C LYS D 136 -12.64 23.63 -33.35
N ALA D 137 -12.01 22.57 -32.78
CA ALA D 137 -12.15 21.24 -33.35
C ALA D 137 -13.59 20.79 -33.33
N HIS D 138 -14.30 21.04 -32.23
CA HIS D 138 -15.67 20.56 -32.16
C HIS D 138 -16.58 21.41 -33.03
N TYR D 139 -16.27 22.70 -33.20
CA TYR D 139 -17.01 23.51 -34.18
C TYR D 139 -17.00 22.82 -35.53
N GLU D 140 -15.82 22.40 -35.99
CA GLU D 140 -15.73 21.77 -37.28
C GLU D 140 -16.41 20.41 -37.31
N GLU D 141 -16.39 19.65 -36.20
CA GLU D 141 -17.13 18.37 -36.16
C GLU D 141 -18.64 18.61 -36.27
N VAL D 142 -19.16 19.59 -35.54
CA VAL D 142 -20.59 19.86 -35.60
C VAL D 142 -20.99 20.32 -36.99
N GLN D 143 -20.21 21.22 -37.58
CA GLN D 143 -20.46 21.63 -38.96
C GLN D 143 -20.40 20.44 -39.91
N ALA D 144 -19.44 19.54 -39.72
CA ALA D 144 -19.37 18.41 -40.62
C ALA D 144 -20.59 17.50 -40.49
N PHE D 145 -21.10 17.33 -39.28
CA PHE D 145 -22.32 16.52 -39.09
C PHE D 145 -23.52 17.21 -39.75
N ARG D 146 -23.58 18.54 -39.65
CA ARG D 146 -24.63 19.28 -40.33
C ARG D 146 -24.58 19.05 -41.84
N VAL D 147 -23.38 19.10 -42.42
CA VAL D 147 -23.24 18.86 -43.85
C VAL D 147 -23.66 17.44 -44.20
N PHE D 148 -23.27 16.48 -43.36
CA PHE D 148 -23.70 15.09 -43.56
C PHE D 148 -25.21 14.98 -43.56
N LEU D 149 -25.87 15.61 -42.58
CA LEU D 149 -27.32 15.50 -42.47
C LEU D 149 -28.02 16.20 -43.62
N GLN D 150 -27.47 17.32 -44.07
CA GLN D 150 -28.04 17.99 -45.24
C GLN D 150 -27.97 17.10 -46.46
N THR D 151 -26.83 16.43 -46.63
CA THR D 151 -26.65 15.57 -47.77
C THR D 151 -27.60 14.39 -47.70
N LEU D 152 -27.72 13.80 -46.51
CA LEU D 152 -28.54 12.63 -46.30
C LEU D 152 -30.01 12.92 -46.58
N THR D 153 -30.51 14.07 -46.11
CA THR D 153 -31.92 14.38 -46.25
C THR D 153 -32.26 15.11 -47.56
N GLY D 154 -31.26 15.66 -48.26
CA GLY D 154 -31.50 16.45 -49.45
C GLY D 154 -32.04 17.83 -49.18
N LYS D 155 -32.05 18.27 -47.93
CA LYS D 155 -32.67 19.55 -47.58
C LYS D 155 -31.66 20.42 -46.85
N GLU D 156 -31.57 21.69 -47.24
CA GLU D 156 -30.65 22.59 -46.59
C GLU D 156 -31.06 22.75 -45.12
N ILE D 157 -30.09 22.65 -44.23
CA ILE D 157 -30.25 22.93 -42.82
C ILE D 157 -29.65 24.31 -42.59
N THR D 158 -30.52 25.30 -42.53
CA THR D 158 -30.09 26.69 -42.46
C THR D 158 -29.80 27.12 -41.02
N ASP D 159 -29.12 28.27 -40.88
CA ASP D 159 -28.82 28.79 -39.55
C ASP D 159 -30.10 29.02 -38.77
N ALA D 160 -31.16 29.44 -39.46
CA ALA D 160 -32.42 29.68 -38.76
C ALA D 160 -33.00 28.39 -38.22
N MET D 161 -32.89 27.32 -38.98
CA MET D 161 -33.39 26.03 -38.51
C MET D 161 -32.59 25.56 -37.30
N LEU D 162 -31.27 25.74 -37.34
CA LEU D 162 -30.43 25.36 -36.22
C LEU D 162 -30.73 26.22 -35.01
N SER D 163 -30.96 27.51 -35.21
N SER D 163 -30.96 27.51 -35.21
CA SER D 163 -31.25 28.39 -34.09
CA SER D 163 -31.25 28.39 -34.09
C SER D 163 -32.59 28.06 -33.46
C SER D 163 -32.59 28.05 -33.46
N ASP D 164 -33.59 27.71 -34.27
CA ASP D 164 -34.87 27.28 -33.68
C ASP D 164 -34.72 25.98 -32.90
N ALA D 165 -33.93 25.04 -33.42
CA ALA D 165 -33.70 23.81 -32.69
C ALA D 165 -32.93 24.08 -31.38
N LEU D 166 -31.93 24.96 -31.44
CA LEU D 166 -31.19 25.27 -30.22
C LEU D 166 -32.09 25.96 -29.20
N ALA D 167 -32.99 26.83 -29.67
CA ALA D 167 -33.91 27.50 -28.77
C ALA D 167 -34.78 26.48 -28.03
N VAL D 168 -35.24 25.45 -28.74
CA VAL D 168 -36.07 24.42 -28.11
C VAL D 168 -35.26 23.62 -27.09
N CYS D 169 -34.03 23.28 -27.42
CA CYS D 169 -33.19 22.52 -26.49
C CYS D 169 -32.83 23.39 -25.29
N ASP D 170 -32.48 24.65 -25.51
CA ASP D 170 -32.15 25.51 -24.39
C ASP D 170 -33.37 25.72 -23.50
N GLU D 171 -34.56 25.86 -24.09
CA GLU D 171 -35.76 25.98 -23.26
C GLU D 171 -35.94 24.73 -22.42
N ASN D 172 -35.67 23.56 -22.99
CA ASN D 172 -35.80 22.33 -22.23
C ASN D 172 -34.81 22.33 -21.08
N ARG D 173 -33.56 22.72 -21.37
CA ARG D 173 -32.52 22.79 -20.34
C ARG D 173 -32.89 23.77 -19.22
N ARG D 174 -33.45 24.93 -19.59
CA ARG D 174 -33.82 25.91 -18.57
C ARG D 174 -35.01 25.44 -17.75
N LEU D 175 -35.99 24.80 -18.40
CA LEU D 175 -37.17 24.31 -17.68
C LEU D 175 -36.78 23.19 -16.72
N LEU D 176 -35.90 22.28 -17.16
CA LEU D 176 -35.42 21.25 -16.25
C LEU D 176 -34.67 21.84 -15.07
N ARG D 177 -33.89 22.92 -15.30
CA ARG D 177 -33.20 23.55 -14.16
C ARG D 177 -34.22 24.21 -13.22
N GLU D 178 -35.25 24.86 -13.77
N GLU D 178 -35.23 24.87 -13.78
CA GLU D 178 -36.27 25.47 -12.94
CA GLU D 178 -36.28 25.47 -12.96
C GLU D 178 -37.01 24.41 -12.12
C GLU D 178 -36.97 24.41 -12.11
N LEU D 179 -37.24 23.25 -12.71
N LEU D 179 -37.25 23.26 -12.71
CA LEU D 179 -37.83 22.14 -11.98
CA LEU D 179 -37.83 22.16 -11.95
C LEU D 179 -36.92 21.70 -10.84
C LEU D 179 -36.90 21.75 -10.82
N TYR D 180 -35.61 21.61 -11.13
CA TYR D 180 -34.67 21.17 -10.10
C TYR D 180 -34.64 22.13 -8.93
N GLU D 181 -34.91 23.43 -9.18
CA GLU D 181 -34.85 24.41 -8.11
C GLU D 181 -35.79 24.04 -6.97
N TYR D 182 -36.92 23.38 -7.29
CA TYR D 182 -37.85 23.00 -6.23
C TYR D 182 -37.26 21.98 -5.27
N ARG D 183 -36.27 21.21 -5.71
CA ARG D 183 -35.68 20.19 -4.86
C ARG D 183 -34.79 20.77 -3.75
N LYS D 184 -34.45 22.05 -3.84
CA LYS D 184 -33.68 22.70 -2.78
C LYS D 184 -34.49 22.96 -1.53
N ALA D 185 -35.82 22.90 -1.59
CA ALA D 185 -36.64 23.20 -0.42
C ALA D 185 -36.50 22.10 0.63
N ALA D 186 -36.81 22.48 1.88
CA ALA D 186 -36.76 21.53 2.99
C ALA D 186 -37.72 20.37 2.76
N ASP D 187 -38.91 20.67 2.23
CA ASP D 187 -39.91 19.66 1.87
C ASP D 187 -40.11 19.73 0.36
N PRO D 188 -39.29 19.04 -0.42
CA PRO D 188 -39.33 19.22 -1.87
C PRO D 188 -40.70 18.88 -2.47
N LYS D 189 -41.18 19.75 -3.33
CA LYS D 189 -42.41 19.49 -4.08
C LYS D 189 -42.17 18.62 -5.30
N VAL D 190 -40.94 18.20 -5.55
CA VAL D 190 -40.59 17.31 -6.64
C VAL D 190 -39.67 16.27 -6.03
N THR D 191 -40.05 14.99 -6.10
CA THR D 191 -39.18 13.95 -5.58
C THR D 191 -38.10 13.61 -6.60
N GLY D 192 -37.12 12.82 -6.15
CA GLY D 192 -36.06 12.43 -7.07
C GLY D 192 -36.57 11.53 -8.17
N VAL D 193 -37.52 10.65 -7.85
CA VAL D 193 -38.13 9.82 -8.89
C VAL D 193 -38.83 10.70 -9.92
N GLU D 194 -39.59 11.71 -9.47
CA GLU D 194 -40.31 12.57 -10.39
C GLU D 194 -39.35 13.37 -11.27
N ALA D 195 -38.29 13.91 -10.66
CA ALA D 195 -37.27 14.62 -11.43
C ALA D 195 -36.67 13.72 -12.50
N LEU D 196 -36.42 12.45 -12.14
CA LEU D 196 -35.78 11.50 -13.08
C LEU D 196 -36.71 11.15 -14.24
N TYR D 197 -38.00 10.92 -13.97
CA TYR D 197 -38.94 10.73 -15.08
C TYR D 197 -38.90 11.92 -16.04
N ALA D 198 -38.82 13.13 -15.50
CA ALA D 198 -38.80 14.31 -16.36
C ALA D 198 -37.49 14.39 -17.13
N SER D 199 -36.33 14.22 -16.47
CA SER D 199 -35.07 14.44 -17.17
C SER D 199 -34.71 13.30 -18.11
N LEU D 200 -35.15 12.08 -17.80
CA LEU D 200 -34.87 10.96 -18.70
C LEU D 200 -35.72 11.06 -19.95
N THR D 201 -37.02 11.35 -19.79
CA THR D 201 -37.91 11.43 -20.95
C THR D 201 -37.56 12.61 -21.86
N ALA D 202 -36.91 13.65 -21.34
CA ALA D 202 -36.40 14.73 -22.18
C ALA D 202 -35.52 14.20 -23.30
N GLN D 203 -34.94 13.01 -23.13
CA GLN D 203 -33.95 12.45 -24.06
C GLN D 203 -34.56 11.55 -25.13
N PHE D 204 -35.87 11.36 -25.14
CA PHE D 204 -36.50 10.56 -26.19
C PHE D 204 -37.94 11.00 -26.54
N ILE D 205 -38.35 12.20 -26.15
CA ILE D 205 -39.66 12.75 -26.48
C ILE D 205 -39.39 14.04 -27.25
N ASP D 206 -40.31 14.40 -28.16
CA ASP D 206 -40.12 15.64 -28.92
C ASP D 206 -39.99 16.79 -27.94
N LYS D 207 -38.90 17.55 -28.07
CA LYS D 207 -38.62 18.56 -27.06
C LYS D 207 -39.72 19.63 -27.01
N ARG D 208 -40.36 19.93 -28.12
CA ARG D 208 -41.46 20.88 -28.06
C ARG D 208 -42.58 20.36 -27.17
N GLU D 209 -42.91 19.08 -27.31
CA GLU D 209 -43.94 18.46 -26.48
C GLU D 209 -43.48 18.35 -25.03
N HIS D 210 -42.22 17.99 -24.84
CA HIS D 210 -41.70 17.87 -23.48
C HIS D 210 -41.69 19.22 -22.78
N ASN D 211 -41.25 20.27 -23.48
CA ASN D 211 -41.30 21.61 -22.90
C ASN D 211 -42.72 21.99 -22.44
N GLU D 212 -43.72 21.70 -23.26
CA GLU D 212 -45.11 21.99 -22.89
C GLU D 212 -45.47 21.28 -21.59
N MET D 213 -45.04 20.02 -21.44
N MET D 213 -45.04 20.02 -21.44
CA MET D 213 -45.35 19.28 -20.24
CA MET D 213 -45.36 19.29 -20.22
C MET D 213 -44.60 19.84 -19.03
C MET D 213 -44.61 19.87 -19.03
N LEU D 214 -43.33 20.24 -19.21
CA LEU D 214 -42.60 20.91 -18.14
C LEU D 214 -43.28 22.21 -17.70
N LYS D 215 -43.76 23.01 -18.67
CA LYS D 215 -44.46 24.25 -18.35
C LYS D 215 -45.73 23.97 -17.56
N LYS D 216 -46.49 22.94 -17.95
CA LYS D 216 -47.67 22.56 -17.17
C LYS D 216 -47.28 22.19 -15.75
N THR D 217 -46.21 21.39 -15.61
CA THR D 217 -45.77 20.92 -14.29
C THR D 217 -45.37 22.09 -13.41
N LEU D 218 -44.61 23.04 -13.96
CA LEU D 218 -44.19 24.23 -13.22
C LEU D 218 -45.37 25.14 -12.84
N ALA D 219 -46.42 25.19 -13.67
CA ALA D 219 -47.60 25.98 -13.31
C ALA D 219 -48.36 25.34 -12.15
N ALA D 220 -48.25 24.02 -11.98
CA ALA D 220 -48.94 23.32 -10.91
C ALA D 220 -48.17 23.26 -9.59
N LEU D 221 -46.86 23.44 -9.63
CA LEU D 221 -46.00 23.21 -8.48
C LEU D 221 -46.20 24.18 -7.33
N PRO D 222 -46.41 25.48 -7.58
CA PRO D 222 -46.51 26.41 -6.43
C PRO D 222 -47.55 25.99 -5.42
N ASN D 223 -48.66 25.42 -5.88
CA ASN D 223 -49.75 25.02 -5.02
C ASN D 223 -49.84 23.52 -4.83
N ARG D 224 -48.77 22.78 -5.16
CA ARG D 224 -48.80 21.34 -4.98
C ARG D 224 -48.64 21.01 -3.50
N LYS D 225 -49.54 20.17 -2.99
CA LYS D 225 -49.49 19.76 -1.60
C LYS D 225 -48.50 18.61 -1.44
N VAL D 226 -47.64 18.71 -0.43
CA VAL D 226 -46.62 17.70 -0.15
C VAL D 226 -47.09 16.94 1.09
N GLU D 227 -47.22 15.63 0.95
CA GLU D 227 -47.74 14.77 2.00
C GLU D 227 -46.68 13.92 2.67
N ARG D 228 -45.61 13.60 1.96
CA ARG D 228 -44.58 12.70 2.44
C ARG D 228 -43.54 13.46 3.26
N LYS D 229 -42.87 12.71 4.14
CA LYS D 229 -41.76 13.23 4.92
C LYS D 229 -40.48 13.19 4.07
N THR D 230 -39.62 14.20 4.26
CA THR D 230 -38.43 14.29 3.40
C THR D 230 -37.39 13.26 3.81
N GLY D 231 -37.20 13.05 5.10
CA GLY D 231 -36.13 12.15 5.50
C GLY D 231 -34.76 12.69 5.10
N ALA D 232 -33.80 11.78 5.02
CA ALA D 232 -32.44 12.16 4.69
C ALA D 232 -32.37 12.67 3.27
N ARG D 233 -31.55 13.70 3.07
CA ARG D 233 -31.40 14.35 1.76
C ARG D 233 -30.24 13.67 1.03
N PHE D 234 -30.56 12.88 0.01
CA PHE D 234 -29.53 12.14 -0.72
C PHE D 234 -29.17 12.76 -2.05
N MET D 235 -27.93 12.51 -2.48
CA MET D 235 -27.50 12.76 -3.84
C MET D 235 -27.14 11.42 -4.46
N THR D 236 -27.53 11.20 -5.71
CA THR D 236 -27.07 10.02 -6.44
C THR D 236 -26.01 10.44 -7.45
N ILE D 237 -24.98 9.62 -7.60
CA ILE D 237 -23.81 9.92 -8.42
C ILE D 237 -23.52 8.69 -9.28
N GLY D 238 -23.26 8.91 -10.56
CA GLY D 238 -22.93 7.79 -11.42
C GLY D 238 -22.86 8.16 -12.88
N SER D 239 -22.84 7.12 -13.70
CA SER D 239 -22.78 7.32 -15.14
C SER D 239 -24.18 7.63 -15.66
N GLU D 240 -24.99 6.60 -15.87
CA GLU D 240 -26.34 6.76 -16.42
C GLU D 240 -27.38 6.89 -15.30
N ASN D 241 -27.49 5.88 -14.43
CA ASN D 241 -28.42 5.89 -13.30
C ASN D 241 -29.86 6.06 -13.76
N ASP D 242 -30.33 5.08 -14.55
CA ASP D 242 -31.70 5.14 -15.07
C ASP D 242 -32.59 4.03 -14.53
N ASP D 243 -32.18 3.33 -13.47
CA ASP D 243 -33.06 2.34 -12.86
C ASP D 243 -34.05 3.06 -11.95
N ILE D 244 -35.16 3.51 -12.54
CA ILE D 244 -36.15 4.26 -11.78
C ILE D 244 -36.70 3.45 -10.60
N ALA D 245 -36.82 2.14 -10.76
CA ALA D 245 -37.37 1.34 -9.67
C ALA D 245 -36.42 1.33 -8.47
N PHE D 246 -35.12 1.31 -8.72
CA PHE D 246 -34.18 1.37 -7.61
C PHE D 246 -34.27 2.70 -6.88
N MET D 247 -34.35 3.81 -7.62
CA MET D 247 -34.49 5.12 -7.00
C MET D 247 -35.77 5.20 -6.17
N GLY D 248 -36.85 4.58 -6.63
CA GLY D 248 -38.08 4.58 -5.87
C GLY D 248 -37.97 3.83 -4.56
N MET D 249 -37.16 2.77 -4.53
CA MET D 249 -36.87 2.11 -3.27
C MET D 249 -36.17 3.07 -2.31
N VAL D 250 -35.16 3.79 -2.80
CA VAL D 250 -34.42 4.72 -1.94
C VAL D 250 -35.36 5.70 -1.26
N GLU D 251 -36.26 6.30 -2.03
CA GLU D 251 -37.15 7.32 -1.48
C GLU D 251 -38.32 6.72 -0.72
N SER D 252 -38.37 5.40 -0.59
CA SER D 252 -39.39 4.76 0.24
C SER D 252 -38.87 4.32 1.60
N VAL D 253 -37.55 4.40 1.83
CA VAL D 253 -36.98 3.90 3.08
C VAL D 253 -36.73 5.01 4.09
N GLY D 254 -37.08 6.25 3.77
CA GLY D 254 -36.85 7.37 4.67
C GLY D 254 -35.91 8.41 4.12
N ALA D 255 -35.92 8.61 2.81
CA ALA D 255 -35.03 9.57 2.20
C ALA D 255 -35.72 10.25 1.02
N THR D 256 -35.09 11.32 0.54
CA THR D 256 -35.42 11.98 -0.70
C THR D 256 -34.14 12.23 -1.47
N ILE D 257 -34.11 11.85 -2.74
CA ILE D 257 -32.99 12.18 -3.60
C ILE D 257 -33.20 13.62 -4.06
N VAL D 258 -32.39 14.55 -3.56
CA VAL D 258 -32.60 15.96 -3.85
C VAL D 258 -31.75 16.50 -5.00
N ILE D 259 -30.74 15.78 -5.45
CA ILE D 259 -29.89 16.21 -6.55
C ILE D 259 -29.11 15.01 -7.00
N ASP D 260 -28.52 15.11 -8.18
CA ASP D 260 -27.88 13.96 -8.77
C ASP D 260 -26.75 14.47 -9.65
N ASP D 261 -25.79 13.58 -9.89
CA ASP D 261 -24.72 13.80 -10.85
C ASP D 261 -24.73 12.56 -11.74
N GLN D 262 -25.48 12.60 -12.83
CA GLN D 262 -25.65 11.41 -13.64
C GLN D 262 -26.24 11.86 -14.97
N CYS D 263 -26.08 11.02 -16.00
CA CYS D 263 -26.54 11.36 -17.35
C CYS D 263 -28.03 11.11 -17.59
N SER D 264 -28.72 10.41 -16.70
CA SER D 264 -30.18 10.40 -16.74
C SER D 264 -30.75 11.72 -16.25
N GLY D 265 -29.92 12.54 -15.61
CA GLY D 265 -30.34 13.76 -14.93
C GLY D 265 -29.45 14.95 -15.25
N SER D 266 -28.81 15.51 -14.23
CA SER D 266 -28.17 16.82 -14.35
C SER D 266 -27.09 16.87 -15.43
N ARG D 267 -26.34 15.79 -15.62
CA ARG D 267 -25.23 15.86 -16.56
C ARG D 267 -25.71 15.95 -18.00
N TYR D 268 -26.97 15.59 -18.25
CA TYR D 268 -27.48 15.74 -19.58
C TYR D 268 -27.81 17.20 -19.90
N PHE D 269 -28.51 17.90 -19.01
CA PHE D 269 -29.15 19.16 -19.37
C PHE D 269 -28.52 20.40 -18.75
N TRP D 270 -27.55 20.25 -17.85
CA TRP D 270 -27.29 21.28 -16.85
C TRP D 270 -27.23 22.69 -17.43
N ASN D 271 -26.42 22.89 -18.47
CA ASN D 271 -26.15 24.23 -18.98
C ASN D 271 -26.87 24.45 -20.29
N ALA D 272 -27.44 25.63 -20.46
CA ALA D 272 -27.91 26.08 -21.75
C ALA D 272 -26.75 26.70 -22.52
N SER D 273 -26.88 26.80 -23.84
CA SER D 273 -25.84 27.46 -24.61
C SER D 273 -25.74 28.94 -24.24
N LYS D 274 -24.62 29.54 -24.63
CA LYS D 274 -24.36 30.95 -24.44
C LYS D 274 -24.96 31.73 -25.61
N PRO D 275 -25.43 32.95 -25.39
CA PRO D 275 -25.89 33.77 -26.52
C PRO D 275 -24.72 34.01 -27.45
N GLU D 276 -24.96 33.88 -28.75
CA GLU D 276 -23.86 33.76 -29.70
C GLU D 276 -24.47 33.76 -31.10
N GLY D 277 -23.91 34.58 -32.00
CA GLY D 277 -24.51 34.72 -33.32
C GLY D 277 -24.18 33.62 -34.31
N ASP D 278 -23.08 32.89 -34.11
CA ASP D 278 -22.71 31.75 -34.94
C ASP D 278 -23.29 30.52 -34.27
N VAL D 279 -24.40 30.01 -34.82
CA VAL D 279 -25.13 28.93 -34.17
C VAL D 279 -24.29 27.66 -34.04
N ILE D 280 -23.41 27.38 -35.00
CA ILE D 280 -22.57 26.19 -34.89
C ILE D 280 -21.65 26.32 -33.69
N LYS D 281 -21.06 27.49 -33.51
CA LYS D 281 -20.25 27.74 -32.32
C LYS D 281 -21.07 27.60 -31.04
N ALA D 282 -22.26 28.19 -31.01
CA ALA D 282 -23.12 28.11 -29.84
C ALA D 282 -23.40 26.66 -29.48
N ILE D 283 -23.69 25.83 -30.48
CA ILE D 283 -24.02 24.42 -30.23
C ILE D 283 -22.78 23.67 -29.77
N ALA D 284 -21.69 23.79 -30.53
CA ALA D 284 -20.48 23.03 -30.21
C ALA D 284 -19.97 23.41 -28.84
N GLU D 285 -19.99 24.70 -28.52
CA GLU D 285 -19.44 25.11 -27.23
C GLU D 285 -20.33 24.73 -26.08
N ARG D 286 -21.65 24.64 -26.29
CA ARG D 286 -22.50 24.19 -25.20
C ARG D 286 -22.06 22.81 -24.71
N TYR D 287 -21.74 21.91 -25.62
CA TYR D 287 -21.30 20.58 -25.22
C TYR D 287 -19.89 20.60 -24.64
N CYS D 288 -19.01 21.45 -25.16
CA CYS D 288 -17.67 21.51 -24.57
C CYS D 288 -17.71 22.08 -23.16
N ASP D 289 -18.65 22.99 -22.87
CA ASP D 289 -18.74 23.70 -21.61
C ASP D 289 -19.61 22.96 -20.61
N ARG D 290 -20.30 21.92 -21.02
CA ARG D 290 -21.16 21.14 -20.14
C ARG D 290 -20.34 20.47 -19.05
N PRO D 291 -20.91 20.24 -17.86
CA PRO D 291 -20.20 19.40 -16.89
C PRO D 291 -19.72 18.12 -17.56
N ALA D 292 -18.47 17.78 -17.32
CA ALA D 292 -17.77 16.81 -18.15
C ALA D 292 -17.99 15.38 -17.67
N CYS D 293 -18.18 14.48 -18.62
CA CYS D 293 -18.01 13.06 -18.36
C CYS D 293 -16.61 12.84 -17.78
N PRO D 294 -16.42 11.91 -16.83
CA PRO D 294 -15.06 11.65 -16.34
C PRO D 294 -14.04 11.45 -17.47
N THR D 295 -14.45 10.82 -18.58
CA THR D 295 -13.54 10.57 -19.70
C THR D 295 -12.99 11.87 -20.28
N LYS D 296 -13.78 12.95 -20.19
CA LYS D 296 -13.42 14.25 -20.73
C LYS D 296 -12.89 15.20 -19.67
N ASP D 297 -12.60 14.69 -18.48
CA ASP D 297 -12.27 15.55 -17.35
C ASP D 297 -10.81 15.34 -16.97
N TYR D 298 -9.95 16.07 -17.68
CA TYR D 298 -8.50 16.07 -17.47
C TYR D 298 -7.94 17.26 -18.22
N PRO D 299 -6.81 17.81 -17.78
CA PRO D 299 -6.02 17.36 -16.62
C PRO D 299 -6.68 17.62 -15.27
N ALA D 300 -7.50 18.64 -15.15
CA ALA D 300 -8.10 18.94 -13.86
C ALA D 300 -9.36 18.11 -13.66
N HIS D 301 -9.62 17.72 -12.41
CA HIS D 301 -10.88 17.05 -12.05
C HIS D 301 -11.95 18.10 -11.77
N THR D 302 -12.39 18.81 -12.84
CA THR D 302 -13.41 19.85 -12.66
C THR D 302 -14.70 19.26 -12.12
N ARG D 303 -14.91 17.98 -12.41
CA ARG D 303 -16.07 17.27 -11.89
C ARG D 303 -16.17 17.34 -10.38
N PHE D 304 -15.04 17.30 -9.68
CA PHE D 304 -15.08 17.25 -8.22
C PHE D 304 -15.72 18.52 -7.68
N ASP D 305 -15.38 19.67 -8.26
CA ASP D 305 -15.96 20.94 -7.83
C ASP D 305 -17.44 21.02 -8.22
N HIS D 306 -17.78 20.48 -9.39
CA HIS D 306 -19.16 20.48 -9.85
C HIS D 306 -20.05 19.67 -8.90
N VAL D 307 -19.59 18.48 -8.51
CA VAL D 307 -20.37 17.58 -7.66
C VAL D 307 -20.53 18.16 -6.26
N LEU D 308 -19.43 18.65 -5.69
CA LEU D 308 -19.49 19.23 -4.36
C LEU D 308 -20.36 20.49 -4.37
N GLY D 309 -20.28 21.28 -5.43
CA GLY D 309 -21.07 22.50 -5.51
C GLY D 309 -22.55 22.19 -5.55
N MET D 310 -22.94 21.20 -6.36
CA MET D 310 -24.34 20.75 -6.31
C MET D 310 -24.69 20.20 -4.92
N ALA D 311 -23.81 19.40 -4.33
CA ALA D 311 -24.14 18.86 -3.00
C ALA D 311 -24.40 19.97 -2.01
N LYS D 312 -23.61 21.04 -2.08
CA LYS D 312 -23.80 22.15 -1.14
C LYS D 312 -25.07 22.96 -1.45
N GLU D 313 -25.33 23.24 -2.72
CA GLU D 313 -26.48 24.07 -3.09
C GLU D 313 -27.80 23.37 -2.77
N TYR D 314 -27.83 22.05 -2.86
CA TYR D 314 -29.04 21.29 -2.57
C TYR D 314 -29.04 20.68 -1.16
N ASN D 315 -28.12 21.10 -0.31
CA ASN D 315 -28.09 20.71 1.11
C ASN D 315 -28.13 19.20 1.27
N VAL D 316 -27.20 18.53 0.59
CA VAL D 316 -27.14 17.07 0.63
C VAL D 316 -26.57 16.63 1.98
N GLU D 317 -27.14 15.56 2.53
CA GLU D 317 -26.68 14.96 3.77
C GLU D 317 -25.89 13.68 3.57
N GLY D 318 -26.10 13.00 2.45
CA GLY D 318 -25.38 11.78 2.13
C GLY D 318 -25.38 11.59 0.65
N ALA D 319 -24.29 11.03 0.15
CA ALA D 319 -24.13 10.83 -1.29
C ALA D 319 -24.00 9.35 -1.58
N ILE D 320 -24.77 8.88 -2.56
CA ILE D 320 -24.75 7.47 -2.94
C ILE D 320 -24.13 7.34 -4.31
N PHE D 321 -22.96 6.68 -4.39
CA PHE D 321 -22.37 6.32 -5.66
C PHE D 321 -23.04 5.04 -6.15
N LEU D 322 -23.65 5.12 -7.32
CA LEU D 322 -24.21 3.96 -8.02
C LEU D 322 -23.25 3.72 -9.17
N GLN D 323 -22.64 2.55 -9.22
CA GLN D 323 -21.63 2.32 -10.23
C GLN D 323 -21.98 1.07 -11.01
N GLN D 324 -21.94 1.18 -12.33
CA GLN D 324 -22.04 0.00 -13.16
C GLN D 324 -20.80 -0.84 -12.98
N LYS D 325 -20.99 -2.15 -12.91
CA LYS D 325 -19.87 -3.04 -12.94
C LYS D 325 -18.97 -2.67 -14.12
N PHE D 326 -17.68 -2.71 -13.89
CA PHE D 326 -16.64 -2.54 -14.89
C PHE D 326 -16.48 -1.12 -15.44
N CYS D 327 -17.12 -0.10 -14.84
CA CYS D 327 -17.16 1.24 -15.43
C CYS D 327 -15.84 2.00 -15.20
N ASP D 328 -14.95 1.94 -16.18
CA ASP D 328 -13.62 2.53 -15.97
C ASP D 328 -13.61 4.02 -15.74
N PRO D 329 -14.33 4.85 -16.48
CA PRO D 329 -14.20 6.29 -16.25
C PRO D 329 -14.60 6.69 -14.84
N HIS D 330 -15.69 6.12 -14.35
CA HIS D 330 -16.18 6.48 -13.01
C HIS D 330 -15.34 5.80 -11.93
N GLU D 331 -14.87 4.59 -12.21
CA GLU D 331 -13.95 3.93 -11.29
C GLU D 331 -12.66 4.72 -11.12
N GLY D 332 -12.17 5.33 -12.21
CA GLY D 332 -10.93 6.10 -12.13
C GLY D 332 -11.04 7.33 -11.26
N ASP D 333 -12.23 7.95 -11.22
CA ASP D 333 -12.50 9.13 -10.43
C ASP D 333 -12.91 8.79 -9.00
N TYR D 334 -13.42 7.57 -8.77
CA TYR D 334 -14.19 7.29 -7.56
C TYR D 334 -13.41 7.50 -6.27
N PRO D 335 -12.22 6.93 -6.08
CA PRO D 335 -11.61 7.04 -4.74
C PRO D 335 -11.39 8.49 -4.32
N ASP D 336 -10.95 9.34 -5.23
CA ASP D 336 -10.71 10.73 -4.87
C ASP D 336 -11.98 11.56 -4.84
N LEU D 337 -13.00 11.27 -5.68
CA LEU D 337 -14.27 11.98 -5.53
C LEU D 337 -14.92 11.65 -4.18
N LYS D 338 -14.89 10.37 -3.79
CA LYS D 338 -15.35 10.00 -2.46
C LYS D 338 -14.63 10.78 -1.36
N ARG D 339 -13.30 10.81 -1.41
CA ARG D 339 -12.55 11.57 -0.41
C ARG D 339 -12.95 13.04 -0.41
N HIS D 340 -13.19 13.61 -1.59
CA HIS D 340 -13.52 15.03 -1.67
C HIS D 340 -14.82 15.32 -0.96
N LEU D 341 -15.82 14.48 -1.18
CA LEU D 341 -17.10 14.67 -0.50
C LEU D 341 -16.98 14.43 1.00
N GLU D 342 -16.23 13.39 1.42
CA GLU D 342 -16.17 13.08 2.85
C GLU D 342 -15.40 14.13 3.62
N GLU D 343 -14.30 14.63 3.05
CA GLU D 343 -13.54 15.71 3.69
C GLU D 343 -14.39 16.96 3.86
N ASN D 344 -15.40 17.14 3.02
CA ASN D 344 -16.31 18.27 3.11
C ASN D 344 -17.61 17.93 3.81
N GLY D 345 -17.60 16.90 4.66
CA GLY D 345 -18.69 16.67 5.56
C GLY D 345 -19.84 15.84 5.01
N ILE D 346 -19.67 15.22 3.86
CA ILE D 346 -20.73 14.44 3.23
C ILE D 346 -20.40 12.95 3.25
N PRO D 347 -21.00 12.17 4.13
CA PRO D 347 -20.74 10.73 4.11
C PRO D 347 -21.25 10.10 2.82
N THR D 348 -20.62 8.99 2.43
CA THR D 348 -20.91 8.35 1.15
C THR D 348 -21.19 6.86 1.31
N LEU D 349 -21.92 6.34 0.33
CA LEU D 349 -22.22 4.92 0.22
C LEU D 349 -21.94 4.48 -1.22
N PHE D 350 -21.39 3.28 -1.37
CA PHE D 350 -21.06 2.74 -2.70
C PHE D 350 -21.93 1.52 -2.98
N LEU D 351 -22.58 1.51 -4.14
CA LEU D 351 -23.38 0.36 -4.56
C LEU D 351 -23.04 0.07 -6.01
N GLU D 352 -22.92 -1.22 -6.34
CA GLU D 352 -22.54 -1.62 -7.68
C GLU D 352 -23.65 -2.43 -8.33
N PHE D 353 -23.82 -2.22 -9.64
CA PHE D 353 -24.99 -2.73 -10.33
C PHE D 353 -24.59 -3.57 -11.54
N ASP D 354 -25.35 -4.64 -11.77
CA ASP D 354 -25.33 -5.43 -12.98
C ASP D 354 -26.53 -5.03 -13.84
N ILE D 355 -26.81 -5.79 -14.89
CA ILE D 355 -27.97 -5.47 -15.72
C ILE D 355 -29.26 -5.54 -14.89
N THR D 356 -29.47 -6.66 -14.21
CA THR D 356 -30.59 -6.85 -13.32
C THR D 356 -30.06 -6.98 -11.91
N ASN D 357 -30.88 -6.58 -10.93
CA ASN D 357 -30.34 -6.60 -9.58
C ASN D 357 -31.44 -6.79 -8.52
N PRO D 358 -31.42 -7.89 -7.78
CA PRO D 358 -32.39 -8.04 -6.68
C PRO D 358 -32.30 -6.85 -5.75
N ILE D 359 -33.46 -6.26 -5.44
CA ILE D 359 -33.46 -4.99 -4.73
C ILE D 359 -33.15 -5.16 -3.24
N GLY D 360 -33.47 -6.32 -2.66
CA GLY D 360 -33.31 -6.55 -1.24
C GLY D 360 -31.97 -6.18 -0.63
N PRO D 361 -30.88 -6.74 -1.15
CA PRO D 361 -29.55 -6.40 -0.60
C PRO D 361 -29.23 -4.92 -0.67
N PHE D 362 -29.71 -4.21 -1.68
CA PHE D 362 -29.45 -2.79 -1.74
C PHE D 362 -30.28 -2.04 -0.70
N ARG D 363 -31.54 -2.44 -0.51
CA ARG D 363 -32.37 -1.80 0.52
C ARG D 363 -31.73 -1.93 1.89
N ILE D 364 -31.17 -3.10 2.20
CA ILE D 364 -30.54 -3.30 3.51
C ILE D 364 -29.35 -2.36 3.67
N ARG D 365 -28.59 -2.18 2.59
CA ARG D 365 -27.44 -1.27 2.63
C ARG D 365 -27.89 0.18 2.78
N ILE D 366 -28.98 0.57 2.10
CA ILE D 366 -29.48 1.93 2.24
C ILE D 366 -29.97 2.16 3.68
N GLU D 367 -30.70 1.19 4.24
CA GLU D 367 -31.21 1.37 5.60
C GLU D 367 -30.07 1.46 6.61
N ALA D 368 -28.97 0.73 6.38
CA ALA D 368 -27.81 0.85 7.25
C ALA D 368 -27.16 2.22 7.13
N PHE D 369 -27.09 2.74 5.91
CA PHE D 369 -26.49 4.05 5.67
C PHE D 369 -27.29 5.14 6.37
N LEU D 370 -28.62 5.02 6.37
CA LEU D 370 -29.44 6.02 7.05
C LEU D 370 -29.14 6.00 8.54
N GLU D 371 -28.86 4.83 9.11
CA GLU D 371 -28.51 4.77 10.53
C GLU D 371 -27.22 5.54 10.80
N THR D 372 -26.23 5.39 9.91
CA THR D 372 -24.97 6.12 10.03
C THR D 372 -25.19 7.62 9.98
N LEU D 373 -26.04 8.09 9.07
CA LEU D 373 -26.35 9.52 8.99
C LEU D 373 -26.97 10.01 10.30
N SER D 374 -27.76 9.18 10.96
CA SER D 374 -28.44 9.58 12.18
C SER D 374 -27.49 9.76 13.36
N GLU D 375 -26.20 9.43 13.20
CA GLU D 375 -25.22 9.47 14.27
C GLU D 375 -24.13 10.50 13.99
N GLU D 376 -24.51 11.65 13.45
CA GLU D 376 -23.57 12.73 13.16
C GLU D 376 -24.06 14.08 13.67
N1A 4KX E . -19.83 12.00 28.81
O1A 4KX E . -17.92 8.10 18.79
P1A 4KX E . -17.32 8.42 20.15
C1B 4KX E . -0.65 3.76 23.25
C1D 4KX E . -20.44 8.82 24.85
S1P 4KX E . -1.27 5.36 22.85
C2A 4KX E . -19.33 10.80 28.65
O2A 4KX E . -16.26 9.44 20.04
P2A 4KX E . -15.95 6.68 21.98
C2B 4KX E . 0.74 3.59 23.49
C2D 4KX E . -21.56 7.97 24.36
O2D 4KX E . -21.98 7.07 25.48
C2P 4KX E . -3.00 5.08 22.39
N3A 4KX E . -19.61 10.07 27.58
O3A 4KX E . -16.88 6.99 20.70
C3B 4KX E . 1.19 2.34 23.63
C3D 4KX E . -20.88 7.12 23.28
O3D 4KX E . -20.47 5.92 23.76
P3D 4KX E . -21.36 4.55 23.58
C3P 4KX E . -3.80 6.18 23.00
C4A 4KX E . -20.36 10.57 26.60
O4A 4KX E . -16.22 7.55 23.16
C4B 4KX E . 2.60 2.06 23.78
C4D 4KX E . -19.62 7.90 22.90
O4D 4KX E . -19.65 9.11 23.68
N4P 4KX E . -5.19 5.87 22.78
O57 4KX E . -1.43 2.80 23.20
O5A 4KX E . -16.14 5.23 22.24
C5B 4KX E . 3.47 3.24 24.11
C5D 4KX E . -19.61 8.19 21.39
O5D 4KX E . -18.47 9.02 21.15
C5M 4KX E . -20.88 11.84 26.73
C5P 4KX E . -5.87 6.45 21.64
O5P 4KX E . -5.31 7.25 20.89
C6A 4KX E . -20.61 12.56 27.89
N6A 4KX E . -21.13 13.90 28.05
O6A 4KX E . -14.48 7.11 21.45
C6B 4KX E . 2.93 4.57 23.83
C6P 4KX E . -7.34 6.10 21.51
N7A 4KX E . -21.61 12.10 25.61
O7A 4KX E . -21.81 4.39 22.16
C7B 4KX E . 1.60 4.73 23.57
C7P 4KX E . -8.09 6.73 22.70
C8A 4KX E . -21.54 11.04 24.79
O8A 4KX E . -20.57 3.34 24.06
N8P 4KX E . -9.51 6.40 22.59
N9A 4KX E . -20.77 10.10 25.41
O9A 4KX E . -22.57 4.72 24.47
C9P 4KX E . -10.43 7.39 22.14
O9P 4KX E . -10.07 8.52 21.87
CAP 4KX E . -11.89 6.97 22.02
OAP 4KX E . -12.01 5.77 22.79
CBP 4KX E . -12.29 6.71 20.57
CCP 4KX E . -13.73 6.20 20.61
CDP 4KX E . -11.41 5.66 19.89
CEP 4KX E . -12.18 8.00 19.77
H1D 4KX E . -20.02 8.28 25.54
H2A 4KX E . -18.76 10.45 29.30
H2D 4KX E . -22.31 8.48 24.01
HO2D 4KX E . -22.49 7.51 26.00
H2PA 4KX E . -3.29 4.23 22.75
H2P 4KX E . -3.08 5.08 21.43
H3B 4KX E . 0.58 1.64 23.62
H3D 4KX E . -21.50 7.02 22.56
H3PA 4KX E . -3.58 7.02 22.56
H3P 4KX E . -3.62 6.25 23.94
H4B 4KX E . 2.92 1.69 22.94
H4D 4KX E . -18.82 7.40 23.15
HN4P 4KX E . -5.62 5.35 23.32
H5B 4KX E . 3.62 3.22 25.07
H39 4KX E . 4.27 3.15 23.57
H5D 4KX E . -20.42 8.65 21.14
H5DA 4KX E . -19.52 7.36 20.90
HN6A 4KX E . -21.39 14.34 27.37
HN6B 4KX E . -21.15 14.25 28.83
H37 4KX E . 3.51 5.20 23.47
H6P 4KX E . -7.69 6.45 20.67
H6PA 4KX E . -7.45 5.14 21.52
H7B 4KX E . 1.26 5.58 23.45
H7PA 4KX E . -7.73 6.38 23.53
H7P 4KX E . -7.98 7.69 22.67
H8A 4KX E . -21.94 10.96 23.96
HN8P 4KX E . -9.78 5.61 22.80
HAP 4KX E . -12.48 7.67 22.34
HOAP 4KX E . -11.86 5.94 23.61
HCPA 4KX E . -13.76 5.31 20.99
HCP 4KX E . -14.10 6.19 19.71
HDP 4KX E . -11.36 4.87 20.46
HDPA 4KX E . -10.51 6.02 19.76
HDPB 4KX E . -11.79 5.41 19.03
HEPB 4KX E . -11.25 8.16 19.54
HEPA 4KX E . -12.51 8.75 20.31
HEP 4KX E . -12.70 7.93 18.96
H232 4KX E . 2.69 1.43 24.52
C TRS F . 20.46 -4.35 38.62
C TRS F . 20.37 -4.40 38.68
C1 TRS F . 21.38 -3.27 39.18
C1 TRS F . 21.17 -5.67 38.42
C2 TRS F . 21.27 -5.62 38.44
C2 TRS F . 21.32 -3.34 39.24
C3 TRS F . 19.27 -4.59 39.58
C3 TRS F . 19.73 -3.91 37.37
N TRS F . 19.96 -3.92 37.31
N TRS F . 19.31 -4.71 39.64
O1 TRS F . 20.75 -2.02 39.14
O1 TRS F . 20.31 -6.76 38.23
O2 TRS F . 20.42 -6.72 38.20
O2 TRS F . 20.72 -2.07 39.22
O3 TRS F . 19.68 -4.65 40.93
O3 TRS F . 20.76 -3.51 36.50
H11 TRS F . 21.62 -3.48 40.10
H11 TRS F . 21.70 -5.54 37.62
H12 TRS F . 22.20 -3.23 38.64
H12 TRS F . 21.75 -5.84 39.17
H21 TRS F . 21.87 -5.52 37.68
H21 TRS F . 21.56 -3.57 40.15
H22 TRS F . 21.78 -5.80 39.24
H22 TRS F . 22.12 -3.31 38.69
H31 TRS F . 18.63 -3.88 39.47
H31 TRS F . 19.23 -4.64 36.97
H32 TRS F . 18.85 -5.43 39.34
H32 TRS F . 19.14 -3.16 37.55
HN1 TRS F . 19.48 -4.56 36.94
HN1 TRS F . 18.85 -3.98 39.81
HN2 TRS F . 20.65 -3.74 36.78
HN2 TRS F . 19.68 -5.01 40.38
HO1 TRS F . 21.27 -1.43 39.50
HO1 TRS F . 20.41 -7.32 38.87
HO2 TRS F . 20.62 -7.35 38.72
HO2 TRS F . 21.16 -1.54 39.71
HO3 TRS F . 18.99 -4.77 41.41
HO3 TRS F . 20.44 -2.98 35.91
C1 GOL G . 11.56 8.89 -0.61
O1 GOL G . 12.08 8.00 -1.59
C2 GOL G . 11.06 10.17 -1.31
O2 GOL G . 9.80 9.98 -1.91
C3 GOL G . 10.99 11.21 -0.16
O3 GOL G . 10.38 12.36 -0.68
H11 GOL G . 12.22 9.14 0.05
H12 GOL G . 10.83 8.49 -0.11
H2 GOL G . 11.64 10.43 -2.03
HO2 GOL G . 9.26 9.69 -1.33
H31 GOL G . 11.89 11.37 0.16
H32 GOL G . 10.52 10.82 0.59
HO3 GOL G . 10.18 12.19 -1.49
FE1 SF4 H . 6.32 -1.49 20.90
FE2 SF4 H . 4.83 0.68 21.07
FE3 SF4 H . 3.72 -1.72 21.65
FE4 SF4 H . 4.23 -1.12 19.16
S1 SF4 H . 2.70 0.00 20.47
S2 SF4 H . 4.90 -3.06 20.19
S3 SF4 H . 6.14 0.12 19.26
S4 SF4 H . 5.39 -0.68 22.81
S1 BJ8 I . 12.51 -12.09 19.21
S2 BJ8 I . 15.04 -13.28 21.60
S3 BJ8 I . 16.07 -11.25 18.66
S4 BJ8 I . 14.95 -14.70 18.28
S5 BJ8 I . 20.16 -11.36 17.94
S6 BJ8 I . 21.52 -13.03 21.03
S7 BJ8 I . 19.03 -10.45 21.24
S8 BJ8 I . 22.39 -9.66 20.17
S9 BJ8 I . 18.39 -14.10 19.91
FE1 BJ8 I . 16.25 -13.36 19.65
FE2 BJ8 I . 14.33 -12.52 17.88
FE3 BJ8 I . 13.58 -13.98 20.01
FE4 BJ8 I . 14.44 -11.47 20.31
FE5 BJ8 I . 21.25 -10.91 21.75
FE6 BJ8 I . 20.22 -9.67 19.44
FE7 BJ8 I . 22.04 -11.69 19.27
FE8 BJ8 I . 19.59 -12.27 20.01
N1A 4KX J . 18.00 -15.66 -29.02
O1A 4KX J . 14.60 -14.35 -18.68
P1A 4KX J . 14.46 -13.84 -20.11
C1B 4KX J . 1.72 -2.26 -23.93
C1D 4KX J . 15.94 -16.98 -24.59
S1P 4KX J . 3.46 -1.92 -23.66
C2A 4KX J . 16.71 -15.82 -28.74
O2A 4KX J . 14.89 -12.41 -20.28
P2A 4KX J . 12.11 -13.71 -21.79
C2B 4KX J . 0.84 -1.17 -24.26
C2D 4KX J . 15.79 -18.30 -23.89
O2D 4KX J . 15.14 -19.24 -24.82
C2P 4KX J . 4.17 -3.48 -23.06
N3A 4KX J . 16.34 -16.19 -27.53
O3A 4KX J . 12.94 -14.19 -20.50
C3B 4KX J . -0.49 -1.37 -24.25
C3D 4KX J . 14.84 -18.00 -22.74
O3D 4KX J . 13.55 -18.29 -23.08
P3D 4KX J . 12.80 -19.64 -22.50
C3P 4KX J . 5.49 -3.73 -23.74
C4A 4KX J . 17.26 -16.38 -26.57
O4A 4KX J . 12.92 -13.71 -23.07
C4B 4KX J . -1.41 -0.28 -24.55
C4D 4KX J . 14.88 -16.48 -22.58
O4D 4KX J . 15.87 -16.03 -23.52
N4P 4KX J . 5.97 -5.04 -23.33
O57 4KX J . 1.25 -3.41 -23.68
O5A 4KX J . 10.93 -14.63 -21.80
C5B 4KX J . -0.78 0.97 -25.08
C5D 4KX J . 15.24 -16.09 -21.14
O5D 4KX J . 15.45 -14.68 -21.12
C5M 4KX J . 18.61 -16.20 -26.85
C5P 4KX J . 6.90 -5.16 -22.26
O5P 4KX J . 7.36 -4.16 -21.72
C6A 4KX J . 18.96 -15.84 -28.14
N6A 4KX J . 20.34 -15.64 -28.50
O6A 4KX J . 11.73 -12.18 -21.47
C6B 4KX J . 0.63 1.17 -24.90
C6P 4KX J . 7.35 -6.59 -21.96
N7A 4KX J . 19.31 -16.48 -25.72
O7A 4KX J . 13.03 -19.75 -21.02
C7B 4KX J . 1.41 0.11 -24.58
C7P 4KX J . 8.07 -7.12 -23.20
C8A 4KX J . 18.41 -16.80 -24.75
O8A 4KX J . 11.33 -19.64 -22.90
N8P 4KX J . 8.59 -8.43 -22.88
N9A 4KX J . 17.18 -16.75 -25.28
O9A 4KX J . 13.50 -20.78 -23.21
C9P 4KX J . 9.97 -8.64 -22.55
O9P 4KX J . 10.80 -7.74 -22.55
CAP 4KX J . 10.37 -10.09 -22.24
OAP 4KX J . 9.35 -10.96 -22.75
CBP 4KX J . 10.45 -10.36 -20.75
CCP 4KX J . 10.65 -11.86 -20.58
CDP 4KX J . 9.12 -9.98 -20.07
CEP 4KX J . 11.58 -9.55 -20.14
H1D 4KX J . 15.23 -16.94 -25.25
H2A 4KX J . 16.07 -15.70 -29.40
H2D 4KX J . 16.64 -18.63 -23.57
HO2D 4KX J . 15.73 -19.52 -25.37
H2PA 4KX J . 3.57 -4.21 -23.27
H2P 4KX J . 4.31 -3.43 -22.11
H3B 4KX J . -0.82 -2.21 -24.02
H3D 4KX J . 15.14 -18.50 -21.97
H3PA 4KX J . 5.39 -3.71 -24.70
H3P 4KX J . 6.13 -3.04 -23.46
H4B 4KX J . -2.01 -0.61 -25.23
H4D 4KX J . 14.01 -16.11 -22.81
HN4P 4KX J . 5.69 -5.74 -23.74
H5B 4KX J . -0.91 0.96 -26.05
H39 4KX J . -1.21 1.71 -24.61
H5D 4KX J . 14.52 -16.33 -20.55
H5DA 4KX J . 16.06 -16.55 -20.88
HN6A 4KX J . 20.90 -16.29 -28.42
HN6B 4KX J . 20.60 -14.87 -28.77
H37 4KX J . 1.02 1.90 -25.32
H6P 4KX J . 6.57 -7.14 -21.76
H6PA 4KX J . 7.94 -6.60 -21.20
H7B 4KX J . 2.32 0.21 -24.59
H7PA 4KX J . 8.79 -6.52 -23.45
H7P 4KX J . 7.44 -7.18 -23.95
H8A 4KX J . 18.62 -17.02 -23.87
HN8P 4KX J . 8.05 -9.10 -22.88
HAP 4KX J . 11.24 -10.23 -22.63
HOAP 4KX J . 9.43 -11.04 -23.59
HCPA 4KX J . 10.89 -12.08 -19.67
HCP 4KX J . 9.84 -12.34 -20.85
HDP 4KX J . 9.06 -10.42 -19.21
HDPA 4KX J . 8.38 -10.27 -20.63
HDPB 4KX J . 9.08 -9.02 -19.94
HEPB 4KX J . 11.31 -8.62 -20.07
HEPA 4KX J . 12.36 -9.61 -20.71
HEP 4KX J . 11.78 -9.88 -19.26
H232 4KX J . -1.86 -0.06 -23.72
C1 GOL K . 6.13 8.65 -2.00
C1 GOL K . 4.53 7.40 -0.67
O1 GOL K . 7.54 8.82 -1.99
O1 GOL K . 5.01 6.22 -1.23
C2 GOL K . 5.72 7.96 -0.64
C2 GOL K . 4.97 8.61 -1.56
O2 GOL K . 5.24 8.91 0.21
O2 GOL K . 4.08 9.67 -1.37
C3 GOL K . 4.69 6.86 -1.01
C3 GOL K . 6.42 8.92 -1.06
O3 GOL K . 3.41 7.41 -0.88
O3 GOL K . 7.10 7.67 -0.87
H11 GOL K . 5.83 8.10 -2.74
H11 GOL K . 4.88 7.53 0.23
H12 GOL K . 5.66 9.49 -2.10
H12 GOL K . 3.57 7.40 -0.59
HO1 GOL K . 7.75 9.19 -2.72
H2 GOL K . 6.48 7.53 -0.21
H2 GOL K . 4.97 8.40 -2.51
HO2 GOL K . 3.49 9.62 -1.98
H31 GOL K . 4.84 6.10 -0.44
H31 GOL K . 6.36 9.46 -0.25
H32 GOL K . 4.88 6.55 -1.91
H32 GOL K . 6.84 9.49 -1.72
HO3 GOL K . 3.50 8.25 -0.86
FE1 SF4 L . -6.10 1.56 -21.42
FE2 SF4 L . -3.48 1.30 -21.78
FE3 SF4 L . -5.02 -0.89 -21.89
FE4 SF4 L . -4.58 0.18 -19.55
S1 SF4 L . -2.96 -0.74 -20.94
S2 SF4 L . -6.69 -0.33 -20.41
S3 SF4 L . -4.47 2.41 -20.03
S4 SF4 L . -5.09 0.88 -23.37
S1 BJ8 M . -18.17 1.95 -18.74
S2 BJ8 M . -20.68 3.21 -21.14
S3 BJ8 M . -19.20 5.47 -18.65
S4 BJ8 M . -21.60 2.91 -17.69
S5 BJ8 M . -21.32 9.06 -18.25
S6 BJ8 M . -23.66 8.98 -21.16
S7 BJ8 M . -20.21 8.10 -21.57
S8 BJ8 M . -21.12 11.49 -20.89
S9 BJ8 M . -22.94 5.89 -19.64
FE1 BJ8 M . -21.19 4.48 -19.28
FE2 BJ8 M . -19.35 3.50 -17.53
FE3 BJ8 M . -20.38 1.85 -19.34
FE4 BJ8 M . -18.70 3.73 -20.04
FE5 BJ8 M . -21.74 9.67 -22.16
FE6 BJ8 M . -20.01 9.72 -19.96
FE7 BJ8 M . -22.63 10.34 -19.64
FE8 BJ8 M . -21.95 7.84 -20.09
C TRS N . -17.11 9.74 -39.68
C TRS N . -17.20 9.68 -39.69
C1 TRS N . -16.67 10.97 -40.48
C1 TRS N . -18.68 9.72 -39.33
C2 TRS N . -18.61 9.88 -39.41
C2 TRS N . -16.82 10.97 -40.42
C3 TRS N . -16.85 8.44 -40.48
C3 TRS N . -16.34 9.54 -38.44
N TRS N . -16.40 9.71 -38.41
N TRS N . -17.00 8.51 -40.53
O1 TRS N . -15.29 10.96 -40.68
O1 TRS N . -19.07 8.45 -38.88
O2 TRS N . -19.12 8.69 -38.91
O2 TRS N . -15.45 10.96 -40.69
O3 TRS N . -17.16 8.59 -41.85
O3 TRS N . -16.37 10.74 -37.71
H11 TRS N . -16.92 11.76 -39.98
H11 TRS N . -19.20 9.96 -40.12
H12 TRS N . -17.11 10.96 -41.33
H12 TRS N . -18.82 10.37 -38.63
H21 TRS N . -18.74 10.59 -38.75
H21 TRS N . -17.31 11.02 -41.26
H22 TRS N . -19.06 10.11 -40.24
H22 TRS N . -17.03 11.73 -39.87
H31 TRS N . -17.39 7.74 -40.10
H31 TRS N . -15.42 9.33 -38.69
H32 TRS N . -15.91 8.21 -40.39
H32 TRS N . -16.69 8.82 -37.88
HN1 TRS N . -16.54 10.48 -37.97
HN1 TRS N . -16.82 8.78 -41.37
HN2 TRS N . -16.70 9.03 -37.91
HN2 TRS N . -16.32 8.03 -40.22
HO1 TRS N . -15.04 11.72 -40.96
HO1 TRS N . -19.35 8.00 -39.54
HO2 TRS N . -19.61 8.33 -39.50
HO2 TRS N . -15.18 10.16 -40.71
HO3 TRS N . -16.99 7.87 -42.25
HO3 TRS N . -17.10 10.81 -37.31
#